data_8H69
#
_entry.id   8H69
#
loop_
_entity.id
_entity.type
_entity.pdbx_description
1 polymer "RNA (5'-R(*UP*AP*AP*AP*CP*UP*CP*CP*UP*GP*CP*UP*UP*UP*UP*GP*CP*U)-3')"
2 polymer "RNA (5'-R(P*AP*GP*UP*AP*GP*AP*AP*AP*CP*AP*AP*GP*GP*AP*GP*UP*UP*UP*U)-3')"
3 polymer 'Polymerase acidic protein'
4 polymer 'RNA-directed RNA polymerase catalytic subunit'
5 polymer 'Polymerase basic protein 2'
#
loop_
_entity_poly.entity_id
_entity_poly.type
_entity_poly.pdbx_seq_one_letter_code
_entity_poly.pdbx_strand_id
1 'polyribonucleotide' UAAACUCCUGCUUUUGCU 3
2 'polyribonucleotide' AGUAGAAACAAGGAGUUUU 5
3 'polypeptide(L)'
;MEDFVRQCFNPMIVELAEKAMKEYGEDPKIETNKFAAICTHLEVCFMYSDFHFIDERGESTIIESGDPNALLKHRFEIIE
GRDRTMAWTVVNSICNTTGVEKPKFLPDLYDYKENRFIEIGVTRREVHTYYLEKANKIKSEKTHIHIFSFTGEEMATKAD
YTLDEESRARIKTRLFTIRQEMASRGLWDSFRQSERGEETIEERFEITGTMCRLADQSLPPNFSSLEKFRAYVDGFEPNG
CIEGKLSQMSKEVNARIEPFLKTTPRPLRLPDGPPCSQRSKFLLMDALKLSIEDPSHEGEGIPLYDAIKCMKTFFGWKEP
NIVKPHEKGINPNYLLAWKQVLAELQDIENEEKIPKTKNMRKTSQLKWALGENMAPEKVDFEDCKDVSDLRQYDSDEPKP
RSLASWIQSEFNKACELTDSSWIELDEIGEDVAPIEHIASMRRNYFTAEVSHCRATEYIMKGVYINTALLNASCAAMDDF
QLIPMISKCRTKEGRRKTNLYGFIIKGRSHLRNDTDVVNFVSMEFSLTDPRLEPHKWEKYCVLEIGDMLLRTAIGQVSRP
MFLYVRTNGTSKIKMKWGMEMRRCLLQSLQQIESMIEAESSVKEKDMTKEFFENKSETWPIGESPKGMEEGSIGKVCRTL
LAKSVFNSLYASPQLEGFSAESRKLLLIVQALRDNLEPGTFDLGGLYEAIEECLINDPWVLLNASWFNSFLTHALK
;
A
4 'polypeptide(L)'
;MDVNPTLLFLKVPAQNAISTTFPYTGDPPYSHGTGTGYTMDTVNRTHQYSEKGKWTTNTETGAPQLNPIDGPLPEDNEPS
GYAQTDCVLEAMAFLEKSHPGIFENSCLETMEIVQQTRVDKLTQGRQTYDWTLNRNQPAATALANTIEVFRSNGLTANES
GRLIDFLKDVMESMDKGEMEIITHFQRKRRVRDNMTKKMVTQRTIGKKKQRLNKRSYLIRALTLNTMTKDAERGKLKRRA
IATPGMQIRGFVYFVETLARSICEKLEQSGLPVGGNEKKAKLANVVRKMMTNSQDTELSFTITGDNTKWNENQNPRMFLA
MITYITRNQPEWFRNVLSIAPIMFSNKMARLGKGYMFESKSMKLRTQIPAEMLASIDLKYFNESTRKKIEKIRPLLIDGT
ASLSPGMMMGMFNMLSTVLGVSILNLGQKRYTKTTYWWDGLQSSDDFALIVNAPNHEGIQAGVDRFYRTCKLVGINMSKK
KSYINRTGTFEFTSFFYRYGFVANFSMELPSFGVSGINESADMSIGVTVIKNNMINNDLGPATAQMALQLFIKDYRYTYR
CHRGDTQIQTRRSFELKKLWEQTRSKAGLLVSDGGPNLYNIRNLHIPEVCLKWELMDEDYQGRLCNPLNPFVSHKEIESV
NNAVVMPAHGPAKSMEYDAVATTHSWIPKRNRSILNTSQRGILEDEQMYQKCCNLFEKFFPSSSYRRPVGISSMVEAMVS
RARIDARIDFESGRIKKEEFAEIMKICSTIEELRRQK
;
B
5 'polypeptide(L)'
;MERIKELRDLMSQSRTREILTKTTVDHMAIIKKYTSGRQEKNPALRMKWMMAMKYPITADKRIMEMIPERNEQGQTLWSK
TNDAGSDRVMVSPLAVTWWNRNGPTTSTVHYPKVYKTYFEKVERLKHGTFGPVHFRNQVKIRRRVDINPGHADLSAKEAQ
DVIMEVVFPNEVGARILTSESQLTITKEKKEELQDCKIAPLMVAYMLERELVRKTRFLPVAGGTSSVYIEVLHLTQGTCW
EQMYTPGGEVRNDDVDQSLIIAARNIVRRATVSADPLASLLEMCHSTQIGGIRMVDILRQNPTEEQAVDICKAAMGLRIS
SSFSFGGFTFKRTSGSSVKKEEEVLTGNLQTLKIRVHEGYEEFTMVGRRATAILRKATRRLIQLIVSGRDEQSIAEAIIV
AMVFSQEDCMIKAVRGDLNFVNRANQRLNPMHQLLRHFQKDAKVLFQNWGIEPIDNVMGMIGILPDMTPSAEMSLRGVRV
SKMGVDEYSSTERVVVSIDRFLRVRDQQGNVLLSPEEVSETQGTEKLTITYSSSMMWEINGPESVLVNTYQWIIRNWETV
KIQWSQDPTMLYNKMEFESFQSLVPKAARGQYSGFVRTLFQQMRDVLGTFDTVQIIKLLPFAAAPPEQSRMQFSSLTVNV
RGSGMRILVRGNSPVFNYNKATKRLTVLGKDAGALTEDPDEGTAGVESAVLRGFLILGREDKRYGPALSINELSNLAKGE
KANVLIGQGDVVLVMKRKRDSSILTDSQTATKRIRMAIN
;
C
#
loop_
_chem_comp.id
_chem_comp.type
_chem_comp.name
_chem_comp.formula
A RNA linking ADENOSINE-5'-MONOPHOSPHATE 'C10 H14 N5 O7 P'
C RNA linking CYTIDINE-5'-MONOPHOSPHATE 'C9 H14 N3 O8 P'
G RNA linking GUANOSINE-5'-MONOPHOSPHATE 'C10 H14 N5 O8 P'
U RNA linking URIDINE-5'-MONOPHOSPHATE 'C9 H13 N2 O9 P'
#
# COMPACT_ATOMS: atom_id res chain seq x y z
N MET C 1 48.28 -17.76 20.95
CA MET C 1 47.05 -18.55 21.10
C MET C 1 45.95 -17.79 21.80
N GLU C 2 44.72 -18.25 21.58
CA GLU C 2 43.59 -17.72 22.36
C GLU C 2 43.62 -18.24 23.79
N ASP C 3 44.27 -19.39 24.03
CA ASP C 3 44.53 -19.82 25.40
C ASP C 3 45.52 -18.87 26.06
N PHE C 4 46.54 -18.43 25.32
CA PHE C 4 47.45 -17.40 25.80
C PHE C 4 46.72 -16.09 26.07
N VAL C 5 45.66 -15.81 25.31
CA VAL C 5 44.78 -14.69 25.64
C VAL C 5 44.06 -14.97 26.95
N ARG C 6 43.61 -16.21 27.14
CA ARG C 6 42.87 -16.56 28.35
C ARG C 6 43.77 -16.74 29.58
N GLN C 7 45.03 -17.13 29.39
CA GLN C 7 45.88 -17.47 30.53
C GLN C 7 46.70 -16.28 31.02
N CYS C 8 47.57 -15.73 30.16
CA CYS C 8 48.54 -14.74 30.61
C CYS C 8 47.98 -13.33 30.71
N PHE C 9 46.66 -13.16 30.54
CA PHE C 9 45.99 -11.88 30.65
C PHE C 9 45.00 -11.96 31.82
N ASN C 10 44.18 -10.94 31.92
CA ASN C 10 43.05 -10.94 32.82
C ASN C 10 41.73 -11.04 32.04
N PRO C 11 40.71 -11.67 32.62
CA PRO C 11 39.45 -11.86 31.86
C PRO C 11 38.66 -10.57 31.63
N MET C 12 39.01 -9.48 32.32
CA MET C 12 38.31 -8.22 32.08
C MET C 12 38.67 -7.62 30.73
N ILE C 13 39.85 -7.93 30.19
CA ILE C 13 40.17 -7.47 28.85
C ILE C 13 39.71 -8.50 27.82
N VAL C 14 39.66 -9.77 28.22
CA VAL C 14 39.23 -10.84 27.32
C VAL C 14 37.74 -10.74 27.03
N GLU C 15 36.92 -10.68 28.09
CA GLU C 15 35.47 -10.66 27.91
C GLU C 15 34.99 -9.36 27.28
N LEU C 16 35.67 -8.25 27.58
CA LEU C 16 35.34 -7.01 26.90
C LEU C 16 35.81 -7.02 25.45
N ALA C 17 36.75 -7.91 25.11
CA ALA C 17 37.04 -8.19 23.71
C ALA C 17 36.27 -9.38 23.18
N GLU C 18 35.60 -10.13 24.05
CA GLU C 18 34.64 -11.12 23.55
C GLU C 18 33.43 -10.44 22.96
N LYS C 19 32.87 -9.45 23.68
CA LYS C 19 31.76 -8.66 23.16
C LYS C 19 32.21 -7.83 21.97
N ALA C 20 33.43 -7.30 22.03
CA ALA C 20 33.93 -6.47 20.94
C ALA C 20 34.25 -7.28 19.71
N MET C 21 34.53 -8.57 19.82
CA MET C 21 34.70 -9.37 18.62
C MET C 21 33.38 -9.81 18.04
N LYS C 22 32.35 -9.97 18.88
CA LYS C 22 31.02 -10.38 18.42
C LYS C 22 30.28 -9.20 17.79
N GLU C 23 30.85 -8.72 16.69
CA GLU C 23 30.34 -7.55 15.98
C GLU C 23 30.24 -7.75 14.48
N TYR C 24 31.05 -8.65 13.91
CA TYR C 24 31.19 -8.81 12.47
C TYR C 24 30.92 -10.22 12.01
N GLY C 25 30.83 -11.18 12.92
CA GLY C 25 30.47 -12.54 12.57
C GLY C 25 31.51 -13.61 12.82
N GLU C 26 32.65 -13.25 13.38
CA GLU C 26 33.69 -14.23 13.69
C GLU C 26 33.61 -14.67 15.15
N ASP C 27 32.44 -15.19 15.52
CA ASP C 27 32.08 -15.45 16.91
C ASP C 27 32.75 -16.67 17.56
N PRO C 28 32.97 -17.81 16.87
CA PRO C 28 33.79 -18.87 17.52
C PRO C 28 35.29 -18.63 17.48
N LYS C 29 35.74 -17.40 17.19
CA LYS C 29 37.15 -16.98 17.24
C LYS C 29 37.98 -17.77 16.23
N ILE C 30 37.45 -17.88 15.01
CA ILE C 30 38.13 -18.61 13.95
C ILE C 30 39.20 -17.74 13.30
N GLU C 31 39.16 -16.42 13.54
CA GLU C 31 40.28 -15.55 13.23
C GLU C 31 41.50 -15.93 14.06
N THR C 32 41.37 -15.84 15.40
CA THR C 32 42.36 -16.15 16.44
C THR C 32 43.58 -15.21 16.35
N ASN C 33 43.54 -14.24 15.44
CA ASN C 33 44.61 -13.27 15.24
C ASN C 33 44.12 -11.84 15.34
N LYS C 34 42.94 -11.54 14.80
CA LYS C 34 42.27 -10.30 15.16
C LYS C 34 41.64 -10.42 16.54
N PHE C 35 41.38 -11.66 16.98
CA PHE C 35 41.15 -11.91 18.39
C PHE C 35 42.43 -11.65 19.19
N ALA C 36 43.59 -11.81 18.56
CA ALA C 36 44.85 -11.53 19.24
C ALA C 36 45.39 -10.14 18.94
N ALA C 37 44.92 -9.49 17.87
CA ALA C 37 45.37 -8.13 17.59
C ALA C 37 44.76 -7.14 18.56
N ILE C 38 43.50 -7.37 18.93
CA ILE C 38 42.76 -6.37 19.68
C ILE C 38 42.99 -6.54 21.18
N CYS C 39 43.13 -7.79 21.64
CA CYS C 39 43.40 -8.03 23.07
C CYS C 39 44.76 -7.50 23.47
N THR C 40 45.73 -7.57 22.57
CA THR C 40 46.99 -6.86 22.77
C THR C 40 46.75 -5.36 22.76
N HIS C 41 45.90 -4.89 21.83
CA HIS C 41 45.63 -3.47 21.70
C HIS C 41 44.83 -2.93 22.88
N LEU C 42 43.88 -3.71 23.39
CA LEU C 42 43.05 -3.22 24.48
C LEU C 42 43.81 -3.21 25.80
N GLU C 43 44.84 -4.05 25.93
CA GLU C 43 45.66 -4.01 27.14
C GLU C 43 46.54 -2.76 27.16
N VAL C 44 46.87 -2.23 25.98
CA VAL C 44 47.50 -0.92 25.90
C VAL C 44 46.55 0.17 26.39
N CYS C 45 45.25 0.00 26.09
CA CYS C 45 44.25 1.02 26.42
C CYS C 45 44.06 1.16 27.92
N PHE C 46 44.23 0.07 28.67
CA PHE C 46 44.12 0.16 30.12
C PHE C 46 45.44 0.61 30.75
N MET C 47 46.56 0.18 30.19
CA MET C 47 47.85 0.61 30.72
C MET C 47 48.18 2.05 30.37
N TYR C 48 47.53 2.62 29.34
CA TYR C 48 47.65 4.05 29.11
C TYR C 48 46.68 4.84 29.97
N SER C 49 45.71 4.18 30.59
CA SER C 49 44.64 4.89 31.29
C SER C 49 44.78 4.89 32.81
N ASP C 50 44.92 3.72 33.44
CA ASP C 50 44.68 3.58 34.87
C ASP C 50 45.79 4.18 35.71
N PHE C 51 45.51 4.25 37.02
CA PHE C 51 46.39 4.82 38.05
C PHE C 51 46.74 6.29 37.76
N HIS C 52 45.76 7.03 37.24
CA HIS C 52 45.88 8.48 37.02
C HIS C 52 44.51 9.09 37.25
N PHE C 53 44.45 10.08 38.13
CA PHE C 53 43.21 10.74 38.51
C PHE C 53 43.25 12.20 38.06
N ILE C 54 42.21 12.95 38.42
CA ILE C 54 42.17 14.39 38.21
C ILE C 54 41.95 15.05 39.56
N ASP C 55 42.88 15.91 39.96
CA ASP C 55 42.86 16.55 41.26
C ASP C 55 41.92 17.75 41.26
N GLU C 56 41.97 18.51 42.35
CA GLU C 56 41.20 19.75 42.45
C GLU C 56 41.99 20.95 41.94
N ARG C 57 43.31 20.93 42.08
CA ARG C 57 44.14 22.03 41.61
C ARG C 57 44.47 21.91 40.12
N GLY C 58 44.48 20.71 39.58
CA GLY C 58 44.74 20.51 38.15
C GLY C 58 46.11 19.99 37.80
N GLU C 59 46.84 19.42 38.75
CA GLU C 59 48.18 18.91 38.49
C GLU C 59 48.12 17.44 38.09
N SER C 60 49.15 17.01 37.36
CA SER C 60 49.25 15.63 36.89
C SER C 60 50.14 14.83 37.84
N THR C 61 49.57 13.82 38.48
CA THR C 61 50.30 12.99 39.42
C THR C 61 49.65 11.62 39.47
N ILE C 62 50.27 10.72 40.25
CA ILE C 62 49.77 9.36 40.42
C ILE C 62 49.40 9.16 41.89
N ILE C 63 48.40 8.31 42.13
CA ILE C 63 47.92 8.00 43.47
C ILE C 63 47.90 6.49 43.64
N GLU C 64 48.53 6.00 44.71
CA GLU C 64 48.71 4.57 44.95
C GLU C 64 47.57 3.95 45.73
N SER C 65 46.37 4.54 45.69
CA SER C 65 45.22 3.98 46.40
C SER C 65 44.44 2.99 45.52
N GLY C 66 43.91 3.46 44.39
CA GLY C 66 43.23 2.59 43.45
C GLY C 66 41.90 2.02 43.92
N ASP C 67 41.31 2.59 44.97
CA ASP C 67 40.02 2.12 45.48
C ASP C 67 39.00 3.24 45.40
N PRO C 68 38.32 3.42 44.26
CA PRO C 68 37.33 4.50 44.14
C PRO C 68 36.09 4.30 44.98
N ASN C 69 35.45 3.12 44.84
CA ASN C 69 34.05 2.88 45.22
C ASN C 69 33.14 3.93 44.55
N ALA C 70 33.47 4.25 43.29
CA ALA C 70 32.89 5.32 42.49
C ALA C 70 32.83 6.64 43.27
N LEU C 71 34.00 7.04 43.78
CA LEU C 71 34.18 8.34 44.40
C LEU C 71 35.31 9.13 43.79
N LEU C 72 36.29 8.48 43.18
CA LEU C 72 37.37 9.14 42.46
C LEU C 72 37.21 8.90 40.97
N LYS C 73 37.83 9.78 40.18
CA LYS C 73 37.64 9.80 38.74
C LYS C 73 38.98 9.74 38.03
N HIS C 74 38.97 9.14 36.84
CA HIS C 74 40.18 8.95 36.05
C HIS C 74 40.41 10.17 35.15
N ARG C 75 41.57 10.17 34.47
CA ARG C 75 41.97 11.27 33.61
C ARG C 75 41.84 10.97 32.13
N PHE C 76 42.24 9.78 31.69
CA PHE C 76 42.00 9.33 30.32
C PHE C 76 40.68 8.56 30.28
N GLU C 77 39.85 8.85 29.28
CA GLU C 77 38.54 8.25 29.20
C GLU C 77 38.55 7.05 28.25
N ILE C 78 37.97 5.94 28.72
CA ILE C 78 37.92 4.70 27.96
C ILE C 78 36.83 4.85 26.91
N ILE C 79 37.22 4.93 25.64
CA ILE C 79 36.27 4.97 24.53
C ILE C 79 36.34 3.71 23.68
N GLU C 80 37.55 3.31 23.28
CA GLU C 80 37.73 1.99 22.70
C GLU C 80 37.48 0.94 23.77
N GLY C 81 36.70 -0.07 23.43
CA GLY C 81 36.14 -0.98 24.39
C GLY C 81 34.67 -0.75 24.65
N ARG C 82 34.12 0.34 24.12
CA ARG C 82 32.69 0.57 24.11
C ARG C 82 32.13 0.17 22.75
N ASP C 83 30.81 0.23 22.64
CA ASP C 83 30.20 -0.18 21.38
C ASP C 83 30.19 1.00 20.41
N ARG C 84 29.70 0.72 19.19
CA ARG C 84 29.61 1.75 18.16
C ARG C 84 28.62 2.84 18.55
N THR C 85 27.60 2.49 19.33
CA THR C 85 26.77 3.53 19.93
C THR C 85 27.53 4.31 20.97
N MET C 86 28.17 3.60 21.91
CA MET C 86 28.71 4.27 23.07
C MET C 86 30.01 4.99 22.74
N ALA C 87 30.67 4.62 21.64
CA ALA C 87 31.81 5.39 21.18
C ALA C 87 31.38 6.75 20.65
N TRP C 88 30.50 6.75 19.65
CA TRP C 88 30.04 8.00 19.06
C TRP C 88 29.20 8.85 20.00
N THR C 89 28.61 8.23 21.03
CA THR C 89 27.98 9.00 22.08
C THR C 89 28.99 9.83 22.86
N VAL C 90 30.10 9.21 23.26
CA VAL C 90 31.14 9.93 24.00
C VAL C 90 31.90 10.88 23.09
N VAL C 91 32.08 10.53 21.81
CA VAL C 91 32.75 11.40 20.86
C VAL C 91 31.94 12.69 20.66
N ASN C 92 30.64 12.56 20.49
CA ASN C 92 29.80 13.73 20.31
C ASN C 92 29.57 14.50 21.59
N SER C 93 29.71 13.84 22.75
CA SER C 93 29.53 14.54 24.02
C SER C 93 30.70 15.45 24.33
N ILE C 94 31.86 15.19 23.71
CA ILE C 94 32.98 16.11 23.84
C ILE C 94 32.77 17.34 22.96
N CYS C 95 32.33 17.13 21.72
CA CYS C 95 32.26 18.19 20.72
C CYS C 95 31.13 19.17 20.97
N ASN C 96 30.19 18.84 21.85
CA ASN C 96 29.04 19.68 22.13
C ASN C 96 29.25 20.55 23.37
N THR C 97 30.05 20.07 24.32
CA THR C 97 30.43 20.84 25.49
C THR C 97 31.77 21.54 25.33
N THR C 98 32.44 21.36 24.20
CA THR C 98 33.69 22.08 23.90
C THR C 98 33.57 22.78 22.56
N GLY C 99 34.67 23.30 22.05
CA GLY C 99 34.69 23.90 20.73
C GLY C 99 35.42 23.04 19.72
N VAL C 100 35.48 21.75 20.00
CA VAL C 100 36.28 20.81 19.22
C VAL C 100 35.47 20.34 18.01
N GLU C 101 36.14 20.22 16.86
CA GLU C 101 35.57 19.62 15.67
C GLU C 101 35.22 18.16 15.92
N LYS C 102 34.32 17.64 15.09
CA LYS C 102 33.95 16.23 15.20
C LYS C 102 34.89 15.37 14.37
N PRO C 103 35.43 14.28 14.92
CA PRO C 103 36.27 13.39 14.13
C PRO C 103 35.45 12.39 13.33
N LYS C 104 35.95 12.06 12.15
CA LYS C 104 35.24 11.18 11.23
C LYS C 104 35.52 9.71 11.54
N PHE C 105 36.76 9.38 11.88
CA PHE C 105 37.11 8.02 12.26
C PHE C 105 37.35 7.98 13.76
N LEU C 106 36.97 6.88 14.38
CA LEU C 106 36.90 6.83 15.84
C LEU C 106 38.29 6.75 16.46
N PRO C 107 38.59 7.60 17.43
CA PRO C 107 39.82 7.44 18.23
C PRO C 107 39.65 6.31 19.24
N ASP C 108 40.66 6.16 20.07
CA ASP C 108 40.66 5.07 21.05
C ASP C 108 40.38 5.53 22.47
N LEU C 109 41.03 6.60 22.92
CA LEU C 109 40.80 7.13 24.26
C LEU C 109 40.61 8.63 24.13
N TYR C 110 40.55 9.33 25.27
CA TYR C 110 40.45 10.78 25.26
C TYR C 110 41.01 11.34 26.55
N ASP C 111 41.88 12.34 26.44
CA ASP C 111 42.36 13.05 27.61
C ASP C 111 41.58 14.35 27.77
N TYR C 112 41.31 14.71 29.01
CA TYR C 112 40.52 15.89 29.33
C TYR C 112 41.37 17.15 29.39
N LYS C 113 42.65 17.02 29.71
CA LYS C 113 43.52 18.18 29.85
C LYS C 113 43.89 18.74 28.49
N GLU C 114 44.50 17.91 27.64
CA GLU C 114 44.98 18.38 26.35
C GLU C 114 43.87 18.58 25.33
N ASN C 115 42.72 17.93 25.53
CA ASN C 115 41.55 17.97 24.64
C ASN C 115 41.90 17.53 23.22
N ARG C 116 42.82 16.59 23.12
CA ARG C 116 43.22 15.99 21.87
C ARG C 116 42.81 14.52 21.90
N PHE C 117 42.30 14.03 20.79
CA PHE C 117 41.85 12.65 20.77
C PHE C 117 43.04 11.70 20.68
N ILE C 118 42.79 10.45 21.06
CA ILE C 118 43.85 9.48 21.28
C ILE C 118 43.66 8.33 20.31
N GLU C 119 44.64 8.14 19.43
CA GLU C 119 44.68 6.98 18.55
C GLU C 119 45.91 6.15 18.90
N ILE C 120 45.71 4.86 19.10
CA ILE C 120 46.74 3.94 19.56
C ILE C 120 47.12 3.02 18.41
N GLY C 121 48.41 2.99 18.08
CA GLY C 121 48.90 2.05 17.09
C GLY C 121 49.92 1.10 17.69
N VAL C 122 49.63 -0.19 17.67
CA VAL C 122 50.52 -1.21 18.20
C VAL C 122 51.13 -1.95 17.02
N THR C 123 52.45 -2.05 17.01
CA THR C 123 53.15 -2.63 15.87
C THR C 123 54.16 -3.70 16.28
N ARG C 124 54.31 -4.66 15.38
CA ARG C 124 55.48 -5.52 15.31
C ARG C 124 56.32 -5.19 14.10
N ARG C 125 55.77 -4.46 13.14
CA ARG C 125 56.45 -3.91 11.98
C ARG C 125 57.16 -2.62 12.40
N GLU C 126 58.04 -2.12 11.53
CA GLU C 126 58.76 -0.87 11.75
C GLU C 126 57.78 0.30 11.84
N VAL C 127 58.07 1.24 12.75
CA VAL C 127 57.09 2.27 13.11
C VAL C 127 56.85 3.31 12.02
N HIS C 128 57.78 3.50 11.08
CA HIS C 128 57.49 4.43 10.00
C HIS C 128 56.66 3.82 8.89
N THR C 129 56.28 2.55 9.02
CA THR C 129 55.11 2.07 8.30
C THR C 129 53.85 2.74 8.84
N TYR C 130 53.60 2.59 10.15
CA TYR C 130 52.33 3.00 10.73
C TYR C 130 52.20 4.50 10.95
N TYR C 131 53.30 5.26 10.92
CA TYR C 131 53.17 6.70 11.14
C TYR C 131 52.48 7.39 9.97
N LEU C 132 52.64 6.85 8.76
CA LEU C 132 51.97 7.38 7.59
C LEU C 132 50.85 6.50 7.09
N GLU C 133 50.76 5.26 7.59
CA GLU C 133 49.60 4.43 7.30
C GLU C 133 48.38 4.92 8.05
N LYS C 134 48.55 5.28 9.32
CA LYS C 134 47.43 5.71 10.15
C LYS C 134 47.15 7.21 10.02
N ALA C 135 48.06 7.96 9.38
CA ALA C 135 47.90 9.41 9.33
C ALA C 135 46.93 9.85 8.24
N ASN C 136 46.79 9.08 7.18
CA ASN C 136 45.88 9.46 6.10
C ASN C 136 44.43 9.29 6.54
N LYS C 137 43.56 10.13 5.98
CA LYS C 137 42.11 10.21 6.18
C LYS C 137 41.76 10.65 7.59
N ILE C 138 42.69 11.27 8.32
CA ILE C 138 42.46 11.71 9.69
C ILE C 138 42.62 13.22 9.83
N LYS C 139 43.40 13.86 8.96
CA LYS C 139 43.95 15.18 9.20
C LYS C 139 42.88 16.27 9.10
N SER C 140 43.34 17.51 9.29
CA SER C 140 42.58 18.70 9.69
C SER C 140 41.85 18.49 11.01
N GLU C 141 42.40 17.67 11.90
CA GLU C 141 41.81 17.38 13.20
C GLU C 141 42.93 17.36 14.24
N LYS C 142 42.56 17.46 15.51
CA LYS C 142 43.52 17.50 16.61
C LYS C 142 43.74 16.13 17.23
N THR C 143 43.67 15.06 16.44
CA THR C 143 43.85 13.72 16.97
C THR C 143 45.34 13.42 17.12
N HIS C 144 45.76 13.12 18.34
CA HIS C 144 47.15 12.79 18.62
C HIS C 144 47.46 11.40 18.09
N ILE C 145 48.51 11.30 17.28
CA ILE C 145 49.03 10.03 16.80
C ILE C 145 50.18 9.62 17.71
N HIS C 146 50.15 8.37 18.17
CA HIS C 146 51.17 7.88 19.08
C HIS C 146 51.25 6.37 18.95
N ILE C 147 52.34 5.88 18.38
CA ILE C 147 52.49 4.48 18.02
C ILE C 147 53.24 3.77 19.13
N PHE C 148 52.68 2.64 19.60
CA PHE C 148 53.39 1.74 20.49
C PHE C 148 53.95 0.58 19.67
N SER C 149 54.80 -0.23 20.30
CA SER C 149 55.49 -1.30 19.56
C SER C 149 55.78 -2.47 20.48
N PHE C 150 55.85 -3.66 19.86
CA PHE C 150 56.34 -4.85 20.55
C PHE C 150 57.80 -4.71 20.94
N THR C 151 58.60 -4.05 20.10
CA THR C 151 60.05 -4.10 20.22
C THR C 151 60.53 -3.27 21.40
N GLY C 152 60.10 -2.03 21.48
CA GLY C 152 60.60 -1.11 22.48
C GLY C 152 60.74 0.30 21.94
N GLU C 153 60.51 0.44 20.63
CA GLU C 153 60.47 1.75 20.00
C GLU C 153 59.08 2.38 20.18
N GLU C 154 58.97 3.64 19.81
CA GLU C 154 57.78 4.44 20.06
C GLU C 154 57.87 5.69 19.19
N MET C 155 56.73 6.19 18.73
CA MET C 155 56.70 7.44 17.96
C MET C 155 55.41 8.18 18.27
N ALA C 156 55.51 9.47 18.52
CA ALA C 156 54.37 10.32 18.86
C ALA C 156 54.16 11.38 17.78
N THR C 157 53.21 12.27 18.05
CA THR C 157 52.98 13.42 17.18
C THR C 157 53.98 14.51 17.53
N LYS C 158 54.78 14.91 16.53
CA LYS C 158 55.79 15.98 16.62
C LYS C 158 56.85 15.72 17.69
N ALA C 159 57.09 14.43 18.00
CA ALA C 159 58.06 13.95 18.99
C ALA C 159 57.84 14.58 20.36
N ASP C 160 56.58 14.69 20.76
CA ASP C 160 56.20 15.18 22.10
C ASP C 160 55.40 14.07 22.77
N TYR C 161 55.99 13.46 23.80
CA TYR C 161 55.35 12.36 24.51
C TYR C 161 54.45 12.93 25.60
N THR C 162 53.16 12.62 25.51
CA THR C 162 52.25 12.98 26.59
C THR C 162 52.41 12.07 27.79
N LEU C 163 52.59 10.77 27.52
CA LEU C 163 52.73 9.79 28.59
C LEU C 163 54.09 9.94 29.27
N ASP C 164 54.09 9.80 30.59
CA ASP C 164 55.31 10.03 31.36
C ASP C 164 56.28 8.85 31.22
N GLU C 165 57.47 9.04 31.78
CA GLU C 165 58.59 8.13 31.54
C GLU C 165 58.36 6.76 32.16
N GLU C 166 57.78 6.73 33.37
CA GLU C 166 57.59 5.46 34.07
C GLU C 166 56.53 4.60 33.39
N SER C 167 55.49 5.22 32.82
CA SER C 167 54.45 4.46 32.16
C SER C 167 54.78 4.20 30.70
N ARG C 168 55.61 5.04 30.08
CA ARG C 168 56.14 4.69 28.76
C ARG C 168 57.07 3.49 28.86
N ALA C 169 57.92 3.45 29.89
CA ALA C 169 58.81 2.31 30.08
C ALA C 169 58.05 1.08 30.55
N ARG C 170 56.88 1.26 31.18
CA ARG C 170 56.11 0.12 31.67
C ARG C 170 55.35 -0.56 30.53
N ILE C 171 54.77 0.22 29.62
CA ILE C 171 53.96 -0.36 28.56
C ILE C 171 54.83 -1.05 27.53
N LYS C 172 55.91 -0.38 27.11
CA LYS C 172 56.81 -0.96 26.12
C LYS C 172 57.53 -2.19 26.65
N THR C 173 57.69 -2.30 27.97
CA THR C 173 58.18 -3.54 28.56
C THR C 173 57.10 -4.62 28.51
N ARG C 174 55.84 -4.25 28.78
CA ARG C 174 54.77 -5.24 28.74
C ARG C 174 54.48 -5.67 27.32
N LEU C 175 54.58 -4.75 26.37
CA LEU C 175 54.49 -5.11 24.95
C LEU C 175 55.67 -5.98 24.55
N PHE C 176 56.84 -5.72 25.13
CA PHE C 176 57.97 -6.63 24.98
C PHE C 176 57.69 -7.95 25.69
N THR C 177 57.01 -7.90 26.84
CA THR C 177 56.56 -9.14 27.48
C THR C 177 55.46 -9.80 26.64
N ILE C 178 54.65 -9.00 25.94
CA ILE C 178 53.77 -9.56 24.92
C ILE C 178 54.61 -10.09 23.75
N ARG C 179 55.70 -9.39 23.42
CA ARG C 179 56.56 -9.85 22.32
C ARG C 179 57.34 -11.10 22.70
N GLN C 180 57.86 -11.19 23.92
CA GLN C 180 58.67 -12.34 24.30
C GLN C 180 57.83 -13.59 24.53
N GLU C 181 56.67 -13.45 25.19
CA GLU C 181 55.80 -14.59 25.39
C GLU C 181 55.17 -15.07 24.09
N MET C 182 54.99 -14.17 23.12
CA MET C 182 54.64 -14.60 21.77
C MET C 182 55.82 -15.33 21.12
N ALA C 183 57.04 -14.91 21.46
CA ALA C 183 58.24 -15.53 20.91
C ALA C 183 58.62 -16.80 21.67
N SER C 184 58.38 -16.86 22.97
CA SER C 184 58.67 -18.06 23.73
C SER C 184 57.58 -19.10 23.63
N ARG C 185 56.43 -18.76 23.04
CA ARG C 185 55.40 -19.76 22.80
C ARG C 185 55.78 -20.67 21.64
N GLY C 186 56.22 -20.07 20.53
CA GLY C 186 56.57 -20.85 19.36
C GLY C 186 55.77 -20.41 18.16
N LEU C 187 55.07 -19.28 18.31
CA LEU C 187 54.24 -18.69 17.28
C LEU C 187 54.31 -17.18 17.43
N TRP C 188 55.21 -16.53 16.70
CA TRP C 188 55.69 -15.21 17.10
C TRP C 188 55.34 -14.09 16.15
N ASP C 189 55.71 -14.13 14.86
CA ASP C 189 55.42 -12.95 14.04
C ASP C 189 54.88 -13.22 12.64
N SER C 190 55.08 -14.41 12.06
CA SER C 190 54.85 -14.61 10.64
C SER C 190 53.37 -14.65 10.30
N PHE C 191 52.60 -15.39 11.07
CA PHE C 191 51.15 -15.43 10.89
C PHE C 191 50.47 -14.14 11.34
N ARG C 192 51.18 -13.32 12.12
CA ARG C 192 50.61 -12.06 12.59
C ARG C 192 50.53 -11.01 11.49
N GLN C 193 51.34 -11.15 10.46
CA GLN C 193 51.50 -10.09 9.46
C GLN C 193 50.31 -10.00 8.52
N SER C 194 49.52 -11.07 8.40
CA SER C 194 48.50 -11.13 7.36
C SER C 194 47.22 -10.39 7.73
N GLU C 195 46.76 -10.52 8.98
CA GLU C 195 45.41 -10.07 9.31
C GLU C 195 45.33 -8.56 9.55
N ARG C 196 46.44 -7.92 9.92
CA ARG C 196 46.38 -6.49 10.22
C ARG C 196 46.16 -5.65 8.96
N GLY C 197 46.50 -6.18 7.80
CA GLY C 197 46.10 -5.55 6.56
C GLY C 197 44.81 -6.10 6.00
N GLU C 198 44.41 -7.29 6.44
CA GLU C 198 43.24 -7.99 5.91
C GLU C 198 42.20 -8.12 7.03
N GLU C 199 41.37 -7.09 7.16
CA GLU C 199 40.39 -7.00 8.24
C GLU C 199 38.96 -7.01 7.72
N THR C 200 38.78 -7.04 6.41
CA THR C 200 37.54 -6.57 5.77
C THR C 200 36.44 -7.62 5.85
N ILE C 201 35.37 -7.38 5.09
CA ILE C 201 34.24 -8.30 5.02
C ILE C 201 34.68 -9.61 4.40
N GLU C 202 34.54 -10.69 5.16
CA GLU C 202 34.85 -12.02 4.66
C GLU C 202 33.57 -12.82 4.44
N GLU C 203 32.73 -12.95 5.48
CA GLU C 203 31.41 -13.57 5.44
C GLU C 203 31.45 -14.99 4.89
N ARG C 204 32.19 -15.84 5.59
CA ARG C 204 32.19 -17.25 5.24
C ARG C 204 30.85 -17.85 5.65
N PHE C 205 29.92 -17.91 4.70
CA PHE C 205 28.55 -18.33 4.96
C PHE C 205 28.40 -19.74 4.40
N GLU C 206 28.75 -20.71 5.23
CA GLU C 206 28.85 -22.10 4.81
C GLU C 206 27.59 -22.84 5.24
N ILE C 207 27.20 -23.83 4.45
CA ILE C 207 26.06 -24.67 4.78
C ILE C 207 26.53 -25.91 5.53
N THR C 208 26.10 -26.02 6.78
CA THR C 208 26.64 -26.98 7.71
C THR C 208 26.15 -28.40 7.41
N GLY C 209 26.59 -29.35 8.24
CA GLY C 209 26.36 -30.77 8.03
C GLY C 209 25.00 -31.28 8.46
N THR C 210 24.04 -30.39 8.53
CA THR C 210 22.63 -30.77 8.57
C THR C 210 21.87 -30.20 7.40
N MET C 211 22.11 -28.94 7.08
CA MET C 211 21.36 -28.32 6.01
C MET C 211 21.93 -28.67 4.64
N CYS C 212 23.24 -28.88 4.54
CA CYS C 212 23.80 -29.25 3.25
C CYS C 212 23.40 -30.65 2.82
N ARG C 213 23.07 -31.50 3.80
CA ARG C 213 22.57 -32.83 3.45
C ARG C 213 21.14 -32.77 2.95
N LEU C 214 20.32 -31.89 3.52
CA LEU C 214 18.98 -31.68 2.98
C LEU C 214 18.97 -30.62 1.90
N ALA C 215 20.14 -30.14 1.49
CA ALA C 215 20.28 -29.38 0.27
C ALA C 215 20.49 -30.28 -0.94
N ASP C 216 20.24 -31.58 -0.80
CA ASP C 216 20.36 -32.51 -1.90
C ASP C 216 19.03 -33.07 -2.35
N GLN C 217 18.11 -33.32 -1.42
CA GLN C 217 16.75 -33.65 -1.77
C GLN C 217 15.97 -32.46 -2.28
N SER C 218 16.52 -31.26 -2.14
CA SER C 218 15.91 -30.03 -2.60
C SER C 218 16.19 -29.74 -4.07
N LEU C 219 16.59 -30.72 -4.84
CA LEU C 219 17.06 -30.52 -6.20
C LEU C 219 16.14 -31.24 -7.17
N PRO C 220 16.27 -31.02 -8.48
CA PRO C 220 15.66 -31.94 -9.44
C PRO C 220 16.23 -33.33 -9.30
N PRO C 221 15.51 -34.38 -9.71
CA PRO C 221 16.07 -35.72 -9.65
C PRO C 221 17.23 -35.87 -10.61
N ASN C 222 18.07 -36.86 -10.29
CA ASN C 222 19.41 -37.16 -10.82
C ASN C 222 20.43 -36.06 -10.57
N PHE C 223 20.13 -35.10 -9.71
CA PHE C 223 21.09 -34.10 -9.26
C PHE C 223 21.29 -34.35 -7.76
N SER C 224 22.38 -35.01 -7.41
CA SER C 224 22.61 -35.45 -6.05
C SER C 224 23.57 -34.56 -5.28
N SER C 225 23.86 -33.37 -5.79
CA SER C 225 24.74 -32.44 -5.09
C SER C 225 24.38 -31.04 -5.53
N LEU C 226 24.25 -30.13 -4.56
CA LEU C 226 23.91 -28.75 -4.89
C LEU C 226 25.05 -28.06 -5.62
N GLU C 227 26.28 -28.32 -5.20
CA GLU C 227 27.44 -27.66 -5.79
C GLU C 227 27.67 -28.12 -7.22
N LYS C 228 27.25 -29.34 -7.56
CA LYS C 228 27.17 -29.69 -8.96
C LYS C 228 26.03 -28.96 -9.64
N PHE C 229 24.88 -28.83 -8.96
CA PHE C 229 23.77 -28.12 -9.58
C PHE C 229 24.02 -26.63 -9.65
N ARG C 230 24.67 -26.06 -8.64
CA ARG C 230 25.08 -24.67 -8.72
C ARG C 230 26.07 -24.42 -9.85
N ALA C 231 26.94 -25.39 -10.12
CA ALA C 231 27.82 -25.35 -11.28
C ALA C 231 27.21 -26.06 -12.48
N TYR C 232 25.89 -26.21 -12.52
CA TYR C 232 25.21 -26.64 -13.73
C TYR C 232 24.57 -25.47 -14.44
N VAL C 233 23.94 -24.57 -13.69
CA VAL C 233 23.23 -23.46 -14.29
C VAL C 233 24.16 -22.39 -14.84
N ASP C 234 25.41 -22.35 -14.38
CA ASP C 234 26.34 -21.37 -14.92
C ASP C 234 26.77 -21.73 -16.33
N GLY C 235 26.78 -23.02 -16.64
CA GLY C 235 27.06 -23.46 -17.99
C GLY C 235 25.81 -23.67 -18.79
N PHE C 236 24.75 -22.94 -18.45
CA PHE C 236 23.52 -23.06 -19.20
C PHE C 236 23.42 -21.97 -20.25
N GLU C 237 22.87 -22.34 -21.40
CA GLU C 237 22.47 -21.41 -22.42
C GLU C 237 21.29 -22.08 -23.11
N PRO C 238 20.30 -21.31 -23.58
CA PRO C 238 19.10 -21.92 -24.16
C PRO C 238 19.39 -22.59 -25.50
N ASN C 239 19.36 -23.93 -25.48
CA ASN C 239 19.53 -24.69 -26.72
C ASN C 239 18.32 -24.55 -27.63
N GLY C 240 17.16 -24.22 -27.06
CA GLY C 240 15.92 -24.26 -27.81
C GLY C 240 15.04 -25.34 -27.26
N CYS C 241 15.17 -25.64 -25.97
CA CYS C 241 14.44 -26.73 -25.34
C CYS C 241 12.99 -26.41 -25.06
N ILE C 242 12.45 -25.28 -25.54
CA ILE C 242 11.02 -25.05 -25.41
C ILE C 242 10.26 -25.90 -26.42
N GLU C 243 10.49 -25.64 -27.72
CA GLU C 243 9.83 -26.43 -28.74
C GLU C 243 10.38 -27.84 -28.82
N GLY C 244 11.56 -28.08 -28.24
CA GLY C 244 12.01 -29.43 -28.03
C GLY C 244 11.15 -30.19 -27.05
N LYS C 245 10.56 -29.49 -26.08
CA LYS C 245 9.61 -30.15 -25.19
C LYS C 245 8.20 -30.16 -25.77
N LEU C 246 7.83 -29.13 -26.54
CA LEU C 246 6.52 -29.17 -27.19
C LEU C 246 6.47 -30.22 -28.29
N SER C 247 7.62 -30.60 -28.84
CA SER C 247 7.66 -31.78 -29.66
C SER C 247 7.42 -33.04 -28.83
N GLN C 248 7.85 -33.03 -27.57
CA GLN C 248 7.67 -34.20 -26.73
C GLN C 248 6.34 -34.22 -25.99
N MET C 249 5.70 -33.07 -25.78
CA MET C 249 4.43 -33.08 -25.07
C MET C 249 3.33 -33.66 -25.93
N SER C 250 2.19 -33.90 -25.29
CA SER C 250 1.03 -34.41 -25.99
C SER C 250 0.40 -33.32 -26.84
N LYS C 251 -0.12 -33.72 -28.00
CA LYS C 251 -0.93 -32.84 -28.81
C LYS C 251 -2.32 -32.65 -28.24
N GLU C 252 -2.68 -33.44 -27.23
CA GLU C 252 -3.98 -33.35 -26.60
C GLU C 252 -4.00 -32.28 -25.51
N VAL C 253 -2.85 -31.93 -24.95
CA VAL C 253 -2.80 -30.83 -23.99
C VAL C 253 -2.96 -29.55 -24.78
N ASN C 254 -4.17 -29.01 -24.80
CA ASN C 254 -4.43 -27.82 -25.59
C ASN C 254 -5.47 -26.97 -24.87
N ALA C 255 -5.59 -25.74 -25.33
CA ALA C 255 -6.54 -24.79 -24.81
C ALA C 255 -7.40 -24.28 -25.93
N ARG C 256 -7.98 -25.22 -26.68
CA ARG C 256 -8.73 -24.88 -27.87
C ARG C 256 -9.98 -24.09 -27.53
N ILE C 257 -10.22 -23.04 -28.30
CA ILE C 257 -11.29 -22.10 -28.03
C ILE C 257 -12.52 -22.55 -28.79
N GLU C 258 -13.59 -22.76 -28.07
CA GLU C 258 -14.83 -22.86 -28.81
C GLU C 258 -15.45 -21.47 -28.92
N PRO C 259 -16.13 -21.19 -30.01
CA PRO C 259 -16.81 -19.90 -30.14
C PRO C 259 -18.00 -19.83 -29.20
N PHE C 260 -18.33 -18.62 -28.81
CA PHE C 260 -19.36 -18.38 -27.80
C PHE C 260 -20.48 -17.65 -28.52
N LEU C 261 -21.37 -18.42 -29.13
CA LEU C 261 -22.44 -17.84 -29.93
C LEU C 261 -23.59 -17.39 -29.04
N LYS C 262 -24.60 -16.81 -29.66
CA LYS C 262 -25.78 -16.42 -28.90
C LYS C 262 -26.79 -17.55 -28.82
N THR C 263 -26.48 -18.70 -29.38
CA THR C 263 -27.21 -19.91 -29.06
C THR C 263 -26.40 -20.85 -28.17
N THR C 264 -25.20 -20.45 -27.82
CA THR C 264 -24.34 -21.21 -26.92
C THR C 264 -24.82 -21.24 -25.46
N PRO C 265 -25.13 -20.08 -24.77
CA PRO C 265 -25.33 -20.18 -23.32
C PRO C 265 -26.62 -20.86 -22.90
N ARG C 266 -26.48 -22.08 -22.40
CA ARG C 266 -27.59 -22.73 -21.74
C ARG C 266 -27.93 -21.98 -20.45
N PRO C 267 -29.20 -21.94 -20.06
CA PRO C 267 -29.55 -21.28 -18.82
C PRO C 267 -29.09 -22.08 -17.61
N LEU C 268 -28.91 -21.38 -16.50
CA LEU C 268 -28.53 -22.02 -15.24
C LEU C 268 -29.68 -22.89 -14.75
N ARG C 269 -29.35 -24.08 -14.30
CA ARG C 269 -30.34 -25.02 -13.80
C ARG C 269 -30.39 -24.88 -12.28
N LEU C 270 -31.53 -24.42 -11.78
CA LEU C 270 -31.70 -24.26 -10.35
C LEU C 270 -31.85 -25.62 -9.69
N PRO C 271 -31.49 -25.76 -8.42
CA PRO C 271 -31.67 -27.03 -7.74
C PRO C 271 -33.14 -27.31 -7.48
N ASP C 272 -33.41 -28.56 -7.10
CA ASP C 272 -34.77 -29.03 -6.93
C ASP C 272 -34.92 -29.69 -5.57
N GLY C 273 -36.02 -29.38 -4.90
CA GLY C 273 -36.29 -29.88 -3.58
C GLY C 273 -37.52 -29.18 -3.03
N PRO C 274 -37.54 -28.94 -1.72
CA PRO C 274 -38.63 -28.15 -1.13
C PRO C 274 -38.49 -26.68 -1.51
N PRO C 275 -39.53 -25.89 -1.35
CA PRO C 275 -39.38 -24.44 -1.49
C PRO C 275 -38.59 -23.86 -0.33
N CYS C 276 -38.03 -22.69 -0.56
CA CYS C 276 -37.06 -22.08 0.33
C CYS C 276 -37.74 -21.28 1.42
N SER C 277 -37.22 -21.40 2.64
CA SER C 277 -37.81 -20.79 3.81
C SER C 277 -37.29 -19.39 4.03
N GLN C 278 -38.02 -18.62 4.84
CA GLN C 278 -37.58 -17.30 5.24
C GLN C 278 -36.39 -17.42 6.17
N ARG C 279 -35.37 -16.61 5.92
CA ARG C 279 -34.13 -16.75 6.65
C ARG C 279 -33.61 -15.41 7.17
N SER C 280 -34.19 -14.29 6.74
CA SER C 280 -33.83 -12.98 7.28
C SER C 280 -34.24 -12.91 8.74
N LYS C 281 -33.40 -12.25 9.53
CA LYS C 281 -33.49 -12.33 10.97
C LYS C 281 -34.52 -11.39 11.56
N PHE C 282 -35.33 -10.80 10.70
CA PHE C 282 -36.58 -10.14 11.05
C PHE C 282 -37.45 -10.22 9.81
N LEU C 283 -38.68 -9.74 9.93
CA LEU C 283 -39.55 -9.76 8.78
C LEU C 283 -39.16 -8.67 7.80
N LEU C 284 -39.53 -8.84 6.53
CA LEU C 284 -39.24 -7.82 5.55
C LEU C 284 -40.48 -7.19 4.94
N MET C 285 -41.32 -7.94 4.23
CA MET C 285 -42.39 -7.24 3.56
C MET C 285 -43.63 -7.12 4.42
N ASP C 286 -43.61 -7.70 5.61
CA ASP C 286 -44.85 -7.89 6.35
C ASP C 286 -44.66 -7.60 7.82
N ALA C 287 -43.93 -6.54 8.16
CA ALA C 287 -43.94 -6.11 9.55
C ALA C 287 -45.13 -5.18 9.76
N LEU C 288 -45.24 -4.64 10.97
CA LEU C 288 -46.36 -3.75 11.24
C LEU C 288 -45.90 -2.60 12.10
N LYS C 289 -46.26 -1.40 11.68
CA LYS C 289 -45.74 -0.16 12.26
C LYS C 289 -46.67 0.27 13.39
N LEU C 290 -46.50 -0.33 14.56
CA LEU C 290 -47.20 0.16 15.74
C LEU C 290 -46.56 1.47 16.14
N SER C 291 -47.22 2.58 15.81
CA SER C 291 -46.57 3.88 15.78
C SER C 291 -47.19 4.81 16.81
N ILE C 292 -46.34 5.48 17.57
CA ILE C 292 -46.74 6.70 18.27
C ILE C 292 -46.11 7.86 17.51
N GLU C 293 -46.94 8.83 17.16
CA GLU C 293 -46.46 9.88 16.27
C GLU C 293 -46.11 11.12 17.08
N ASP C 294 -45.00 11.73 16.68
CA ASP C 294 -44.39 12.90 17.29
C ASP C 294 -44.13 12.75 18.80
N PRO C 295 -43.10 11.97 19.18
CA PRO C 295 -42.75 11.92 20.61
C PRO C 295 -42.00 13.15 21.08
N SER C 296 -42.70 14.03 21.80
CA SER C 296 -42.05 15.16 22.45
C SER C 296 -42.00 14.97 23.96
N HIS C 297 -43.15 14.70 24.57
CA HIS C 297 -43.22 14.23 25.94
C HIS C 297 -44.02 12.94 25.94
N GLU C 298 -43.69 12.06 26.88
CA GLU C 298 -44.12 10.68 27.14
C GLU C 298 -43.67 9.70 26.05
N GLY C 299 -43.09 10.18 24.96
CA GLY C 299 -42.26 9.34 24.13
C GLY C 299 -40.84 9.86 24.25
N GLU C 300 -40.00 9.15 24.97
CA GLU C 300 -38.70 9.66 25.38
C GLU C 300 -37.60 9.02 24.55
N GLY C 301 -36.35 9.32 24.91
CA GLY C 301 -35.24 8.77 24.15
C GLY C 301 -34.98 7.30 24.40
N ILE C 302 -35.57 6.74 25.44
CA ILE C 302 -35.30 5.35 25.83
C ILE C 302 -36.12 4.42 24.95
N PRO C 303 -35.54 3.35 24.40
CA PRO C 303 -36.31 2.46 23.53
C PRO C 303 -37.38 1.68 24.27
N LEU C 304 -37.12 1.30 25.51
CA LEU C 304 -38.04 0.44 26.23
C LEU C 304 -39.30 1.17 26.68
N TYR C 305 -39.21 2.46 26.97
CA TYR C 305 -40.41 3.24 27.24
C TYR C 305 -41.09 3.69 25.96
N ASP C 306 -40.34 3.78 24.86
CA ASP C 306 -40.96 3.95 23.56
C ASP C 306 -41.71 2.71 23.12
N ALA C 307 -41.39 1.56 23.71
CA ALA C 307 -42.15 0.36 23.42
C ALA C 307 -43.55 0.47 23.98
N ILE C 308 -43.67 0.87 25.25
CA ILE C 308 -44.89 0.72 26.02
C ILE C 308 -46.01 1.58 25.47
N LYS C 309 -45.66 2.78 24.99
CA LYS C 309 -46.67 3.70 24.48
C LYS C 309 -47.26 3.22 23.15
N CYS C 310 -46.55 2.38 22.42
CA CYS C 310 -47.06 1.93 21.12
C CYS C 310 -48.22 0.96 21.30
N MET C 311 -48.04 -0.07 22.10
CA MET C 311 -49.16 -1.00 22.25
C MET C 311 -50.19 -0.53 23.26
N LYS C 312 -49.88 0.47 24.09
CA LYS C 312 -50.95 1.18 24.77
C LYS C 312 -51.84 1.92 23.79
N THR C 313 -51.27 2.38 22.67
CA THR C 313 -52.07 2.97 21.61
C THR C 313 -52.63 1.93 20.65
N PHE C 314 -52.48 0.64 20.95
CA PHE C 314 -53.19 -0.37 20.18
C PHE C 314 -54.28 -0.97 21.06
N PHE C 315 -55.52 -0.85 20.61
CA PHE C 315 -56.67 -1.05 21.47
C PHE C 315 -57.17 -2.48 21.42
N GLY C 316 -57.15 -3.10 20.25
CA GLY C 316 -57.71 -4.43 20.14
C GLY C 316 -56.71 -5.56 20.32
N TRP C 317 -56.65 -6.08 21.54
CA TRP C 317 -55.81 -7.24 21.84
C TRP C 317 -56.71 -8.44 22.10
N LYS C 318 -56.18 -9.63 21.88
CA LYS C 318 -56.96 -10.84 22.03
C LYS C 318 -56.12 -11.84 22.80
N GLU C 319 -56.59 -13.07 22.81
CA GLU C 319 -55.92 -14.16 23.48
C GLU C 319 -55.03 -14.91 22.49
N PRO C 320 -53.85 -15.37 22.91
CA PRO C 320 -52.92 -16.01 21.98
C PRO C 320 -53.39 -17.39 21.60
N ASN C 321 -53.54 -17.62 20.30
CA ASN C 321 -53.81 -18.95 19.78
C ASN C 321 -52.95 -19.17 18.55
N ILE C 322 -52.31 -20.33 18.50
CA ILE C 322 -51.38 -20.66 17.44
C ILE C 322 -52.14 -20.83 16.14
N VAL C 323 -51.77 -20.07 15.11
CA VAL C 323 -52.38 -20.25 13.80
C VAL C 323 -51.63 -21.36 13.06
N LYS C 324 -50.34 -21.16 12.81
CA LYS C 324 -49.63 -22.30 12.30
C LYS C 324 -48.59 -22.77 13.32
N PRO C 325 -48.45 -24.06 13.52
CA PRO C 325 -47.46 -24.53 14.48
C PRO C 325 -46.08 -24.54 13.89
N HIS C 326 -45.07 -24.53 14.75
CA HIS C 326 -43.70 -24.75 14.37
C HIS C 326 -43.58 -26.24 14.11
N GLU C 327 -43.20 -26.62 12.89
CA GLU C 327 -43.37 -28.00 12.45
C GLU C 327 -42.41 -28.98 13.12
N LYS C 328 -41.36 -28.50 13.78
CA LYS C 328 -40.46 -29.40 14.48
C LYS C 328 -39.99 -28.86 15.83
N GLY C 329 -40.63 -27.84 16.36
CA GLY C 329 -40.34 -27.34 17.68
C GLY C 329 -41.56 -27.45 18.56
N ILE C 330 -41.34 -27.30 19.86
CA ILE C 330 -42.40 -27.43 20.85
C ILE C 330 -43.25 -26.16 20.75
N ASN C 331 -44.46 -26.33 20.23
CA ASN C 331 -45.34 -25.21 19.98
C ASN C 331 -45.82 -24.45 21.22
N PRO C 332 -46.19 -25.07 22.36
CA PRO C 332 -46.68 -24.22 23.46
C PRO C 332 -45.59 -23.42 24.15
N ASN C 333 -44.32 -23.72 23.92
CA ASN C 333 -43.27 -22.89 24.50
C ASN C 333 -43.23 -21.52 23.88
N TYR C 334 -43.65 -21.37 22.63
CA TYR C 334 -43.68 -20.04 22.03
C TYR C 334 -44.87 -19.24 22.51
N LEU C 335 -46.02 -19.88 22.71
CA LEU C 335 -47.18 -19.15 23.19
C LEU C 335 -47.05 -18.81 24.66
N LEU C 336 -46.27 -19.60 25.41
CA LEU C 336 -45.93 -19.20 26.76
C LEU C 336 -44.80 -18.17 26.77
N ALA C 337 -44.04 -18.05 25.68
CA ALA C 337 -43.00 -17.04 25.63
C ALA C 337 -43.59 -15.66 25.46
N TRP C 338 -44.54 -15.52 24.53
CA TRP C 338 -45.20 -14.24 24.34
C TRP C 338 -46.04 -13.85 25.54
N LYS C 339 -46.68 -14.82 26.19
CA LYS C 339 -47.41 -14.51 27.41
C LYS C 339 -46.49 -14.13 28.55
N GLN C 340 -45.23 -14.53 28.52
CA GLN C 340 -44.30 -14.02 29.52
C GLN C 340 -44.02 -12.55 29.31
N VAL C 341 -43.54 -12.17 28.12
CA VAL C 341 -43.15 -10.79 27.86
C VAL C 341 -44.34 -9.85 27.81
N LEU C 342 -45.53 -10.34 27.47
CA LEU C 342 -46.71 -9.49 27.53
C LEU C 342 -47.10 -9.21 28.96
N ALA C 343 -46.73 -10.10 29.88
CA ALA C 343 -46.80 -9.82 31.30
C ALA C 343 -45.55 -9.17 31.84
N GLU C 344 -44.40 -9.37 31.19
CA GLU C 344 -43.17 -8.82 31.74
C GLU C 344 -42.95 -7.38 31.32
N LEU C 345 -43.43 -6.98 30.13
CA LEU C 345 -43.30 -5.57 29.79
C LEU C 345 -44.33 -4.74 30.54
N GLN C 346 -45.38 -5.37 31.05
CA GLN C 346 -46.30 -4.71 31.96
C GLN C 346 -45.85 -4.80 33.41
N ASP C 347 -44.67 -5.38 33.66
CA ASP C 347 -44.08 -5.37 34.98
C ASP C 347 -43.20 -4.15 35.18
N ILE C 348 -43.14 -3.25 34.20
CA ILE C 348 -42.44 -1.99 34.39
C ILE C 348 -43.34 -0.78 34.20
N GLU C 349 -44.43 -0.86 33.46
CA GLU C 349 -45.30 0.30 33.33
C GLU C 349 -46.28 0.42 34.50
N ASN C 350 -46.33 -0.59 35.37
CA ASN C 350 -47.04 -0.46 36.64
C ASN C 350 -46.13 -0.15 37.81
N GLU C 351 -44.82 -0.26 37.64
CA GLU C 351 -43.86 -0.09 38.73
C GLU C 351 -42.86 1.00 38.38
N GLU C 352 -42.80 2.02 39.24
CA GLU C 352 -42.06 3.24 38.94
C GLU C 352 -40.66 3.24 39.55
N LYS C 353 -40.00 2.10 39.61
CA LYS C 353 -38.59 2.06 39.98
C LYS C 353 -37.68 2.46 38.83
N ILE C 354 -38.24 2.65 37.63
CA ILE C 354 -37.61 3.25 36.45
C ILE C 354 -36.39 2.48 35.98
N PRO C 355 -36.53 1.33 35.34
CA PRO C 355 -35.37 0.66 34.76
C PRO C 355 -35.06 1.17 33.36
N LYS C 356 -33.86 0.86 32.89
CA LYS C 356 -33.42 1.24 31.54
C LYS C 356 -33.70 0.13 30.53
N THR C 357 -33.10 -1.03 30.72
CA THR C 357 -33.37 -2.22 29.94
C THR C 357 -34.20 -3.17 30.80
N LYS C 358 -34.53 -4.33 30.23
CA LYS C 358 -35.38 -5.29 30.94
C LYS C 358 -34.82 -6.69 30.76
N ASN C 359 -34.74 -7.43 31.85
CA ASN C 359 -34.26 -8.80 31.81
C ASN C 359 -35.43 -9.74 31.98
N MET C 360 -35.58 -10.68 31.06
CA MET C 360 -36.44 -11.83 31.30
C MET C 360 -35.84 -12.66 32.41
N ARG C 361 -36.67 -13.48 33.04
CA ARG C 361 -36.12 -14.48 33.94
C ARG C 361 -36.33 -15.86 33.34
N LYS C 362 -35.41 -16.76 33.68
CA LYS C 362 -35.22 -18.00 32.93
C LYS C 362 -36.33 -18.98 33.27
N THR C 363 -37.27 -19.17 32.36
CA THR C 363 -38.41 -20.06 32.59
C THR C 363 -38.02 -21.47 32.17
N SER C 364 -39.01 -22.34 32.02
CA SER C 364 -38.78 -23.59 31.31
C SER C 364 -39.10 -23.48 29.83
N GLN C 365 -39.96 -22.54 29.43
CA GLN C 365 -40.24 -22.39 28.01
C GLN C 365 -39.22 -21.51 27.32
N LEU C 366 -38.55 -20.65 28.06
CA LEU C 366 -37.61 -19.73 27.44
C LEU C 366 -36.20 -20.28 27.46
N LYS C 367 -35.91 -21.19 28.38
CA LYS C 367 -34.66 -21.92 28.31
C LYS C 367 -34.63 -22.84 27.10
N TRP C 368 -35.80 -23.30 26.66
CA TRP C 368 -35.85 -24.16 25.48
C TRP C 368 -35.51 -23.39 24.21
N ALA C 369 -36.24 -22.32 23.93
CA ALA C 369 -36.10 -21.57 22.69
C ALA C 369 -34.87 -20.68 22.65
N LEU C 370 -34.01 -20.74 23.65
CA LEU C 370 -32.78 -19.96 23.68
C LEU C 370 -31.58 -20.86 23.93
N GLY C 371 -31.74 -22.16 23.75
CA GLY C 371 -30.63 -23.08 23.75
C GLY C 371 -29.93 -23.24 25.08
N GLU C 372 -30.65 -23.07 26.18
CA GLU C 372 -30.04 -23.14 27.50
C GLU C 372 -29.59 -24.56 27.80
N ASN C 373 -28.27 -24.74 27.84
CA ASN C 373 -27.62 -26.00 28.20
C ASN C 373 -28.06 -27.12 27.27
N MET C 374 -28.23 -26.79 25.99
CA MET C 374 -28.37 -27.80 24.96
C MET C 374 -27.02 -28.08 24.31
N ALA C 375 -25.99 -27.36 24.73
CA ALA C 375 -24.65 -27.66 24.29
C ALA C 375 -24.15 -28.93 24.95
N PRO C 376 -23.62 -29.87 24.16
CA PRO C 376 -22.89 -31.01 24.76
C PRO C 376 -21.66 -30.50 25.47
N GLU C 377 -21.43 -30.98 26.68
CA GLU C 377 -20.34 -30.45 27.47
C GLU C 377 -19.02 -31.13 27.09
N LYS C 378 -17.95 -30.33 27.06
CA LYS C 378 -16.66 -30.74 26.51
C LYS C 378 -16.04 -31.78 27.42
N VAL C 379 -16.24 -33.05 27.09
CA VAL C 379 -15.57 -34.12 27.82
C VAL C 379 -14.17 -34.24 27.25
N ASP C 380 -13.31 -34.97 27.96
CA ASP C 380 -12.08 -35.43 27.33
C ASP C 380 -12.42 -36.58 26.40
N PHE C 381 -11.64 -36.69 25.31
CA PHE C 381 -11.87 -37.75 24.34
C PHE C 381 -11.61 -39.13 24.92
N GLU C 382 -10.66 -39.25 25.83
CA GLU C 382 -10.32 -40.55 26.40
C GLU C 382 -11.25 -40.95 27.52
N ASP C 383 -12.26 -40.15 27.83
CA ASP C 383 -13.20 -40.49 28.88
C ASP C 383 -14.19 -41.56 28.41
N CYS C 384 -14.84 -41.33 27.27
CA CYS C 384 -15.76 -42.30 26.68
C CYS C 384 -15.44 -42.42 25.19
N LYS C 385 -14.50 -43.28 24.84
CA LYS C 385 -14.21 -43.54 23.45
C LYS C 385 -15.25 -44.44 22.81
N ASP C 386 -15.68 -45.47 23.52
CA ASP C 386 -16.51 -46.60 23.08
C ASP C 386 -17.95 -46.24 22.83
N VAL C 387 -18.30 -44.95 22.83
CA VAL C 387 -19.65 -44.55 22.50
C VAL C 387 -19.92 -44.94 21.06
N SER C 388 -21.02 -45.69 20.85
CA SER C 388 -21.30 -46.30 19.56
C SER C 388 -21.56 -45.26 18.47
N ASP C 389 -22.05 -44.09 18.86
CA ASP C 389 -22.29 -43.02 17.91
C ASP C 389 -21.48 -41.79 18.30
N LEU C 390 -20.20 -41.98 18.64
CA LEU C 390 -19.27 -40.87 18.75
C LEU C 390 -18.72 -40.60 17.35
N ARG C 391 -19.42 -39.74 16.63
CA ARG C 391 -19.05 -39.38 15.28
C ARG C 391 -18.47 -37.98 15.24
N GLN C 392 -17.71 -37.73 14.18
CA GLN C 392 -17.47 -36.40 13.66
C GLN C 392 -18.81 -35.74 13.33
N TYR C 393 -18.85 -34.40 13.40
CA TYR C 393 -20.10 -33.65 13.20
C TYR C 393 -20.68 -33.86 11.81
N ASP C 394 -21.90 -33.36 11.63
CA ASP C 394 -22.53 -33.39 10.32
C ASP C 394 -21.80 -32.41 9.42
N SER C 395 -20.88 -32.93 8.63
CA SER C 395 -20.09 -32.13 7.70
C SER C 395 -20.64 -32.25 6.28
N ASP C 396 -21.93 -32.59 6.17
CA ASP C 396 -22.51 -32.93 4.89
C ASP C 396 -22.76 -31.71 4.03
N GLU C 397 -23.36 -31.93 2.87
CA GLU C 397 -23.84 -30.84 2.07
C GLU C 397 -25.06 -30.22 2.75
N PRO C 398 -25.37 -28.97 2.46
CA PRO C 398 -26.68 -28.45 2.83
C PRO C 398 -27.75 -29.09 1.97
N LYS C 399 -28.86 -29.40 2.60
CA LYS C 399 -29.99 -29.97 1.88
C LYS C 399 -30.58 -28.91 0.97
N PRO C 400 -30.70 -29.18 -0.32
CA PRO C 400 -31.11 -28.16 -1.28
C PRO C 400 -32.57 -27.78 -1.11
N ARG C 401 -32.85 -26.53 -1.46
CA ARG C 401 -34.19 -26.02 -1.55
C ARG C 401 -34.44 -25.68 -3.01
N SER C 402 -35.57 -25.05 -3.27
CA SER C 402 -35.88 -24.60 -4.62
C SER C 402 -36.26 -23.13 -4.57
N LEU C 403 -36.67 -22.62 -5.71
CA LEU C 403 -37.09 -21.23 -5.80
C LEU C 403 -38.60 -21.15 -5.64
N ALA C 404 -39.06 -20.43 -4.64
CA ALA C 404 -40.47 -20.19 -4.48
C ALA C 404 -40.82 -18.76 -4.84
N SER C 405 -42.10 -18.46 -4.85
CA SER C 405 -42.60 -17.20 -5.39
C SER C 405 -42.40 -16.03 -4.45
N TRP C 406 -41.91 -16.24 -3.24
CA TRP C 406 -41.98 -15.18 -2.24
C TRP C 406 -40.77 -14.28 -2.22
N ILE C 407 -39.57 -14.80 -2.46
CA ILE C 407 -38.38 -13.98 -2.38
C ILE C 407 -38.35 -12.98 -3.52
N GLN C 408 -39.03 -13.29 -4.62
CA GLN C 408 -39.25 -12.27 -5.63
C GLN C 408 -40.18 -11.20 -5.11
N SER C 409 -41.21 -11.61 -4.37
CA SER C 409 -42.16 -10.63 -3.85
C SER C 409 -41.61 -9.86 -2.67
N GLU C 410 -40.52 -10.31 -2.07
CA GLU C 410 -39.84 -9.46 -1.10
C GLU C 410 -39.07 -8.37 -1.80
N PHE C 411 -38.55 -8.67 -2.97
CA PHE C 411 -37.75 -7.70 -3.67
C PHE C 411 -38.59 -6.65 -4.37
N ASN C 412 -39.82 -6.99 -4.80
CA ASN C 412 -40.68 -5.98 -5.40
C ASN C 412 -41.09 -4.94 -4.38
N LYS C 413 -41.41 -5.38 -3.16
CA LYS C 413 -41.83 -4.45 -2.13
C LYS C 413 -40.67 -3.63 -1.61
N ALA C 414 -39.47 -4.19 -1.58
CA ALA C 414 -38.29 -3.40 -1.22
C ALA C 414 -37.89 -2.42 -2.31
N CYS C 415 -38.39 -2.58 -3.52
CA CYS C 415 -38.11 -1.62 -4.56
C CYS C 415 -38.99 -0.38 -4.47
N GLU C 416 -40.25 -0.54 -4.08
CA GLU C 416 -41.24 0.52 -4.24
C GLU C 416 -41.15 1.54 -3.12
N LEU C 417 -41.70 2.72 -3.39
CA LEU C 417 -41.58 3.86 -2.50
C LEU C 417 -42.44 3.67 -1.25
N THR C 418 -42.33 4.63 -0.33
CA THR C 418 -43.19 4.66 0.83
C THR C 418 -43.53 6.12 1.14
N ASP C 419 -44.37 6.32 2.14
CA ASP C 419 -44.77 7.66 2.56
C ASP C 419 -43.97 8.19 3.73
N SER C 420 -42.98 7.45 4.21
CA SER C 420 -42.10 7.94 5.25
C SER C 420 -40.78 8.37 4.65
N SER C 421 -40.00 9.08 5.44
CA SER C 421 -38.66 9.50 5.05
C SER C 421 -37.73 8.88 6.08
N TRP C 422 -37.00 7.84 5.67
CA TRP C 422 -36.42 6.91 6.64
C TRP C 422 -35.03 7.30 7.11
N ILE C 423 -34.20 7.88 6.26
CA ILE C 423 -32.90 8.36 6.71
C ILE C 423 -32.93 9.87 6.87
N GLU C 424 -32.65 10.32 8.09
CA GLU C 424 -32.18 11.67 8.34
C GLU C 424 -30.81 11.52 8.97
N LEU C 425 -29.84 12.23 8.41
CA LEU C 425 -28.46 12.02 8.79
C LEU C 425 -27.76 13.36 8.83
N ASP C 426 -26.44 13.32 9.02
CA ASP C 426 -25.70 14.46 9.55
C ASP C 426 -25.54 15.57 8.50
N GLU C 427 -24.82 16.60 8.89
CA GLU C 427 -24.54 17.72 8.01
C GLU C 427 -23.07 17.70 7.61
N ILE C 428 -22.73 18.55 6.67
CA ILE C 428 -21.36 18.76 6.24
C ILE C 428 -21.14 20.26 6.04
N GLY C 429 -19.89 20.63 5.83
CA GLY C 429 -19.53 22.03 5.73
C GLY C 429 -20.08 22.69 4.49
N GLU C 430 -19.98 24.02 4.47
CA GLU C 430 -20.72 24.83 3.52
C GLU C 430 -20.15 24.71 2.11
N ASP C 431 -21.04 24.61 1.13
CA ASP C 431 -20.67 24.33 -0.25
C ASP C 431 -20.31 25.65 -0.96
N VAL C 432 -19.22 26.27 -0.53
CA VAL C 432 -18.74 27.47 -1.18
C VAL C 432 -17.66 27.14 -2.21
N ALA C 433 -17.61 25.89 -2.64
CA ALA C 433 -16.81 25.48 -3.77
C ALA C 433 -17.77 24.99 -4.86
N PRO C 434 -17.36 25.02 -6.13
CA PRO C 434 -18.27 24.55 -7.18
C PRO C 434 -18.43 23.05 -7.21
N ILE C 435 -17.45 22.28 -6.71
CA ILE C 435 -17.61 20.83 -6.65
C ILE C 435 -18.57 20.46 -5.53
N GLU C 436 -18.59 21.23 -4.46
CA GLU C 436 -19.46 20.91 -3.37
C GLU C 436 -20.87 21.40 -3.62
N HIS C 437 -21.03 22.33 -4.57
CA HIS C 437 -22.37 22.71 -4.98
C HIS C 437 -22.91 21.75 -6.02
N ILE C 438 -22.04 21.17 -6.85
CA ILE C 438 -22.53 20.22 -7.86
C ILE C 438 -22.70 18.84 -7.26
N ALA C 439 -22.00 18.49 -6.17
CA ALA C 439 -22.20 17.19 -5.58
C ALA C 439 -23.37 17.17 -4.61
N SER C 440 -23.61 18.26 -3.91
CA SER C 440 -24.76 18.29 -3.01
C SER C 440 -26.07 18.44 -3.76
N MET C 441 -26.04 18.98 -4.97
CA MET C 441 -27.21 18.86 -5.82
C MET C 441 -27.34 17.45 -6.37
N ARG C 442 -26.20 16.78 -6.57
CA ARG C 442 -26.22 15.40 -7.00
C ARG C 442 -26.66 14.47 -5.88
N ARG C 443 -26.40 14.84 -4.63
CA ARG C 443 -26.72 14.00 -3.49
C ARG C 443 -28.12 14.24 -2.96
N ASN C 444 -28.58 15.47 -2.92
CA ASN C 444 -29.96 15.71 -2.51
C ASN C 444 -30.96 15.29 -3.58
N TYR C 445 -30.51 15.03 -4.80
CA TYR C 445 -31.32 14.27 -5.73
C TYR C 445 -31.28 12.80 -5.44
N PHE C 446 -30.20 12.30 -4.85
CA PHE C 446 -30.12 10.88 -4.54
C PHE C 446 -31.04 10.50 -3.40
N THR C 447 -31.00 11.24 -2.29
CA THR C 447 -31.87 10.90 -1.18
C THR C 447 -33.29 11.38 -1.35
N ALA C 448 -33.70 11.81 -2.54
CA ALA C 448 -35.11 12.09 -2.77
C ALA C 448 -35.87 10.81 -3.06
N GLU C 449 -35.16 9.74 -3.38
CA GLU C 449 -35.75 8.42 -3.57
C GLU C 449 -35.08 7.37 -2.73
N VAL C 450 -34.23 7.77 -1.80
CA VAL C 450 -33.61 6.80 -0.92
C VAL C 450 -34.11 7.08 0.49
N SER C 451 -34.59 8.30 0.73
CA SER C 451 -35.35 8.53 1.95
C SER C 451 -36.67 7.79 1.93
N HIS C 452 -37.37 7.83 0.81
CA HIS C 452 -38.72 7.31 0.70
C HIS C 452 -38.76 5.89 0.19
N CYS C 453 -37.65 5.17 0.25
CA CYS C 453 -37.59 3.82 -0.29
C CYS C 453 -37.70 2.81 0.83
N ARG C 454 -38.46 1.74 0.58
CA ARG C 454 -38.72 0.79 1.64
C ARG C 454 -37.51 -0.07 1.96
N ALA C 455 -36.51 -0.09 1.09
CA ALA C 455 -35.30 -0.83 1.43
C ALA C 455 -34.44 -0.09 2.41
N THR C 456 -34.71 1.19 2.67
CA THR C 456 -34.04 1.88 3.76
C THR C 456 -34.79 1.74 5.06
N GLU C 457 -36.04 1.30 5.02
CA GLU C 457 -36.69 0.82 6.23
C GLU C 457 -35.96 -0.39 6.77
N TYR C 458 -35.40 -1.21 5.88
CA TYR C 458 -34.75 -2.44 6.29
C TYR C 458 -33.31 -2.19 6.66
N ILE C 459 -32.69 -1.16 6.10
CA ILE C 459 -31.38 -0.74 6.57
C ILE C 459 -31.49 -0.23 8.00
N MET C 460 -32.36 0.76 8.22
CA MET C 460 -32.47 1.38 9.53
C MET C 460 -33.12 0.47 10.57
N LYS C 461 -33.79 -0.60 10.15
CA LYS C 461 -34.02 -1.70 11.08
C LYS C 461 -32.74 -2.46 11.34
N GLY C 462 -32.12 -2.97 10.27
CA GLY C 462 -31.03 -3.89 10.42
C GLY C 462 -29.82 -3.28 11.06
N VAL C 463 -29.64 -1.97 10.90
CA VAL C 463 -28.68 -1.26 11.73
C VAL C 463 -29.13 -1.30 13.18
N TYR C 464 -30.40 -1.02 13.45
CA TYR C 464 -30.87 -0.90 14.82
C TYR C 464 -30.95 -2.23 15.55
N ILE C 465 -31.48 -3.28 14.91
CA ILE C 465 -31.54 -4.59 15.56
C ILE C 465 -30.14 -5.09 15.88
N ASN C 466 -29.22 -5.00 14.91
CA ASN C 466 -27.88 -5.50 15.14
C ASN C 466 -27.10 -4.61 16.08
N THR C 467 -27.43 -3.31 16.16
CA THR C 467 -26.78 -2.48 17.16
C THR C 467 -27.21 -2.88 18.55
N ALA C 468 -28.51 -2.99 18.77
CA ALA C 468 -29.04 -3.30 20.08
C ALA C 468 -28.66 -4.70 20.50
N LEU C 469 -28.57 -5.62 19.55
CA LEU C 469 -28.07 -6.95 19.88
C LEU C 469 -26.60 -6.91 20.25
N LEU C 470 -25.82 -6.08 19.58
CA LEU C 470 -24.39 -6.10 19.86
C LEU C 470 -24.09 -5.45 21.19
N ASN C 471 -24.81 -4.39 21.53
CA ASN C 471 -24.61 -3.76 22.82
C ASN C 471 -25.17 -4.60 23.95
N ALA C 472 -26.37 -5.16 23.78
CA ALA C 472 -26.91 -6.01 24.83
C ALA C 472 -26.14 -7.31 24.99
N SER C 473 -25.46 -7.79 23.94
CA SER C 473 -24.60 -8.94 24.12
C SER C 473 -23.35 -8.63 24.89
N CYS C 474 -22.97 -7.35 24.98
CA CYS C 474 -21.69 -7.01 25.57
C CYS C 474 -21.82 -6.82 27.07
N ALA C 475 -22.93 -6.23 27.50
CA ALA C 475 -23.17 -6.09 28.93
C ALA C 475 -23.74 -7.37 29.51
N ALA C 476 -24.91 -7.78 29.04
CA ALA C 476 -25.69 -8.84 29.67
C ALA C 476 -25.29 -10.19 29.09
N MET C 477 -24.12 -10.65 29.49
CA MET C 477 -23.61 -11.90 28.96
C MET C 477 -24.19 -13.13 29.65
N ASP C 478 -25.05 -12.96 30.64
CA ASP C 478 -25.66 -14.13 31.25
C ASP C 478 -27.17 -14.17 31.06
N ASP C 479 -27.85 -13.14 31.51
CA ASP C 479 -29.31 -13.19 31.56
C ASP C 479 -29.93 -12.89 30.21
N PHE C 480 -31.25 -12.98 30.17
CA PHE C 480 -32.00 -12.95 28.93
C PHE C 480 -32.59 -11.56 28.81
N GLN C 481 -31.90 -10.65 28.13
CA GLN C 481 -32.51 -9.34 28.02
C GLN C 481 -33.65 -9.35 27.03
N LEU C 482 -34.46 -8.30 27.12
CA LEU C 482 -35.50 -8.01 26.16
C LEU C 482 -35.05 -6.81 25.36
N ILE C 483 -35.26 -6.85 24.05
CA ILE C 483 -34.87 -5.78 23.16
C ILE C 483 -36.04 -5.50 22.24
N PRO C 484 -36.58 -4.28 22.22
CA PRO C 484 -37.58 -3.94 21.22
C PRO C 484 -36.94 -3.61 19.88
N MET C 485 -37.76 -3.66 18.83
CA MET C 485 -37.30 -3.39 17.47
C MET C 485 -37.92 -2.10 16.96
N ILE C 486 -37.14 -1.02 17.01
CA ILE C 486 -37.64 0.33 16.81
C ILE C 486 -37.02 0.91 15.55
N SER C 487 -37.85 1.51 14.71
CA SER C 487 -37.38 2.35 13.63
C SER C 487 -38.10 3.68 13.71
N LYS C 488 -37.38 4.76 13.50
CA LYS C 488 -37.94 6.09 13.67
C LYS C 488 -38.10 6.77 12.33
N CYS C 489 -39.34 6.93 11.89
CA CYS C 489 -39.61 7.37 10.53
C CYS C 489 -40.12 8.80 10.50
N ARG C 490 -39.27 9.69 10.02
CA ARG C 490 -39.65 11.03 9.63
C ARG C 490 -40.61 10.91 8.44
N THR C 491 -41.57 11.82 8.33
CA THR C 491 -42.62 11.71 7.33
C THR C 491 -42.36 12.65 6.15
N LYS C 492 -43.36 12.74 5.27
CA LYS C 492 -43.31 13.61 4.10
C LYS C 492 -43.14 15.06 4.49
N GLU C 493 -44.10 15.59 5.26
CA GLU C 493 -44.06 16.97 5.72
C GLU C 493 -42.87 17.20 6.65
N GLY C 494 -42.71 16.36 7.66
CA GLY C 494 -41.62 16.57 8.58
C GLY C 494 -41.97 16.34 10.03
N ARG C 495 -43.18 15.87 10.33
CA ARG C 495 -43.46 15.42 11.68
C ARG C 495 -42.83 14.05 11.86
N ARG C 496 -42.23 13.81 13.03
CA ARG C 496 -41.54 12.56 13.23
C ARG C 496 -42.51 11.49 13.70
N LYS C 497 -41.98 10.29 13.96
CA LYS C 497 -42.76 9.14 14.37
C LYS C 497 -41.80 8.10 14.91
N THR C 498 -42.28 7.25 15.80
CA THR C 498 -41.49 6.15 16.31
C THR C 498 -42.25 4.85 16.12
N ASN C 499 -41.85 4.07 15.13
CA ASN C 499 -42.48 2.79 14.86
C ASN C 499 -41.91 1.74 15.79
N LEU C 500 -42.76 0.80 16.15
CA LEU C 500 -42.33 -0.43 16.80
C LEU C 500 -42.73 -1.60 15.93
N TYR C 501 -41.83 -2.55 15.82
CA TYR C 501 -42.03 -3.73 14.99
C TYR C 501 -42.19 -5.00 15.80
N GLY C 502 -41.64 -5.05 16.99
CA GLY C 502 -41.78 -6.21 17.83
C GLY C 502 -40.61 -6.30 18.78
N PHE C 503 -40.50 -7.45 19.43
CA PHE C 503 -39.51 -7.62 20.47
C PHE C 503 -38.52 -8.69 20.09
N ILE C 504 -37.44 -8.75 20.85
CA ILE C 504 -36.39 -9.74 20.71
C ILE C 504 -35.92 -10.10 22.11
N ILE C 505 -35.86 -11.39 22.42
CA ILE C 505 -35.33 -11.85 23.69
C ILE C 505 -33.94 -12.41 23.44
N LYS C 506 -32.91 -11.72 23.89
CA LYS C 506 -31.55 -12.18 23.67
C LYS C 506 -31.26 -13.40 24.51
N GLY C 507 -30.58 -14.38 23.94
CA GLY C 507 -30.14 -15.53 24.70
C GLY C 507 -28.87 -15.26 25.46
N ARG C 508 -28.29 -16.34 25.97
CA ARG C 508 -27.00 -16.27 26.61
C ARG C 508 -25.95 -15.92 25.57
N SER C 509 -25.14 -14.93 25.89
CA SER C 509 -24.21 -14.37 24.91
C SER C 509 -22.82 -14.46 25.51
N HIS C 510 -22.18 -15.60 25.34
CA HIS C 510 -20.78 -15.78 25.67
C HIS C 510 -20.06 -16.06 24.37
N LEU C 511 -19.36 -15.06 23.85
CA LEU C 511 -18.89 -15.06 22.48
C LEU C 511 -17.38 -15.19 22.54
N ARG C 512 -16.90 -16.42 22.66
CA ARG C 512 -15.48 -16.62 22.89
C ARG C 512 -14.72 -16.65 21.58
N ASN C 513 -15.37 -17.04 20.50
CA ASN C 513 -14.80 -16.95 19.16
C ASN C 513 -15.33 -15.68 18.48
N ASP C 514 -15.08 -15.56 17.20
CA ASP C 514 -15.67 -14.52 16.38
C ASP C 514 -17.05 -14.91 15.87
N THR C 515 -17.31 -16.22 15.75
CA THR C 515 -18.54 -16.70 15.16
C THR C 515 -19.31 -17.65 16.05
N ASP C 516 -19.18 -17.54 17.37
CA ASP C 516 -20.11 -18.20 18.26
C ASP C 516 -21.47 -17.56 18.10
N VAL C 517 -22.53 -18.31 18.32
CA VAL C 517 -23.86 -17.84 17.96
C VAL C 517 -24.60 -17.34 19.18
N VAL C 518 -25.16 -16.15 19.08
CA VAL C 518 -26.09 -15.61 20.04
C VAL C 518 -27.47 -16.05 19.62
N ASN C 519 -28.02 -17.03 20.32
CA ASN C 519 -29.40 -17.41 20.06
C ASN C 519 -30.32 -16.32 20.55
N PHE C 520 -31.47 -16.18 19.90
CA PHE C 520 -32.50 -15.28 20.38
C PHE C 520 -33.82 -15.68 19.76
N VAL C 521 -34.87 -14.99 20.17
CA VAL C 521 -36.21 -15.26 19.74
C VAL C 521 -36.82 -13.97 19.28
N SER C 522 -37.29 -13.94 18.04
CA SER C 522 -37.78 -12.72 17.44
C SER C 522 -39.29 -12.74 17.40
N MET C 523 -39.92 -11.86 18.16
CA MET C 523 -41.35 -11.64 18.07
C MET C 523 -41.63 -10.46 17.16
N GLU C 524 -42.33 -10.70 16.06
CA GLU C 524 -42.64 -9.64 15.11
C GLU C 524 -44.12 -9.56 14.80
N PHE C 525 -44.62 -8.35 14.71
CA PHE C 525 -46.04 -8.12 14.49
C PHE C 525 -46.30 -8.07 13.00
N SER C 526 -47.17 -8.95 12.52
CA SER C 526 -47.45 -9.05 11.11
C SER C 526 -48.94 -8.95 10.86
N LEU C 527 -49.29 -8.72 9.60
CA LEU C 527 -50.67 -8.81 9.15
C LEU C 527 -50.90 -9.91 8.14
N THR C 528 -49.84 -10.56 7.67
CA THR C 528 -49.97 -11.53 6.59
C THR C 528 -50.36 -12.89 7.16
N ASP C 529 -51.44 -13.45 6.62
CA ASP C 529 -51.92 -14.78 6.97
C ASP C 529 -50.84 -15.81 6.63
N PRO C 530 -50.37 -16.61 7.60
CA PRO C 530 -49.44 -17.68 7.27
C PRO C 530 -50.03 -18.77 6.43
N ARG C 531 -51.35 -18.94 6.48
CA ARG C 531 -52.01 -19.93 5.66
C ARG C 531 -52.18 -19.48 4.23
N LEU C 532 -51.78 -18.24 3.91
CA LEU C 532 -51.85 -17.77 2.54
C LEU C 532 -50.72 -18.36 1.70
N GLU C 533 -49.54 -18.52 2.27
CA GLU C 533 -48.39 -19.07 1.54
C GLU C 533 -47.43 -19.72 2.52
N PRO C 534 -47.72 -20.94 2.96
CA PRO C 534 -46.91 -21.59 4.01
C PRO C 534 -45.69 -22.35 3.53
N HIS C 535 -45.26 -22.14 2.29
CA HIS C 535 -43.97 -22.66 1.85
C HIS C 535 -42.81 -21.78 2.24
N LYS C 536 -43.08 -20.75 3.01
CA LYS C 536 -42.13 -19.72 3.43
C LYS C 536 -41.78 -19.81 4.90
N TRP C 537 -42.76 -19.95 5.75
CA TRP C 537 -42.59 -19.85 7.19
C TRP C 537 -42.46 -21.23 7.84
N GLU C 538 -41.47 -21.97 7.37
CA GLU C 538 -41.15 -23.24 7.99
C GLU C 538 -40.46 -23.07 9.34
N LYS C 539 -39.90 -21.91 9.62
CA LYS C 539 -39.13 -21.69 10.83
C LYS C 539 -39.93 -20.97 11.91
N TYR C 540 -41.13 -20.53 11.61
CA TYR C 540 -41.89 -19.65 12.48
C TYR C 540 -42.95 -20.38 13.28
N CYS C 541 -43.50 -19.71 14.27
CA CYS C 541 -44.65 -20.18 15.03
C CYS C 541 -45.64 -19.04 15.15
N VAL C 542 -46.53 -18.93 14.19
CA VAL C 542 -47.38 -17.76 14.05
C VAL C 542 -48.51 -17.82 15.06
N LEU C 543 -48.57 -16.84 15.93
CA LEU C 543 -49.65 -16.69 16.88
C LEU C 543 -50.70 -15.79 16.27
N GLU C 544 -51.71 -15.43 17.06
CA GLU C 544 -52.70 -14.46 16.61
C GLU C 544 -53.13 -13.67 17.83
N ILE C 545 -52.78 -12.39 17.87
CA ILE C 545 -52.86 -11.62 19.09
C ILE C 545 -53.88 -10.49 19.02
N GLY C 546 -54.21 -9.97 17.85
CA GLY C 546 -55.13 -8.84 17.85
C GLY C 546 -55.89 -8.55 16.57
N ASP C 547 -56.36 -7.30 16.46
CA ASP C 547 -57.20 -6.82 15.38
C ASP C 547 -57.20 -5.30 15.40
N MET C 548 -57.28 -4.71 14.22
CA MET C 548 -57.44 -3.25 14.11
C MET C 548 -58.48 -2.92 13.06
N LEU C 549 -58.76 -1.63 12.94
CA LEU C 549 -59.61 -1.11 11.88
C LEU C 549 -58.77 -0.43 10.82
N LEU C 550 -59.00 -0.79 9.56
CA LEU C 550 -58.29 -0.21 8.43
C LEU C 550 -59.21 0.74 7.68
N ARG C 551 -58.63 1.48 6.74
CA ARG C 551 -59.37 2.47 5.97
C ARG C 551 -59.30 2.12 4.49
N THR C 552 -60.45 1.74 3.93
CA THR C 552 -60.57 1.42 2.51
C THR C 552 -60.97 2.67 1.74
N ALA C 553 -60.56 2.74 0.47
CA ALA C 553 -60.94 3.85 -0.39
C ALA C 553 -62.43 3.85 -0.73
N ILE C 554 -63.09 2.70 -0.66
CA ILE C 554 -64.52 2.60 -0.89
C ILE C 554 -65.29 2.57 0.42
N GLY C 555 -64.86 1.76 1.38
CA GLY C 555 -65.51 1.68 2.67
C GLY C 555 -64.51 1.65 3.82
N GLN C 556 -64.58 0.60 4.63
CA GLN C 556 -63.66 0.38 5.75
C GLN C 556 -63.77 -1.09 6.14
N VAL C 557 -62.72 -1.64 6.75
CA VAL C 557 -62.66 -3.06 7.03
C VAL C 557 -61.76 -3.30 8.23
N SER C 558 -62.07 -4.35 9.00
CA SER C 558 -61.20 -4.87 10.04
C SER C 558 -60.68 -6.24 9.63
N ARG C 559 -59.48 -6.57 10.11
CA ARG C 559 -58.81 -7.79 9.73
C ARG C 559 -57.74 -8.10 10.77
N PRO C 560 -57.50 -9.37 11.10
CA PRO C 560 -56.78 -9.71 12.32
C PRO C 560 -55.29 -9.41 12.24
N MET C 561 -54.62 -9.68 13.36
CA MET C 561 -53.21 -9.37 13.52
C MET C 561 -52.50 -10.58 14.12
N PHE C 562 -51.29 -10.83 13.67
CA PHE C 562 -50.56 -12.03 14.03
C PHE C 562 -49.34 -11.66 14.83
N LEU C 563 -48.50 -12.64 15.05
CA LEU C 563 -47.23 -12.47 15.74
C LEU C 563 -46.34 -13.62 15.33
N TYR C 564 -45.20 -13.32 14.74
CA TYR C 564 -44.34 -14.36 14.18
C TYR C 564 -43.19 -14.56 15.12
N VAL C 565 -43.13 -15.72 15.73
CA VAL C 565 -42.13 -16.03 16.73
C VAL C 565 -41.19 -17.06 16.13
N ARG C 566 -39.90 -16.93 16.43
CA ARG C 566 -38.90 -17.66 15.66
C ARG C 566 -37.62 -17.67 16.45
N THR C 567 -37.07 -18.84 16.67
CA THR C 567 -35.78 -18.95 17.32
C THR C 567 -34.70 -18.65 16.29
N ASN C 568 -33.81 -17.72 16.62
CA ASN C 568 -32.76 -17.35 15.68
C ASN C 568 -31.35 -17.39 16.20
N GLY C 569 -30.44 -16.83 15.43
CA GLY C 569 -29.06 -16.70 15.86
C GLY C 569 -28.24 -15.78 14.98
N THR C 570 -27.43 -14.94 15.60
CA THR C 570 -26.37 -14.24 14.89
C THR C 570 -25.06 -14.59 15.56
N SER C 571 -23.98 -14.42 14.82
CA SER C 571 -22.65 -14.48 15.37
C SER C 571 -22.30 -13.10 15.89
N LYS C 572 -21.04 -12.85 16.19
CA LYS C 572 -20.64 -11.45 16.26
C LYS C 572 -20.44 -10.86 14.88
N ILE C 573 -20.10 -11.69 13.91
CA ILE C 573 -19.82 -11.20 12.57
C ILE C 573 -21.11 -10.81 11.88
N LYS C 574 -22.17 -11.60 12.05
CA LYS C 574 -23.45 -11.29 11.42
C LYS C 574 -24.06 -10.02 11.96
N MET C 575 -23.86 -9.74 13.24
CA MET C 575 -24.37 -8.52 13.86
C MET C 575 -23.29 -7.48 14.01
N LYS C 576 -22.19 -7.63 13.30
CA LYS C 576 -21.39 -6.46 12.97
C LYS C 576 -21.76 -5.97 11.59
N TRP C 577 -21.87 -6.87 10.65
CA TRP C 577 -22.17 -6.52 9.28
C TRP C 577 -23.63 -6.23 9.04
N GLY C 578 -24.40 -6.02 10.10
CA GLY C 578 -25.67 -5.36 9.99
C GLY C 578 -25.53 -3.94 10.48
N MET C 579 -24.43 -3.62 11.15
CA MET C 579 -24.23 -2.25 11.60
C MET C 579 -23.55 -1.40 10.54
N GLU C 580 -22.77 -2.01 9.67
CA GLU C 580 -22.36 -1.34 8.45
C GLU C 580 -23.29 -1.60 7.32
N MET C 581 -24.56 -1.81 7.60
CA MET C 581 -25.52 -1.92 6.53
C MET C 581 -25.87 -0.55 5.95
N ARG C 582 -25.44 0.54 6.57
CA ARG C 582 -25.61 1.82 5.91
C ARG C 582 -24.70 1.99 4.71
N ARG C 583 -23.70 1.13 4.56
CA ARG C 583 -22.90 1.09 3.34
C ARG C 583 -23.61 0.41 2.19
N CYS C 584 -24.88 0.02 2.35
CA CYS C 584 -25.70 -0.25 1.20
C CYS C 584 -25.94 1.02 0.41
N LEU C 585 -25.98 2.16 1.09
CA LEU C 585 -26.26 3.41 0.41
C LEU C 585 -25.09 3.83 -0.46
N LEU C 586 -23.87 3.57 -0.01
CA LEU C 586 -22.70 3.94 -0.78
C LEU C 586 -22.60 3.13 -2.05
N GLN C 587 -22.72 1.81 -1.91
CA GLN C 587 -22.62 0.93 -3.08
C GLN C 587 -23.79 1.15 -4.02
N SER C 588 -24.91 1.64 -3.52
CA SER C 588 -26.00 1.98 -4.43
C SER C 588 -25.90 3.40 -4.95
N LEU C 589 -25.08 4.24 -4.35
CA LEU C 589 -24.88 5.57 -4.92
C LEU C 589 -23.77 5.54 -5.95
N GLN C 590 -22.73 4.74 -5.70
CA GLN C 590 -21.53 4.72 -6.52
C GLN C 590 -21.80 4.29 -7.95
N GLN C 591 -22.89 3.57 -8.21
CA GLN C 591 -23.20 3.37 -9.63
C GLN C 591 -23.81 4.62 -10.23
N ILE C 592 -24.77 5.29 -9.60
CA ILE C 592 -25.28 6.45 -10.30
C ILE C 592 -24.33 7.63 -10.19
N GLU C 593 -23.36 7.56 -9.30
CA GLU C 593 -22.14 8.33 -9.51
C GLU C 593 -21.46 7.90 -10.79
N SER C 594 -21.16 6.61 -10.94
CA SER C 594 -20.45 6.14 -12.12
C SER C 594 -21.33 6.09 -13.35
N MET C 595 -22.65 6.16 -13.18
CA MET C 595 -23.55 6.40 -14.29
C MET C 595 -23.70 7.87 -14.60
N ILE C 596 -22.82 8.71 -14.07
CA ILE C 596 -22.56 10.01 -14.66
C ILE C 596 -21.25 9.99 -15.46
N GLU C 597 -20.35 9.04 -15.18
CA GLU C 597 -19.09 8.94 -15.93
C GLU C 597 -19.32 8.41 -17.34
N ALA C 598 -20.23 7.45 -17.49
CA ALA C 598 -20.57 7.01 -18.83
C ALA C 598 -21.39 8.05 -19.56
N GLU C 599 -21.96 9.00 -18.84
CA GLU C 599 -22.66 10.14 -19.41
C GLU C 599 -21.82 11.41 -19.29
N SER C 600 -20.57 11.29 -18.84
CA SER C 600 -19.65 12.42 -18.77
C SER C 600 -19.25 12.92 -20.16
N SER C 601 -18.64 12.04 -20.95
CA SER C 601 -18.21 12.36 -22.30
C SER C 601 -19.36 12.65 -23.24
N VAL C 602 -20.57 12.23 -22.88
CA VAL C 602 -21.72 12.39 -23.75
C VAL C 602 -22.12 13.86 -23.87
N LYS C 603 -22.15 14.58 -22.75
CA LYS C 603 -22.73 15.91 -22.76
C LYS C 603 -21.77 17.04 -22.41
N GLU C 604 -20.70 16.76 -21.65
CA GLU C 604 -19.63 17.71 -21.35
C GLU C 604 -20.13 18.97 -20.67
N LYS C 605 -21.13 18.86 -19.82
CA LYS C 605 -21.76 20.02 -19.21
C LYS C 605 -22.32 19.63 -17.87
N ASP C 606 -23.19 20.47 -17.33
CA ASP C 606 -24.04 20.08 -16.22
C ASP C 606 -24.92 18.91 -16.62
N MET C 607 -24.86 17.85 -15.83
CA MET C 607 -25.55 16.63 -16.20
C MET C 607 -26.26 15.92 -15.07
N THR C 608 -26.19 16.43 -13.83
CA THR C 608 -27.21 16.09 -12.86
C THR C 608 -28.54 16.71 -13.23
N LYS C 609 -28.50 17.81 -13.97
CA LYS C 609 -29.65 18.47 -14.57
C LYS C 609 -30.24 17.66 -15.74
N GLU C 610 -29.51 16.65 -16.20
CA GLU C 610 -29.95 15.80 -17.30
C GLU C 610 -30.83 14.65 -16.85
N PHE C 611 -30.51 14.03 -15.72
CA PHE C 611 -31.18 12.79 -15.33
C PHE C 611 -32.54 13.03 -14.71
N PHE C 612 -32.57 13.66 -13.54
CA PHE C 612 -33.76 13.67 -12.72
C PHE C 612 -34.82 14.67 -13.19
N GLU C 613 -34.60 15.31 -14.33
CA GLU C 613 -35.40 16.44 -14.77
C GLU C 613 -36.26 16.09 -15.97
N ASN C 614 -35.81 15.16 -16.80
CA ASN C 614 -36.71 14.47 -17.69
C ASN C 614 -37.12 13.17 -17.03
N LYS C 615 -38.32 12.69 -17.33
CA LYS C 615 -38.67 11.32 -17.01
C LYS C 615 -38.45 10.46 -18.25
N SER C 616 -37.23 10.55 -18.76
CA SER C 616 -36.82 9.77 -19.92
C SER C 616 -36.43 8.40 -19.38
N GLU C 617 -37.45 7.57 -19.19
CA GLU C 617 -37.31 6.26 -18.55
C GLU C 617 -36.62 5.30 -19.50
N THR C 618 -35.29 5.29 -19.46
CA THR C 618 -34.51 4.58 -20.46
C THR C 618 -33.81 3.34 -19.94
N TRP C 619 -33.93 3.06 -18.64
CA TRP C 619 -33.15 1.96 -18.05
C TRP C 619 -34.04 0.76 -17.86
N PRO C 620 -33.75 -0.39 -18.48
CA PRO C 620 -34.61 -1.57 -18.38
C PRO C 620 -34.46 -2.23 -17.02
N ILE C 621 -35.57 -2.34 -16.30
CA ILE C 621 -35.65 -2.96 -14.99
C ILE C 621 -36.71 -4.05 -14.96
N GLY C 622 -37.88 -3.76 -15.46
CA GLY C 622 -39.00 -4.65 -15.28
C GLY C 622 -38.99 -5.84 -16.20
N GLU C 623 -39.63 -6.90 -15.73
CA GLU C 623 -40.11 -7.97 -16.58
C GLU C 623 -41.62 -8.00 -16.44
N SER C 624 -42.31 -8.17 -17.55
CA SER C 624 -43.76 -8.03 -17.54
C SER C 624 -44.33 -8.89 -18.64
N PRO C 625 -45.65 -9.15 -18.61
CA PRO C 625 -46.30 -9.69 -19.81
C PRO C 625 -46.20 -8.78 -21.02
N LYS C 626 -46.13 -7.47 -20.82
CA LYS C 626 -45.97 -6.55 -21.94
C LYS C 626 -44.52 -6.31 -22.32
N GLY C 627 -43.59 -7.13 -21.84
CA GLY C 627 -42.21 -7.10 -22.24
C GLY C 627 -41.33 -6.72 -21.09
N MET C 628 -40.13 -6.28 -21.41
CA MET C 628 -39.32 -5.60 -20.41
C MET C 628 -39.81 -4.16 -20.26
N GLU C 629 -39.83 -3.68 -19.03
CA GLU C 629 -40.37 -2.37 -18.71
C GLU C 629 -39.26 -1.47 -18.22
N GLU C 630 -38.90 -0.48 -19.04
CA GLU C 630 -37.84 0.43 -18.68
C GLU C 630 -38.32 1.36 -17.57
N GLY C 631 -37.36 1.92 -16.83
CA GLY C 631 -37.67 2.75 -15.70
C GLY C 631 -36.81 4.01 -15.68
N SER C 632 -37.26 4.98 -14.90
CA SER C 632 -36.49 6.18 -14.67
C SER C 632 -35.36 5.89 -13.69
N ILE C 633 -34.49 6.88 -13.52
CA ILE C 633 -33.34 6.71 -12.66
C ILE C 633 -33.74 6.64 -11.20
N GLY C 634 -34.84 7.29 -10.82
CA GLY C 634 -35.32 7.18 -9.45
C GLY C 634 -35.85 5.80 -9.13
N LYS C 635 -36.36 5.10 -10.13
CA LYS C 635 -36.70 3.70 -9.94
C LYS C 635 -35.44 2.85 -9.85
N VAL C 636 -34.43 3.18 -10.65
CA VAL C 636 -33.19 2.41 -10.68
C VAL C 636 -32.39 2.63 -9.42
N CYS C 637 -32.44 3.82 -8.83
CA CYS C 637 -31.71 4.08 -7.59
C CYS C 637 -32.24 3.26 -6.44
N ARG C 638 -33.46 2.76 -6.54
CA ARG C 638 -34.01 1.96 -5.47
C ARG C 638 -33.71 0.48 -5.68
N THR C 639 -33.73 0.01 -6.94
CA THR C 639 -33.43 -1.39 -7.21
C THR C 639 -31.99 -1.72 -6.87
N LEU C 640 -31.07 -0.85 -7.28
CA LEU C 640 -29.67 -1.01 -6.91
C LEU C 640 -29.48 -0.86 -5.42
N LEU C 641 -30.39 -0.18 -4.74
CA LEU C 641 -30.35 -0.22 -3.30
C LEU C 641 -31.00 -1.48 -2.76
N ALA C 642 -32.10 -1.91 -3.36
CA ALA C 642 -32.78 -3.10 -2.85
C ALA C 642 -32.00 -4.36 -3.15
N LYS C 643 -31.24 -4.36 -4.24
CA LYS C 643 -30.29 -5.43 -4.45
C LYS C 643 -29.17 -5.36 -3.43
N SER C 644 -28.76 -4.16 -3.04
CA SER C 644 -27.61 -4.06 -2.18
C SER C 644 -27.96 -4.29 -0.72
N VAL C 645 -29.23 -4.20 -0.35
CA VAL C 645 -29.61 -4.57 1.00
C VAL C 645 -29.63 -6.08 1.15
N PHE C 646 -30.30 -6.73 0.21
CA PHE C 646 -30.46 -8.17 0.26
C PHE C 646 -29.16 -8.92 0.07
N ASN C 647 -28.12 -8.27 -0.43
CA ASN C 647 -26.79 -8.84 -0.36
C ASN C 647 -26.22 -8.77 1.03
N SER C 648 -26.93 -8.20 2.01
CA SER C 648 -26.45 -8.24 3.38
C SER C 648 -27.38 -8.92 4.34
N LEU C 649 -28.69 -8.94 4.07
CA LEU C 649 -29.61 -9.70 4.90
C LEU C 649 -29.44 -11.19 4.67
N TYR C 650 -29.47 -11.60 3.41
CA TYR C 650 -29.34 -12.99 3.04
C TYR C 650 -27.92 -13.38 2.67
N ALA C 651 -26.93 -12.69 3.24
CA ALA C 651 -25.56 -12.88 2.80
C ALA C 651 -25.00 -14.19 3.31
N SER C 652 -24.69 -15.08 2.41
CA SER C 652 -24.25 -16.43 2.69
C SER C 652 -22.87 -16.59 2.07
N PRO C 653 -22.19 -17.72 2.23
CA PRO C 653 -21.07 -17.99 1.33
C PRO C 653 -21.52 -18.35 -0.06
N GLN C 654 -22.77 -18.78 -0.20
CA GLN C 654 -23.30 -19.18 -1.50
C GLN C 654 -23.52 -17.99 -2.40
N LEU C 655 -23.61 -16.79 -1.84
CA LEU C 655 -23.70 -15.60 -2.67
C LEU C 655 -22.33 -15.13 -3.10
N GLU C 656 -21.32 -15.38 -2.28
CA GLU C 656 -19.97 -15.00 -2.65
C GLU C 656 -19.47 -15.85 -3.80
N GLY C 657 -19.52 -17.17 -3.63
CA GLY C 657 -19.07 -18.08 -4.66
C GLY C 657 -19.98 -18.16 -5.87
N PHE C 658 -21.15 -17.55 -5.81
CA PHE C 658 -21.95 -17.42 -7.01
C PHE C 658 -21.48 -16.26 -7.85
N SER C 659 -21.51 -15.06 -7.30
CA SER C 659 -21.25 -13.87 -8.09
C SER C 659 -19.78 -13.67 -8.40
N ALA C 660 -18.89 -14.56 -7.97
CA ALA C 660 -17.53 -14.53 -8.47
C ALA C 660 -17.46 -15.14 -9.85
N GLU C 661 -18.05 -16.32 -10.03
CA GLU C 661 -18.10 -16.94 -11.34
C GLU C 661 -19.48 -16.87 -11.96
N SER C 662 -20.32 -15.98 -11.50
CA SER C 662 -21.40 -15.51 -12.35
C SER C 662 -21.11 -14.16 -12.94
N ARG C 663 -20.07 -13.50 -12.46
CA ARG C 663 -19.55 -12.32 -13.11
C ARG C 663 -18.83 -12.70 -14.39
N LYS C 664 -18.06 -13.77 -14.35
CA LYS C 664 -17.28 -14.19 -15.50
C LYS C 664 -18.16 -14.79 -16.59
N LEU C 665 -19.40 -15.07 -16.27
CA LEU C 665 -20.38 -15.37 -17.30
C LEU C 665 -21.15 -14.11 -17.68
N LEU C 666 -21.17 -13.12 -16.80
CA LEU C 666 -21.82 -11.87 -17.13
C LEU C 666 -21.00 -11.03 -18.09
N LEU C 667 -19.67 -11.10 -17.98
CA LEU C 667 -18.82 -10.23 -18.77
C LEU C 667 -18.83 -10.63 -20.23
N ILE C 668 -18.92 -11.93 -20.52
CA ILE C 668 -18.74 -12.33 -21.90
C ILE C 668 -20.03 -12.24 -22.68
N VAL C 669 -21.18 -12.22 -22.02
CA VAL C 669 -22.41 -11.95 -22.75
C VAL C 669 -22.44 -10.49 -23.15
N GLN C 670 -21.81 -9.63 -22.36
CA GLN C 670 -21.65 -8.25 -22.80
C GLN C 670 -20.64 -8.16 -23.92
N ALA C 671 -19.61 -9.01 -23.89
CA ALA C 671 -18.70 -9.10 -25.02
C ALA C 671 -19.38 -9.65 -26.24
N LEU C 672 -20.38 -10.50 -26.05
CA LEU C 672 -21.15 -11.03 -27.18
C LEU C 672 -22.15 -10.01 -27.72
N ARG C 673 -22.78 -9.24 -26.84
CA ARG C 673 -23.71 -8.22 -27.31
C ARG C 673 -23.00 -7.05 -27.97
N ASP C 674 -21.76 -6.79 -27.56
CA ASP C 674 -20.98 -5.74 -28.16
C ASP C 674 -20.21 -6.23 -29.38
N ASN C 675 -20.44 -7.48 -29.79
CA ASN C 675 -19.85 -8.13 -30.97
C ASN C 675 -18.32 -8.14 -30.91
N LEU C 676 -17.80 -8.53 -29.76
CA LEU C 676 -16.37 -8.62 -29.54
C LEU C 676 -15.81 -9.99 -29.88
N GLU C 677 -16.65 -10.88 -30.44
CA GLU C 677 -16.37 -12.27 -30.79
C GLU C 677 -15.70 -13.03 -29.66
N PRO C 678 -16.42 -13.36 -28.60
CA PRO C 678 -15.79 -13.94 -27.42
C PRO C 678 -15.54 -15.42 -27.61
N GLY C 679 -14.80 -15.99 -26.67
CA GLY C 679 -14.51 -17.40 -26.73
C GLY C 679 -14.03 -17.91 -25.39
N THR C 680 -14.50 -19.07 -24.99
CA THR C 680 -14.22 -19.69 -23.72
C THR C 680 -13.15 -20.76 -23.88
N PHE C 681 -12.97 -21.58 -22.85
CA PHE C 681 -12.23 -22.82 -23.03
C PHE C 681 -13.05 -24.06 -22.71
N ASP C 682 -13.73 -24.10 -21.56
CA ASP C 682 -14.86 -25.03 -21.40
C ASP C 682 -15.93 -24.29 -20.58
N LEU C 683 -16.85 -23.67 -21.31
CA LEU C 683 -17.97 -22.97 -20.70
C LEU C 683 -18.87 -23.94 -19.95
N GLY C 684 -18.98 -25.17 -20.44
CA GLY C 684 -19.76 -26.18 -19.74
C GLY C 684 -19.26 -26.43 -18.33
N GLY C 685 -17.93 -26.42 -18.14
CA GLY C 685 -17.37 -26.55 -16.81
C GLY C 685 -17.58 -25.32 -15.96
N LEU C 686 -17.80 -24.17 -16.59
CA LEU C 686 -18.15 -22.98 -15.82
C LEU C 686 -19.56 -23.07 -15.28
N TYR C 687 -20.47 -23.70 -16.03
CA TYR C 687 -21.82 -23.88 -15.54
C TYR C 687 -21.92 -24.85 -14.37
N GLU C 688 -20.98 -25.79 -14.24
CA GLU C 688 -20.94 -26.57 -13.02
C GLU C 688 -20.04 -25.93 -11.97
N ALA C 689 -19.62 -24.69 -12.19
CA ALA C 689 -19.04 -23.91 -11.11
C ALA C 689 -20.05 -22.98 -10.49
N ILE C 690 -21.11 -22.64 -11.21
CA ILE C 690 -22.19 -21.86 -10.63
C ILE C 690 -23.18 -22.75 -9.91
N GLU C 691 -23.66 -23.78 -10.60
CA GLU C 691 -24.70 -24.65 -10.08
C GLU C 691 -24.20 -25.54 -8.96
N GLU C 692 -22.90 -25.59 -8.74
CA GLU C 692 -22.35 -26.04 -7.46
C GLU C 692 -22.84 -25.15 -6.33
N CYS C 693 -22.90 -23.85 -6.55
CA CYS C 693 -23.08 -22.90 -5.48
C CYS C 693 -24.54 -22.53 -5.22
N LEU C 694 -25.42 -22.77 -6.18
CA LEU C 694 -26.86 -22.60 -5.97
C LEU C 694 -27.35 -23.75 -5.11
N ILE C 695 -27.39 -23.57 -3.80
CA ILE C 695 -27.77 -24.72 -3.00
C ILE C 695 -29.09 -24.50 -2.27
N ASN C 696 -29.14 -23.59 -1.30
CA ASN C 696 -30.36 -23.58 -0.47
C ASN C 696 -30.86 -22.22 0.00
N ASP C 697 -30.23 -21.10 -0.37
CA ASP C 697 -30.77 -19.89 0.23
C ASP C 697 -31.60 -19.10 -0.78
N PRO C 698 -32.60 -18.34 -0.33
CA PRO C 698 -33.57 -17.80 -1.29
C PRO C 698 -33.06 -16.68 -2.14
N TRP C 699 -31.98 -16.02 -1.76
CA TRP C 699 -31.55 -14.88 -2.55
C TRP C 699 -30.70 -15.32 -3.72
N VAL C 700 -29.82 -16.29 -3.52
CA VAL C 700 -28.94 -16.74 -4.58
C VAL C 700 -29.71 -17.51 -5.62
N LEU C 701 -30.71 -18.27 -5.18
CA LEU C 701 -31.63 -18.92 -6.12
C LEU C 701 -32.52 -17.92 -6.82
N LEU C 702 -32.57 -16.69 -6.33
CA LEU C 702 -33.25 -15.66 -7.09
C LEU C 702 -32.31 -14.96 -8.05
N ASN C 703 -31.06 -14.72 -7.65
CA ASN C 703 -30.11 -14.05 -8.54
C ASN C 703 -29.85 -14.86 -9.79
N ALA C 704 -29.78 -16.18 -9.66
CA ALA C 704 -29.67 -17.01 -10.84
C ALA C 704 -30.96 -16.98 -11.63
N SER C 705 -32.09 -16.91 -10.95
CA SER C 705 -33.37 -16.87 -11.64
C SER C 705 -33.57 -15.54 -12.35
N TRP C 706 -32.93 -14.50 -11.85
CA TRP C 706 -32.80 -13.27 -12.64
C TRP C 706 -31.84 -13.47 -13.79
N PHE C 707 -30.79 -14.23 -13.54
CA PHE C 707 -29.71 -14.35 -14.50
C PHE C 707 -30.14 -15.21 -15.68
N ASN C 708 -30.91 -16.27 -15.41
CA ASN C 708 -31.56 -16.99 -16.49
C ASN C 708 -32.59 -16.14 -17.20
N SER C 709 -33.25 -15.23 -16.48
CA SER C 709 -34.11 -14.26 -17.14
C SER C 709 -33.31 -13.15 -17.79
N PHE C 710 -32.02 -13.06 -17.49
CA PHE C 710 -31.17 -12.12 -18.19
C PHE C 710 -30.61 -12.71 -19.48
N LEU C 711 -30.18 -13.97 -19.43
CA LEU C 711 -29.64 -14.61 -20.62
C LEU C 711 -30.69 -14.82 -21.69
N THR C 712 -31.97 -14.87 -21.33
CA THR C 712 -33.01 -14.92 -22.34
C THR C 712 -33.40 -13.54 -22.85
N HIS C 713 -32.90 -12.45 -22.27
CA HIS C 713 -33.11 -11.14 -22.86
C HIS C 713 -31.85 -10.54 -23.44
N ALA C 714 -30.68 -11.02 -23.04
CA ALA C 714 -29.46 -10.49 -23.62
C ALA C 714 -29.13 -11.12 -24.95
N LEU C 715 -29.85 -12.16 -25.35
CA LEU C 715 -29.53 -12.90 -26.55
C LEU C 715 -30.66 -12.89 -27.57
N LYS C 716 -31.67 -12.06 -27.39
CA LYS C 716 -32.70 -11.90 -28.41
C LYS C 716 -32.40 -10.67 -29.26
N MET D 1 -45.22 -5.12 -11.21
CA MET D 1 -44.48 -5.81 -12.24
C MET D 1 -43.27 -6.53 -11.64
N ASP D 2 -42.74 -7.49 -12.37
CA ASP D 2 -41.58 -8.22 -11.88
C ASP D 2 -40.33 -7.38 -12.05
N VAL D 3 -39.56 -7.25 -10.98
CA VAL D 3 -38.42 -6.36 -10.93
C VAL D 3 -37.16 -7.18 -10.77
N ASN D 4 -36.26 -7.08 -11.75
CA ASN D 4 -34.90 -7.54 -11.53
C ASN D 4 -33.91 -6.44 -11.89
N PRO D 5 -32.85 -6.28 -11.11
CA PRO D 5 -31.87 -5.24 -11.41
C PRO D 5 -30.78 -5.71 -12.31
N THR D 6 -30.62 -7.02 -12.49
CA THR D 6 -29.55 -7.49 -13.34
C THR D 6 -29.87 -7.33 -14.82
N LEU D 7 -31.03 -6.83 -15.18
CA LEU D 7 -31.30 -6.47 -16.55
C LEU D 7 -30.86 -5.07 -16.90
N LEU D 8 -30.28 -4.31 -15.97
CA LEU D 8 -29.81 -3.01 -16.42
C LEU D 8 -28.48 -3.09 -17.12
N PHE D 9 -27.91 -4.29 -17.22
CA PHE D 9 -26.80 -4.53 -18.11
C PHE D 9 -27.23 -4.60 -19.56
N LEU D 10 -28.53 -4.60 -19.85
CA LEU D 10 -28.96 -4.52 -21.23
C LEU D 10 -28.78 -3.13 -21.82
N LYS D 11 -28.64 -2.11 -20.98
CA LYS D 11 -28.34 -0.76 -21.43
C LYS D 11 -26.95 -0.34 -21.03
N VAL D 12 -26.65 -0.38 -19.74
CA VAL D 12 -25.30 -0.06 -19.27
C VAL D 12 -24.38 -1.20 -19.67
N PRO D 13 -23.18 -0.93 -20.17
CA PRO D 13 -22.23 -2.02 -20.40
C PRO D 13 -21.82 -2.63 -19.09
N ALA D 14 -21.40 -3.89 -19.15
CA ALA D 14 -21.18 -4.64 -17.92
C ALA D 14 -20.00 -4.14 -17.12
N GLN D 15 -18.97 -3.59 -17.76
CA GLN D 15 -17.87 -3.10 -16.96
C GLN D 15 -18.13 -1.71 -16.39
N ASN D 16 -19.25 -1.07 -16.74
CA ASN D 16 -19.57 0.22 -16.15
C ASN D 16 -20.44 0.08 -14.91
N ALA D 17 -21.25 -0.97 -14.82
CA ALA D 17 -22.07 -1.22 -13.65
C ALA D 17 -21.69 -2.54 -12.98
N ILE D 18 -20.39 -2.86 -12.96
CA ILE D 18 -19.98 -4.15 -12.45
C ILE D 18 -19.97 -4.18 -10.94
N SER D 19 -20.06 -3.00 -10.29
CA SER D 19 -20.02 -3.00 -8.85
C SER D 19 -21.30 -3.49 -8.21
N THR D 20 -22.37 -3.64 -8.99
CA THR D 20 -23.57 -4.25 -8.42
C THR D 20 -23.37 -5.74 -8.20
N THR D 21 -22.50 -6.36 -8.97
CA THR D 21 -22.24 -7.78 -8.82
C THR D 21 -21.07 -8.04 -7.91
N PHE D 22 -20.85 -7.17 -6.93
CA PHE D 22 -19.92 -7.43 -5.84
C PHE D 22 -20.71 -7.38 -4.54
N PRO D 23 -21.12 -8.50 -4.04
CA PRO D 23 -21.73 -8.53 -2.72
C PRO D 23 -20.71 -8.36 -1.61
N TYR D 24 -20.10 -7.18 -1.54
CA TYR D 24 -19.15 -6.88 -0.48
C TYR D 24 -19.83 -6.13 0.63
N THR D 25 -21.15 -6.11 0.65
CA THR D 25 -21.92 -5.43 1.67
C THR D 25 -22.24 -6.37 2.82
N GLY D 26 -22.55 -7.61 2.53
CA GLY D 26 -22.80 -8.57 3.57
C GLY D 26 -21.52 -9.03 4.21
N ASP D 27 -21.66 -9.90 5.18
CA ASP D 27 -20.50 -10.43 5.86
C ASP D 27 -19.69 -11.30 4.91
N PRO D 28 -18.38 -11.39 5.10
CA PRO D 28 -17.64 -12.37 4.36
C PRO D 28 -17.86 -13.73 4.97
N PRO D 29 -17.59 -14.81 4.25
CA PRO D 29 -17.68 -16.13 4.87
C PRO D 29 -16.54 -16.34 5.85
N TYR D 30 -16.86 -16.83 7.04
CA TYR D 30 -15.81 -17.28 7.93
C TYR D 30 -15.78 -18.80 8.02
N SER D 31 -14.59 -19.32 8.24
CA SER D 31 -14.45 -20.70 8.66
C SER D 31 -14.87 -20.80 10.11
N HIS D 32 -15.64 -21.81 10.43
CA HIS D 32 -16.06 -21.96 11.82
C HIS D 32 -15.10 -22.83 12.59
N GLY D 33 -14.96 -24.08 12.17
CA GLY D 33 -14.24 -25.00 13.02
C GLY D 33 -12.74 -24.95 12.91
N THR D 34 -12.18 -25.44 11.80
CA THR D 34 -10.75 -25.68 11.70
C THR D 34 -10.25 -25.36 10.31
N GLY D 35 -9.04 -25.83 10.05
CA GLY D 35 -8.50 -25.91 8.72
C GLY D 35 -7.91 -27.29 8.52
N THR D 36 -8.20 -28.19 9.47
CA THR D 36 -7.68 -29.55 9.41
C THR D 36 -8.26 -30.30 8.23
N GLY D 37 -9.56 -30.16 8.00
CA GLY D 37 -10.14 -30.70 6.80
C GLY D 37 -9.74 -29.95 5.56
N TYR D 38 -9.28 -28.73 5.70
CA TYR D 38 -8.88 -27.89 4.59
C TYR D 38 -7.42 -28.03 4.25
N THR D 39 -6.59 -28.37 5.24
CA THR D 39 -5.18 -28.63 4.96
C THR D 39 -5.03 -29.98 4.29
N MET D 40 -5.73 -30.99 4.81
CA MET D 40 -5.65 -32.32 4.22
C MET D 40 -6.28 -32.37 2.84
N ASP D 41 -7.19 -31.46 2.53
CA ASP D 41 -7.69 -31.38 1.17
C ASP D 41 -6.81 -30.49 0.32
N THR D 42 -5.61 -30.15 0.78
CA THR D 42 -4.60 -29.48 -0.02
C THR D 42 -3.32 -30.29 -0.11
N VAL D 43 -2.98 -31.00 0.97
CA VAL D 43 -1.88 -31.97 0.88
C VAL D 43 -2.27 -33.14 0.00
N ASN D 44 -3.55 -33.49 -0.04
CA ASN D 44 -4.04 -34.42 -1.04
C ASN D 44 -3.94 -33.83 -2.43
N ARG D 45 -4.42 -32.60 -2.59
CA ARG D 45 -4.50 -32.03 -3.92
C ARG D 45 -3.14 -31.69 -4.48
N THR D 46 -2.17 -31.42 -3.62
CA THR D 46 -0.82 -31.22 -4.15
C THR D 46 -0.26 -32.54 -4.64
N HIS D 47 -0.36 -33.58 -3.82
CA HIS D 47 0.15 -34.89 -4.20
C HIS D 47 -0.77 -35.64 -5.14
N GLN D 48 -1.84 -35.03 -5.62
CA GLN D 48 -2.54 -35.57 -6.77
C GLN D 48 -2.05 -34.97 -8.07
N TYR D 49 -1.87 -33.66 -8.13
CA TYR D 49 -1.42 -33.07 -9.38
C TYR D 49 0.06 -33.29 -9.63
N SER D 50 0.79 -33.84 -8.66
CA SER D 50 2.22 -34.06 -8.80
C SER D 50 2.55 -35.53 -8.61
N GLU D 51 1.58 -36.41 -8.86
CA GLU D 51 1.59 -37.78 -8.35
C GLU D 51 2.61 -38.71 -8.99
N LYS D 52 3.49 -38.21 -9.86
CA LYS D 52 4.36 -39.10 -10.61
C LYS D 52 5.85 -38.80 -10.43
N GLY D 53 6.19 -37.89 -9.54
CA GLY D 53 7.59 -37.69 -9.24
C GLY D 53 8.09 -38.79 -8.34
N LYS D 54 9.41 -38.89 -8.23
CA LYS D 54 9.97 -39.99 -7.45
C LYS D 54 9.87 -39.68 -5.96
N TRP D 55 9.33 -40.62 -5.21
CA TRP D 55 9.13 -40.46 -3.79
C TRP D 55 10.42 -40.74 -3.06
N THR D 56 11.11 -39.70 -2.62
CA THR D 56 12.33 -39.92 -1.89
C THR D 56 12.02 -40.10 -0.42
N THR D 57 13.05 -40.12 0.40
CA THR D 57 12.87 -40.10 1.85
C THR D 57 14.03 -39.32 2.43
N ASN D 58 13.72 -38.24 3.13
CA ASN D 58 14.73 -37.30 3.57
C ASN D 58 15.58 -37.94 4.65
N THR D 59 16.87 -37.61 4.66
CA THR D 59 17.81 -38.24 5.58
C THR D 59 17.62 -37.76 7.01
N GLU D 60 17.73 -36.47 7.27
CA GLU D 60 17.62 -35.96 8.64
C GLU D 60 16.20 -35.68 9.08
N THR D 61 15.19 -36.07 8.31
CA THR D 61 13.83 -35.68 8.61
C THR D 61 12.93 -36.88 8.78
N GLY D 62 13.11 -37.88 7.93
CA GLY D 62 12.19 -38.99 7.87
C GLY D 62 10.98 -38.69 7.03
N ALA D 63 10.96 -37.56 6.37
CA ALA D 63 9.81 -37.17 5.59
C ALA D 63 9.75 -37.99 4.31
N PRO D 64 8.62 -38.57 3.98
CA PRO D 64 8.48 -39.27 2.71
C PRO D 64 8.08 -38.33 1.57
N GLN D 65 8.96 -37.36 1.28
CA GLN D 65 8.48 -36.30 0.43
C GLN D 65 8.57 -36.67 -1.04
N LEU D 66 7.89 -35.88 -1.85
CA LEU D 66 7.72 -36.10 -3.27
C LEU D 66 8.67 -35.18 -3.99
N ASN D 67 9.16 -35.62 -5.15
CA ASN D 67 10.18 -34.89 -5.91
C ASN D 67 9.68 -34.79 -7.34
N PRO D 68 8.79 -33.86 -7.62
CA PRO D 68 7.92 -34.03 -8.77
C PRO D 68 8.37 -33.40 -10.07
N ILE D 69 9.36 -32.54 -10.05
CA ILE D 69 9.63 -31.75 -11.24
C ILE D 69 10.63 -32.46 -12.12
N ASP D 70 10.63 -32.05 -13.40
CA ASP D 70 11.31 -32.71 -14.50
C ASP D 70 10.93 -34.18 -14.55
N GLY D 71 9.67 -34.47 -14.28
CA GLY D 71 9.14 -35.81 -14.33
C GLY D 71 8.50 -36.04 -15.67
N PRO D 72 7.53 -36.94 -15.75
CA PRO D 72 6.82 -37.17 -17.01
C PRO D 72 5.98 -35.97 -17.38
N LEU D 73 5.93 -35.69 -18.66
CA LEU D 73 5.17 -34.56 -19.16
C LEU D 73 3.68 -34.78 -18.92
N PRO D 74 2.93 -33.70 -18.70
CA PRO D 74 1.48 -33.86 -18.58
C PRO D 74 0.86 -34.17 -19.93
N GLU D 75 -0.17 -35.02 -19.91
CA GLU D 75 -0.79 -35.51 -21.13
C GLU D 75 -2.30 -35.31 -21.11
N ASP D 76 -2.78 -34.33 -20.35
CA ASP D 76 -4.19 -33.96 -20.31
C ASP D 76 -4.29 -32.52 -19.86
N ASN D 77 -5.52 -32.02 -19.81
CA ASN D 77 -5.75 -30.65 -19.40
C ASN D 77 -5.94 -30.49 -17.90
N GLU D 78 -5.90 -31.59 -17.14
CA GLU D 78 -5.91 -31.47 -15.69
C GLU D 78 -4.59 -30.88 -15.22
N PRO D 79 -4.62 -29.98 -14.24
CA PRO D 79 -3.40 -29.25 -13.85
C PRO D 79 -2.35 -30.17 -13.26
N SER D 80 -1.11 -29.71 -13.34
CA SER D 80 0.01 -30.61 -13.09
C SER D 80 1.24 -29.80 -12.78
N GLY D 81 1.87 -30.11 -11.66
CA GLY D 81 3.05 -29.41 -11.23
C GLY D 81 4.35 -29.97 -11.74
N TYR D 82 4.33 -30.73 -12.84
CA TYR D 82 5.55 -31.32 -13.34
C TYR D 82 6.32 -30.30 -14.14
N ALA D 83 7.13 -29.49 -13.48
CA ALA D 83 7.83 -28.40 -14.13
C ALA D 83 9.15 -28.87 -14.72
N GLN D 84 9.53 -28.28 -15.84
CA GLN D 84 10.72 -28.68 -16.57
C GLN D 84 11.87 -27.75 -16.23
N THR D 85 12.91 -28.28 -15.59
CA THR D 85 14.04 -27.48 -15.15
C THR D 85 14.82 -26.91 -16.32
N ASP D 86 14.91 -27.67 -17.41
CA ASP D 86 15.54 -27.13 -18.61
C ASP D 86 14.64 -26.17 -19.37
N CYS D 87 13.46 -25.84 -18.83
CA CYS D 87 12.64 -24.78 -19.38
C CYS D 87 12.35 -23.69 -18.37
N VAL D 88 12.52 -23.95 -17.07
CA VAL D 88 12.47 -22.87 -16.09
C VAL D 88 13.67 -21.96 -16.25
N LEU D 89 14.86 -22.55 -16.30
CA LEU D 89 16.07 -21.81 -16.59
C LEU D 89 16.00 -21.17 -17.96
N GLU D 90 15.45 -21.89 -18.94
CA GLU D 90 15.43 -21.41 -20.30
C GLU D 90 14.46 -20.25 -20.47
N ALA D 91 13.32 -20.29 -19.81
CA ALA D 91 12.36 -19.21 -20.00
C ALA D 91 12.70 -17.98 -19.20
N MET D 92 13.72 -18.03 -18.35
CA MET D 92 14.19 -16.80 -17.74
C MET D 92 15.66 -16.55 -18.06
N ALA D 93 16.31 -17.43 -18.82
CA ALA D 93 17.45 -17.00 -19.59
C ALA D 93 17.03 -16.02 -20.67
N PHE D 94 15.77 -16.06 -21.07
CA PHE D 94 15.20 -15.04 -21.93
C PHE D 94 14.66 -13.86 -21.15
N LEU D 95 14.71 -13.90 -19.82
CA LEU D 95 14.33 -12.71 -19.05
C LEU D 95 15.42 -11.67 -19.13
N GLU D 96 16.68 -12.10 -19.03
CA GLU D 96 17.78 -11.17 -19.21
C GLU D 96 18.00 -10.79 -20.67
N LYS D 97 17.52 -11.56 -21.62
CA LYS D 97 17.82 -11.20 -22.99
C LYS D 97 16.85 -10.16 -23.54
N SER D 98 15.71 -9.95 -22.87
CA SER D 98 14.83 -8.83 -23.17
C SER D 98 15.17 -7.59 -22.38
N HIS D 99 15.27 -7.70 -21.06
CA HIS D 99 15.69 -6.59 -20.20
C HIS D 99 17.10 -6.92 -19.77
N PRO D 100 18.10 -6.28 -20.37
CA PRO D 100 19.48 -6.74 -20.19
C PRO D 100 20.04 -6.43 -18.82
N GLY D 101 20.75 -7.42 -18.27
CA GLY D 101 21.46 -7.27 -17.02
C GLY D 101 20.60 -7.09 -15.81
N ILE D 102 19.41 -7.71 -15.75
CA ILE D 102 18.55 -7.55 -14.60
C ILE D 102 19.15 -8.17 -13.35
N PHE D 103 19.69 -9.37 -13.49
CA PHE D 103 19.84 -10.25 -12.33
C PHE D 103 21.01 -9.82 -11.45
N GLU D 104 22.17 -9.62 -12.05
CA GLU D 104 23.33 -9.15 -11.29
C GLU D 104 23.23 -7.68 -10.89
N ASN D 105 22.36 -6.92 -11.54
CA ASN D 105 22.06 -5.58 -11.05
C ASN D 105 21.19 -5.66 -9.81
N SER D 106 20.12 -6.46 -9.88
CA SER D 106 19.15 -6.49 -8.79
C SER D 106 19.69 -7.20 -7.57
N CYS D 107 20.64 -8.10 -7.76
CA CYS D 107 21.34 -8.67 -6.61
C CYS D 107 22.18 -7.63 -5.90
N LEU D 108 22.63 -6.60 -6.62
CA LEU D 108 23.59 -5.67 -6.04
C LEU D 108 22.94 -4.74 -5.02
N GLU D 109 21.67 -4.37 -5.23
CA GLU D 109 20.94 -3.74 -4.13
C GLU D 109 20.65 -4.74 -3.04
N THR D 110 20.32 -5.97 -3.43
CA THR D 110 20.05 -7.03 -2.46
C THR D 110 21.31 -7.39 -1.71
N MET D 111 22.47 -7.25 -2.35
CA MET D 111 23.72 -7.37 -1.61
C MET D 111 23.99 -6.17 -0.72
N GLU D 112 23.23 -5.09 -0.87
CA GLU D 112 23.38 -3.97 0.04
C GLU D 112 22.26 -3.92 1.06
N ILE D 113 21.07 -4.41 0.72
CA ILE D 113 20.02 -4.57 1.71
C ILE D 113 20.40 -5.65 2.70
N VAL D 114 21.17 -6.65 2.26
CA VAL D 114 21.66 -7.64 3.22
C VAL D 114 22.74 -7.01 4.10
N GLN D 115 23.42 -5.97 3.64
CA GLN D 115 24.55 -5.43 4.40
C GLN D 115 24.18 -4.22 5.22
N GLN D 116 22.90 -3.97 5.45
CA GLN D 116 22.53 -2.92 6.38
C GLN D 116 21.32 -3.27 7.23
N THR D 117 20.79 -4.48 7.15
CA THR D 117 19.51 -4.81 7.77
C THR D 117 19.72 -5.44 9.14
N ARG D 118 18.91 -5.01 10.10
CA ARG D 118 18.92 -5.56 11.44
C ARG D 118 18.03 -6.80 11.51
N VAL D 119 17.85 -7.29 12.73
CA VAL D 119 16.87 -8.34 12.97
C VAL D 119 15.48 -7.74 13.09
N ASP D 120 15.38 -6.44 13.39
CA ASP D 120 14.12 -5.72 13.54
C ASP D 120 13.29 -5.70 12.26
N LYS D 121 13.86 -6.04 11.11
CA LYS D 121 13.05 -6.05 9.90
C LYS D 121 12.12 -7.24 9.87
N LEU D 122 12.48 -8.32 10.56
CA LEU D 122 11.64 -9.50 10.57
C LEU D 122 10.76 -9.60 11.80
N THR D 123 10.88 -8.68 12.74
CA THR D 123 9.96 -8.67 13.87
C THR D 123 8.72 -7.86 13.58
N GLN D 124 8.58 -7.32 12.38
CA GLN D 124 7.35 -6.70 11.93
C GLN D 124 6.74 -7.54 10.83
N GLY D 125 5.42 -7.63 10.85
CA GLY D 125 4.69 -8.47 9.94
C GLY D 125 3.52 -9.16 10.61
N ARG D 126 3.06 -10.23 9.97
CA ARG D 126 1.91 -10.98 10.47
C ARG D 126 2.30 -11.75 11.72
N GLN D 127 1.32 -12.42 12.32
CA GLN D 127 1.65 -13.39 13.35
C GLN D 127 2.36 -14.56 12.71
N THR D 128 3.37 -15.06 13.37
CA THR D 128 4.22 -16.11 12.83
C THR D 128 3.95 -17.37 13.62
N TYR D 129 4.73 -18.40 13.36
CA TYR D 129 4.63 -19.64 14.09
C TYR D 129 5.93 -19.82 14.87
N ASP D 130 5.85 -19.71 16.18
CA ASP D 130 7.06 -20.06 16.90
C ASP D 130 7.18 -21.57 16.95
N TRP D 131 8.38 -22.05 17.18
CA TRP D 131 8.58 -23.47 17.37
C TRP D 131 8.71 -23.82 18.83
N THR D 132 8.86 -22.83 19.70
CA THR D 132 8.99 -23.10 21.12
C THR D 132 7.67 -23.54 21.72
N LEU D 133 6.59 -22.85 21.37
CA LEU D 133 5.29 -23.13 21.97
C LEU D 133 4.33 -23.78 21.01
N ASN D 134 4.70 -23.90 19.73
CA ASN D 134 3.92 -24.57 18.68
C ASN D 134 2.55 -23.93 18.52
N ARG D 135 2.56 -22.64 18.18
CA ARG D 135 1.38 -21.82 18.28
C ARG D 135 1.64 -20.54 17.51
N ASN D 136 0.59 -19.88 17.05
CA ASN D 136 0.78 -18.60 16.40
C ASN D 136 1.04 -17.51 17.44
N GLN D 137 2.30 -17.33 17.82
CA GLN D 137 2.68 -16.16 18.56
C GLN D 137 2.87 -15.01 17.57
N PRO D 138 2.62 -13.77 17.98
CA PRO D 138 2.85 -12.65 17.06
C PRO D 138 4.34 -12.40 16.88
N ALA D 139 4.65 -11.56 15.90
CA ALA D 139 5.97 -11.53 15.30
C ALA D 139 7.06 -11.05 16.24
N ALA D 140 6.71 -10.34 17.30
CA ALA D 140 7.74 -9.96 18.26
C ALA D 140 8.05 -11.09 19.22
N THR D 141 7.02 -11.67 19.83
CA THR D 141 7.23 -12.68 20.86
C THR D 141 7.78 -13.98 20.31
N ALA D 142 7.58 -14.25 19.03
CA ALA D 142 8.17 -15.46 18.47
C ALA D 142 9.65 -15.27 18.21
N LEU D 143 10.04 -14.09 17.74
CA LEU D 143 11.45 -13.77 17.60
C LEU D 143 12.11 -13.65 18.95
N ALA D 144 11.50 -12.94 19.87
CA ALA D 144 12.05 -12.78 21.19
C ALA D 144 11.76 -13.95 22.11
N ASN D 145 11.36 -15.11 21.57
CA ASN D 145 11.49 -16.36 22.28
C ASN D 145 12.55 -17.26 21.69
N THR D 146 12.70 -17.26 20.37
CA THR D 146 13.71 -18.11 19.77
C THR D 146 15.12 -17.60 19.99
N ILE D 147 15.30 -16.33 20.31
CA ILE D 147 16.65 -15.83 20.51
C ILE D 147 17.20 -16.31 21.83
N GLU D 148 16.42 -16.23 22.90
CA GLU D 148 16.93 -16.78 24.14
C GLU D 148 16.80 -18.29 24.21
N VAL D 149 16.31 -18.95 23.16
CA VAL D 149 16.62 -20.37 23.03
C VAL D 149 18.10 -20.55 22.79
N PHE D 150 18.66 -19.76 21.87
CA PHE D 150 20.11 -19.80 21.61
C PHE D 150 20.92 -19.38 22.82
N ARG D 151 20.41 -18.40 23.57
CA ARG D 151 21.07 -18.04 24.81
C ARG D 151 20.94 -19.14 25.86
N SER D 152 19.78 -19.78 25.93
CA SER D 152 19.68 -20.96 26.77
C SER D 152 20.28 -22.19 26.10
N ASN D 153 20.62 -22.10 24.82
CA ASN D 153 21.51 -23.09 24.22
C ASN D 153 22.94 -22.64 24.52
N GLY D 154 23.92 -23.43 24.12
CA GLY D 154 25.29 -23.05 24.31
C GLY D 154 25.70 -21.91 23.40
N LEU D 155 25.36 -22.02 22.11
CA LEU D 155 25.88 -21.12 21.09
C LEU D 155 24.84 -20.06 20.79
N THR D 156 25.11 -18.82 21.20
CA THR D 156 24.25 -17.71 20.79
C THR D 156 24.65 -17.22 19.41
N ALA D 157 25.84 -16.62 19.33
CA ALA D 157 26.50 -16.11 18.12
C ALA D 157 25.65 -15.18 17.28
N ASN D 158 24.64 -14.54 17.86
CA ASN D 158 23.64 -13.84 17.09
C ASN D 158 23.42 -12.41 17.55
N GLU D 159 24.00 -12.03 18.68
CA GLU D 159 23.62 -10.81 19.39
C GLU D 159 24.24 -9.55 18.80
N SER D 160 24.83 -9.65 17.61
CA SER D 160 25.51 -8.53 16.97
C SER D 160 24.56 -7.61 16.22
N GLY D 161 23.26 -7.71 16.47
CA GLY D 161 22.32 -6.77 15.93
C GLY D 161 21.91 -6.99 14.49
N ARG D 162 22.81 -7.46 13.65
CA ARG D 162 22.52 -7.78 12.27
C ARG D 162 21.85 -9.14 12.26
N LEU D 163 21.17 -9.48 11.17
CA LEU D 163 20.42 -10.72 11.15
C LEU D 163 21.16 -11.86 10.47
N ILE D 164 22.33 -11.60 9.90
CA ILE D 164 22.99 -12.64 9.13
C ILE D 164 23.67 -13.62 10.06
N ASP D 165 24.19 -13.17 11.19
CA ASP D 165 24.61 -14.14 12.18
C ASP D 165 23.41 -14.80 12.86
N PHE D 166 22.28 -14.08 12.93
CA PHE D 166 21.02 -14.72 13.25
C PHE D 166 20.57 -15.67 12.14
N LEU D 167 21.02 -15.45 10.92
CA LEU D 167 20.79 -16.46 9.91
C LEU D 167 21.98 -17.39 9.74
N LYS D 168 23.07 -17.16 10.48
CA LYS D 168 24.08 -18.20 10.57
C LYS D 168 23.69 -19.26 11.59
N ASP D 169 23.18 -18.86 12.74
CA ASP D 169 22.98 -19.85 13.78
C ASP D 169 21.70 -20.66 13.62
N VAL D 170 20.74 -20.18 12.82
CA VAL D 170 19.57 -21.03 12.57
C VAL D 170 19.97 -22.20 11.70
N MET D 171 21.02 -22.07 10.90
CA MET D 171 21.61 -23.24 10.28
C MET D 171 22.39 -24.04 11.32
N GLU D 172 23.07 -23.34 12.22
CA GLU D 172 23.85 -24.01 13.25
C GLU D 172 22.98 -24.60 14.34
N SER D 173 21.75 -24.11 14.51
CA SER D 173 20.81 -24.70 15.45
C SER D 173 20.40 -26.10 15.05
N MET D 174 20.56 -26.42 13.78
CA MET D 174 20.24 -27.74 13.28
C MET D 174 21.38 -28.73 13.50
N ASP D 175 22.40 -28.34 14.27
CA ASP D 175 23.48 -29.23 14.64
C ASP D 175 23.36 -29.73 16.07
N LYS D 176 22.91 -28.87 16.99
CA LYS D 176 22.90 -29.21 18.41
C LYS D 176 21.66 -30.01 18.74
N GLY D 177 21.83 -31.31 18.96
CA GLY D 177 20.74 -32.21 19.34
C GLY D 177 19.99 -31.82 20.59
N GLU D 178 20.68 -31.67 21.71
CA GLU D 178 20.05 -31.25 22.95
C GLU D 178 19.69 -29.77 22.87
N MET D 179 18.45 -29.49 22.49
CA MET D 179 17.96 -28.11 22.39
C MET D 179 17.11 -27.85 23.64
N GLU D 180 17.78 -27.46 24.72
CA GLU D 180 17.14 -27.37 26.03
C GLU D 180 16.27 -26.12 26.11
N ILE D 181 15.02 -26.27 25.66
CA ILE D 181 14.02 -25.22 25.66
C ILE D 181 13.41 -25.02 27.04
N ILE D 182 12.64 -23.94 27.21
CA ILE D 182 12.09 -23.53 28.49
C ILE D 182 10.61 -23.91 28.51
N THR D 183 10.18 -24.55 29.60
CA THR D 183 8.78 -24.85 29.86
C THR D 183 8.39 -24.23 31.19
N HIS D 184 7.25 -23.56 31.23
CA HIS D 184 6.72 -23.05 32.49
C HIS D 184 5.31 -23.59 32.72
N PHE D 185 5.08 -24.08 33.93
CA PHE D 185 3.79 -24.64 34.32
C PHE D 185 3.30 -23.93 35.57
N GLN D 186 1.99 -23.94 35.76
CA GLN D 186 1.33 -23.13 36.79
C GLN D 186 1.09 -23.95 38.06
N ARG D 187 1.37 -23.32 39.20
CA ARG D 187 1.27 -23.93 40.52
C ARG D 187 0.51 -23.00 41.47
N LYS D 188 0.51 -23.35 42.76
CA LYS D 188 -0.15 -22.56 43.78
C LYS D 188 0.73 -22.49 45.02
N ARG D 189 0.49 -21.46 45.85
CA ARG D 189 1.22 -21.25 47.08
C ARG D 189 0.24 -21.07 48.25
N ARG D 190 0.78 -20.69 49.41
CA ARG D 190 0.01 -20.58 50.64
C ARG D 190 0.62 -19.49 51.51
N VAL D 191 -0.10 -18.38 51.67
CA VAL D 191 0.35 -17.25 52.47
C VAL D 191 -0.68 -16.95 53.54
N ARG D 192 -0.34 -16.01 54.42
CA ARG D 192 -1.18 -15.63 55.55
C ARG D 192 -1.57 -14.16 55.47
N ASP D 193 -2.50 -13.76 56.33
CA ASP D 193 -2.92 -12.37 56.48
C ASP D 193 -2.88 -12.00 57.96
N ASN D 194 -2.35 -10.81 58.26
CA ASN D 194 -2.23 -10.39 59.66
C ASN D 194 -3.42 -9.58 60.12
N MET D 195 -4.16 -8.94 59.21
CA MET D 195 -5.25 -8.06 59.62
C MET D 195 -6.51 -8.83 59.94
N THR D 196 -6.88 -9.79 59.10
CA THR D 196 -8.12 -10.55 59.27
C THR D 196 -7.88 -11.97 59.75
N LYS D 197 -6.62 -12.36 59.98
CA LYS D 197 -6.19 -13.69 60.46
C LYS D 197 -6.68 -14.82 59.55
N LYS D 198 -6.76 -14.57 58.25
CA LYS D 198 -7.21 -15.58 57.29
C LYS D 198 -6.04 -16.08 56.47
N MET D 199 -6.15 -17.32 55.99
CA MET D 199 -5.08 -17.99 55.25
C MET D 199 -5.63 -18.42 53.90
N VAL D 200 -5.18 -17.76 52.83
CA VAL D 200 -5.71 -17.96 51.49
C VAL D 200 -4.60 -18.40 50.55
N THR D 201 -4.96 -18.60 49.29
CA THR D 201 -4.04 -19.09 48.27
C THR D 201 -3.47 -17.93 47.45
N GLN D 202 -2.56 -18.27 46.54
CA GLN D 202 -1.91 -17.31 45.67
C GLN D 202 -1.35 -18.05 44.45
N ARG D 203 -1.53 -17.46 43.26
CA ARG D 203 -1.11 -18.07 42.01
C ARG D 203 0.27 -17.61 41.61
N THR D 204 1.08 -18.54 41.11
CA THR D 204 2.39 -18.24 40.55
C THR D 204 2.74 -19.31 39.52
N ILE D 205 3.84 -19.11 38.80
CA ILE D 205 4.22 -19.95 37.68
C ILE D 205 5.57 -20.58 37.98
N GLY D 206 5.69 -21.89 37.72
CA GLY D 206 6.93 -22.61 37.90
C GLY D 206 7.76 -22.65 36.62
N LYS D 207 8.78 -23.52 36.65
CA LYS D 207 9.72 -23.67 35.55
C LYS D 207 10.02 -25.15 35.35
N LYS D 208 10.18 -25.55 34.10
CA LYS D 208 10.37 -26.95 33.74
C LYS D 208 11.36 -27.04 32.59
N LYS D 209 12.22 -28.06 32.62
CA LYS D 209 13.15 -28.29 31.53
C LYS D 209 12.55 -29.23 30.50
N GLN D 210 13.09 -29.18 29.28
CA GLN D 210 12.56 -29.91 28.14
C GLN D 210 13.64 -29.95 27.08
N ARG D 211 13.72 -31.05 26.33
CA ARG D 211 14.76 -31.21 25.33
C ARG D 211 14.17 -31.70 24.01
N LEU D 212 14.98 -31.60 22.96
CA LEU D 212 14.60 -32.03 21.62
C LEU D 212 15.68 -32.91 21.00
N ASN D 213 15.49 -33.21 19.73
CA ASN D 213 16.28 -34.16 18.96
C ASN D 213 16.71 -33.49 17.67
N LYS D 214 17.21 -34.30 16.74
CA LYS D 214 17.37 -33.80 15.38
C LYS D 214 16.32 -34.34 14.43
N ARG D 215 15.58 -35.35 14.83
CA ARG D 215 14.32 -35.66 14.18
C ARG D 215 13.14 -35.12 14.98
N SER D 216 13.38 -34.11 15.80
CA SER D 216 12.29 -33.40 16.45
C SER D 216 12.45 -31.90 16.40
N TYR D 217 13.67 -31.37 16.35
CA TYR D 217 13.83 -29.93 16.14
C TYR D 217 13.67 -29.57 14.68
N LEU D 218 14.22 -30.39 13.79
CA LEU D 218 14.26 -30.04 12.38
C LEU D 218 12.87 -30.02 11.76
N ILE D 219 11.98 -30.87 12.25
CA ILE D 219 10.58 -30.80 11.86
C ILE D 219 9.97 -29.49 12.34
N ARG D 220 10.18 -29.16 13.62
CA ARG D 220 9.66 -27.91 14.14
C ARG D 220 10.34 -26.70 13.54
N ALA D 221 11.58 -26.86 13.07
CA ALA D 221 12.21 -25.77 12.36
C ALA D 221 11.62 -25.60 10.97
N LEU D 222 11.09 -26.66 10.38
CA LEU D 222 10.57 -26.64 9.02
C LEU D 222 9.07 -26.85 9.01
N THR D 223 8.40 -26.24 9.95
CA THR D 223 6.98 -26.45 10.14
C THR D 223 6.24 -25.21 9.70
N LEU D 224 5.18 -25.42 8.90
CA LEU D 224 4.32 -24.34 8.48
C LEU D 224 3.02 -24.56 9.21
N ASN D 225 2.50 -23.54 9.88
CA ASN D 225 1.22 -23.65 10.54
C ASN D 225 0.16 -23.34 9.49
N THR D 226 -0.91 -24.10 9.48
CA THR D 226 -1.94 -23.95 8.48
C THR D 226 -3.22 -23.44 9.13
N MET D 227 -3.57 -22.21 8.83
CA MET D 227 -4.78 -21.57 9.31
C MET D 227 -5.89 -21.85 8.29
N THR D 228 -6.98 -21.11 8.38
CA THR D 228 -7.92 -21.04 7.28
C THR D 228 -7.97 -19.60 6.79
N LYS D 229 -8.12 -19.41 5.49
CA LYS D 229 -8.21 -18.07 4.94
C LYS D 229 -9.54 -17.47 5.33
N ASP D 230 -9.57 -16.83 6.49
CA ASP D 230 -10.78 -16.15 6.94
C ASP D 230 -11.05 -14.92 6.09
N ALA D 231 -12.34 -14.68 5.85
CA ALA D 231 -12.85 -13.48 5.19
C ALA D 231 -12.31 -13.30 3.78
N GLU D 232 -12.12 -14.41 3.07
CA GLU D 232 -11.87 -14.33 1.64
C GLU D 232 -13.22 -14.18 0.98
N ARG D 233 -13.26 -13.50 -0.14
CA ARG D 233 -14.52 -13.24 -0.81
C ARG D 233 -14.47 -13.77 -2.23
N GLY D 234 -15.48 -14.53 -2.60
CA GLY D 234 -15.58 -14.99 -3.97
C GLY D 234 -15.35 -16.47 -4.08
N LYS D 235 -15.33 -17.16 -2.95
CA LYS D 235 -15.12 -18.59 -2.95
C LYS D 235 -16.09 -19.23 -1.97
N LEU D 236 -16.87 -20.19 -2.48
CA LEU D 236 -17.79 -20.92 -1.61
C LEU D 236 -17.02 -21.80 -0.63
N LYS D 237 -15.94 -22.40 -1.10
CA LYS D 237 -15.12 -23.20 -0.22
C LYS D 237 -14.18 -22.31 0.58
N ARG D 238 -13.20 -22.91 1.22
CA ARG D 238 -12.14 -22.11 1.83
C ARG D 238 -10.83 -22.70 1.37
N ARG D 239 -9.75 -22.26 1.99
CA ARG D 239 -8.44 -22.73 1.61
C ARG D 239 -7.54 -22.58 2.81
N ALA D 240 -6.42 -23.28 2.76
CA ALA D 240 -5.44 -23.12 3.81
C ALA D 240 -4.52 -21.97 3.48
N ILE D 241 -4.33 -21.09 4.44
CA ILE D 241 -3.27 -20.11 4.37
C ILE D 241 -2.16 -20.61 5.29
N ALA D 242 -0.93 -20.50 4.83
CA ALA D 242 0.18 -21.03 5.59
C ALA D 242 0.90 -19.93 6.32
N THR D 243 1.19 -20.17 7.58
CA THR D 243 1.98 -19.25 8.37
C THR D 243 3.38 -19.83 8.44
N PRO D 244 4.39 -19.13 7.92
CA PRO D 244 5.73 -19.70 7.92
C PRO D 244 6.28 -19.72 9.33
N GLY D 245 7.31 -20.52 9.52
CA GLY D 245 7.89 -20.65 10.84
C GLY D 245 8.69 -19.42 11.21
N MET D 246 9.45 -19.57 12.29
CA MET D 246 10.22 -18.42 12.71
C MET D 246 11.54 -18.35 11.95
N GLN D 247 12.20 -19.49 11.76
CA GLN D 247 13.48 -19.46 11.08
C GLN D 247 13.33 -19.18 9.60
N ILE D 248 12.18 -19.50 9.03
CA ILE D 248 12.04 -19.51 7.59
C ILE D 248 12.02 -18.10 7.03
N ARG D 249 11.23 -17.21 7.64
CA ARG D 249 11.02 -15.87 7.10
C ARG D 249 12.29 -15.02 7.11
N GLY D 250 13.23 -15.35 7.99
CA GLY D 250 14.54 -14.72 7.92
C GLY D 250 15.21 -14.93 6.59
N PHE D 251 15.18 -16.16 6.08
CA PHE D 251 15.70 -16.38 4.75
C PHE D 251 14.72 -15.90 3.69
N VAL D 252 13.43 -15.86 4.01
CA VAL D 252 12.46 -15.55 2.96
C VAL D 252 12.39 -14.06 2.73
N TYR D 253 12.79 -13.25 3.72
CA TYR D 253 12.79 -11.81 3.51
C TYR D 253 13.80 -11.42 2.43
N PHE D 254 14.95 -12.07 2.39
CA PHE D 254 15.91 -11.77 1.33
C PHE D 254 15.44 -12.27 -0.01
N VAL D 255 14.70 -13.38 -0.02
CA VAL D 255 14.26 -13.95 -1.28
C VAL D 255 13.17 -13.11 -1.91
N GLU D 256 12.22 -12.62 -1.11
CA GLU D 256 11.30 -11.68 -1.74
C GLU D 256 11.86 -10.27 -1.83
N THR D 257 13.00 -9.97 -1.19
CA THR D 257 13.65 -8.69 -1.44
C THR D 257 14.16 -8.64 -2.86
N LEU D 258 14.94 -9.65 -3.23
CA LEU D 258 15.44 -9.83 -4.59
C LEU D 258 14.31 -9.88 -5.60
N ALA D 259 13.30 -10.68 -5.31
CA ALA D 259 12.26 -10.97 -6.27
C ALA D 259 11.31 -9.81 -6.47
N ARG D 260 11.18 -8.93 -5.49
CA ARG D 260 10.44 -7.71 -5.71
C ARG D 260 11.29 -6.72 -6.50
N SER D 261 12.60 -6.75 -6.27
CA SER D 261 13.52 -5.88 -6.98
C SER D 261 13.58 -6.21 -8.46
N ILE D 262 13.31 -7.47 -8.83
CA ILE D 262 13.16 -7.83 -10.23
C ILE D 262 11.92 -7.18 -10.81
N CYS D 263 10.80 -7.26 -10.10
CA CYS D 263 9.52 -6.85 -10.69
C CYS D 263 9.37 -5.35 -10.78
N GLU D 264 10.12 -4.59 -9.98
CA GLU D 264 10.10 -3.15 -10.17
C GLU D 264 10.97 -2.73 -11.35
N LYS D 265 11.91 -3.55 -11.77
CA LYS D 265 12.65 -3.31 -13.00
C LYS D 265 11.96 -3.89 -14.21
N LEU D 266 11.08 -4.86 -14.03
CA LEU D 266 10.19 -5.31 -15.09
C LEU D 266 8.95 -4.46 -15.09
N GLU D 267 8.14 -4.61 -16.12
CA GLU D 267 7.02 -3.72 -16.33
C GLU D 267 5.70 -4.44 -16.55
N GLN D 268 5.59 -5.71 -16.17
CA GLN D 268 4.33 -6.41 -16.29
C GLN D 268 3.82 -6.97 -14.96
N SER D 269 4.56 -6.80 -13.87
CA SER D 269 4.09 -7.19 -12.56
C SER D 269 3.54 -5.95 -11.86
N GLY D 270 2.22 -5.92 -11.67
CA GLY D 270 1.67 -4.80 -10.94
C GLY D 270 1.77 -4.93 -9.43
N LEU D 271 2.11 -6.12 -8.95
CA LEU D 271 2.24 -6.46 -7.53
C LEU D 271 3.24 -5.73 -6.63
N PRO D 272 4.44 -5.30 -7.06
CA PRO D 272 5.34 -4.61 -6.10
C PRO D 272 4.88 -3.25 -5.64
N VAL D 273 3.78 -2.74 -6.19
CA VAL D 273 3.23 -1.44 -5.83
C VAL D 273 1.74 -1.62 -5.52
N GLY D 274 1.04 -0.52 -5.29
CA GLY D 274 -0.39 -0.53 -5.11
C GLY D 274 -1.14 -0.49 -6.44
N GLY D 275 -2.42 -0.16 -6.33
CA GLY D 275 -3.32 -0.35 -7.46
C GLY D 275 -3.24 0.72 -8.53
N ASN D 276 -2.71 1.90 -8.20
CA ASN D 276 -2.71 2.99 -9.17
C ASN D 276 -1.65 2.81 -10.23
N GLU D 277 -0.52 2.23 -9.86
CA GLU D 277 0.49 1.90 -10.86
C GLU D 277 0.05 0.71 -11.68
N LYS D 278 -0.84 -0.12 -11.12
CA LYS D 278 -1.38 -1.27 -11.85
C LYS D 278 -2.28 -0.83 -12.99
N LYS D 279 -3.05 0.25 -12.79
CA LYS D 279 -3.88 0.76 -13.87
C LYS D 279 -3.04 1.38 -14.98
N ALA D 280 -1.86 1.88 -14.64
CA ALA D 280 -0.95 2.37 -15.66
C ALA D 280 -0.42 1.21 -16.49
N LYS D 281 0.09 0.17 -15.81
CA LYS D 281 0.68 -0.99 -16.47
C LYS D 281 -0.35 -1.73 -17.30
N LEU D 282 -1.59 -1.76 -16.83
CA LEU D 282 -2.66 -2.42 -17.54
C LEU D 282 -2.89 -1.72 -18.85
N ALA D 283 -3.16 -0.42 -18.79
CA ALA D 283 -3.44 0.33 -19.99
C ALA D 283 -2.20 0.70 -20.77
N ASN D 284 -1.01 0.42 -20.22
CA ASN D 284 0.21 0.52 -21.01
C ASN D 284 0.20 -0.48 -22.14
N VAL D 285 0.00 -1.76 -21.82
CA VAL D 285 0.21 -2.80 -22.80
C VAL D 285 -0.98 -3.01 -23.72
N VAL D 286 -2.05 -2.27 -23.58
CA VAL D 286 -3.12 -2.42 -24.56
C VAL D 286 -2.68 -1.50 -25.68
N ARG D 287 -1.82 -0.55 -25.36
CA ARG D 287 -1.32 0.37 -26.35
C ARG D 287 -0.01 -0.17 -26.89
N LYS D 288 0.70 -0.94 -26.06
CA LYS D 288 1.93 -1.53 -26.52
C LYS D 288 1.59 -2.61 -27.53
N MET D 289 0.34 -3.08 -27.51
CA MET D 289 -0.03 -4.04 -28.53
C MET D 289 -0.66 -3.36 -29.73
N MET D 290 -0.81 -2.04 -29.71
CA MET D 290 -1.09 -1.26 -30.90
C MET D 290 0.17 -0.62 -31.47
N THR D 291 1.34 -1.12 -31.09
CA THR D 291 2.58 -0.68 -31.72
C THR D 291 2.74 -1.32 -33.09
N ASN D 292 2.66 -2.64 -33.17
CA ASN D 292 2.75 -3.35 -34.44
C ASN D 292 1.36 -3.64 -35.01
N SER D 293 0.40 -2.77 -34.73
CA SER D 293 -0.95 -2.91 -35.24
C SER D 293 -0.97 -2.58 -36.72
N GLN D 294 -0.93 -3.60 -37.57
CA GLN D 294 -0.76 -3.46 -39.01
C GLN D 294 -2.10 -3.12 -39.66
N ASP D 295 -2.16 -3.26 -40.99
CA ASP D 295 -3.42 -3.05 -41.70
C ASP D 295 -4.42 -4.16 -41.39
N THR D 296 -3.97 -5.40 -41.30
CA THR D 296 -4.84 -6.51 -40.91
C THR D 296 -4.12 -7.45 -39.93
N GLU D 297 -4.24 -7.15 -38.65
CA GLU D 297 -3.91 -8.11 -37.61
C GLU D 297 -5.20 -8.44 -36.89
N LEU D 298 -5.16 -9.48 -36.07
CA LEU D 298 -6.24 -9.77 -35.14
C LEU D 298 -5.64 -9.92 -33.76
N SER D 299 -6.13 -9.16 -32.81
CA SER D 299 -5.57 -9.12 -31.47
C SER D 299 -6.65 -9.52 -30.49
N PHE D 300 -6.66 -10.79 -30.08
CA PHE D 300 -7.54 -11.27 -29.04
C PHE D 300 -6.83 -11.18 -27.70
N THR D 301 -7.50 -10.65 -26.70
CA THR D 301 -6.98 -10.72 -25.35
C THR D 301 -7.54 -11.92 -24.64
N ILE D 302 -6.86 -12.31 -23.56
CA ILE D 302 -7.29 -13.42 -22.74
C ILE D 302 -7.45 -12.89 -21.33
N THR D 303 -8.64 -13.06 -20.77
CA THR D 303 -8.90 -12.66 -19.40
C THR D 303 -8.58 -13.86 -18.52
N GLY D 304 -7.30 -14.15 -18.41
CA GLY D 304 -6.85 -15.39 -17.83
C GLY D 304 -7.10 -15.47 -16.35
N ASP D 305 -6.95 -16.68 -15.84
CA ASP D 305 -6.77 -16.94 -14.42
C ASP D 305 -6.08 -18.28 -14.34
N ASN D 306 -5.33 -18.48 -13.28
CA ASN D 306 -4.60 -19.72 -13.12
C ASN D 306 -5.27 -20.54 -12.04
N THR D 307 -5.66 -21.77 -12.37
CA THR D 307 -6.34 -22.59 -11.40
C THR D 307 -5.32 -23.44 -10.65
N LYS D 308 -5.55 -23.59 -9.34
CA LYS D 308 -4.69 -24.30 -8.42
C LYS D 308 -3.25 -23.79 -8.49
N TRP D 309 -3.13 -22.47 -8.45
CA TRP D 309 -1.85 -21.80 -8.64
C TRP D 309 -0.85 -22.12 -7.55
N ASN D 310 -1.29 -22.40 -6.34
CA ASN D 310 -0.35 -22.61 -5.26
C ASN D 310 0.10 -24.04 -5.12
N GLU D 311 -0.76 -25.00 -5.41
CA GLU D 311 -0.33 -26.39 -5.34
C GLU D 311 0.61 -26.76 -6.46
N ASN D 312 0.48 -26.14 -7.64
CA ASN D 312 1.24 -26.55 -8.80
C ASN D 312 2.55 -25.81 -8.94
N GLN D 313 2.95 -25.03 -7.95
CA GLN D 313 4.32 -24.59 -7.91
C GLN D 313 5.18 -25.68 -7.30
N ASN D 314 6.46 -25.40 -7.15
CA ASN D 314 7.30 -26.32 -6.49
C ASN D 314 8.43 -25.39 -6.11
N PRO D 315 8.87 -25.36 -4.86
CA PRO D 315 10.07 -24.58 -4.54
C PRO D 315 11.35 -25.20 -5.05
N ARG D 316 11.31 -26.38 -5.67
CA ARG D 316 12.50 -26.87 -6.33
C ARG D 316 12.81 -26.10 -7.60
N MET D 317 11.80 -25.60 -8.32
CA MET D 317 12.18 -24.71 -9.40
C MET D 317 12.25 -23.27 -8.97
N PHE D 318 11.86 -22.94 -7.73
CA PHE D 318 12.28 -21.65 -7.19
C PHE D 318 13.76 -21.63 -6.97
N LEU D 319 14.31 -22.73 -6.45
CA LEU D 319 15.74 -22.88 -6.33
C LEU D 319 16.43 -22.88 -7.68
N ALA D 320 15.77 -23.39 -8.71
CA ALA D 320 16.31 -23.30 -10.06
C ALA D 320 16.35 -21.86 -10.53
N MET D 321 15.41 -21.03 -10.10
CA MET D 321 15.46 -19.63 -10.51
C MET D 321 16.51 -18.86 -9.75
N ILE D 322 16.49 -18.94 -8.41
CA ILE D 322 17.45 -18.12 -7.67
C ILE D 322 18.83 -18.75 -7.59
N THR D 323 19.07 -19.87 -8.28
CA THR D 323 20.45 -20.24 -8.58
C THR D 323 20.86 -19.58 -9.88
N TYR D 324 19.90 -19.27 -10.73
CA TYR D 324 20.22 -18.71 -12.03
C TYR D 324 20.20 -17.19 -12.01
N ILE D 325 19.39 -16.56 -11.17
CA ILE D 325 19.31 -15.11 -11.23
C ILE D 325 20.33 -14.55 -10.25
N THR D 326 21.14 -15.43 -9.69
CA THR D 326 22.32 -15.02 -8.98
C THR D 326 23.54 -15.59 -9.68
N ARG D 327 23.57 -15.54 -11.01
CA ARG D 327 24.78 -15.96 -11.72
C ARG D 327 25.94 -15.08 -11.36
N ASN D 328 27.13 -15.71 -11.32
CA ASN D 328 28.46 -15.19 -11.02
C ASN D 328 28.50 -14.14 -9.90
N GLN D 329 27.69 -14.38 -8.88
CA GLN D 329 27.57 -13.64 -7.64
C GLN D 329 28.46 -14.27 -6.60
N PRO D 330 28.77 -13.59 -5.50
CA PRO D 330 29.63 -14.20 -4.47
C PRO D 330 29.04 -15.44 -3.84
N GLU D 331 29.94 -16.22 -3.25
CA GLU D 331 29.57 -17.55 -2.74
C GLU D 331 28.64 -17.45 -1.54
N TRP D 332 28.88 -16.46 -0.67
CA TRP D 332 28.01 -16.30 0.49
C TRP D 332 26.63 -15.78 0.09
N PHE D 333 26.56 -15.00 -0.98
CA PHE D 333 25.28 -14.39 -1.33
C PHE D 333 24.39 -15.38 -2.04
N ARG D 334 24.95 -16.15 -2.97
CA ARG D 334 24.19 -17.20 -3.62
C ARG D 334 23.80 -18.28 -2.63
N ASN D 335 24.56 -18.43 -1.55
CA ASN D 335 24.19 -19.42 -0.57
C ASN D 335 23.01 -18.95 0.26
N VAL D 336 23.02 -17.70 0.71
CA VAL D 336 22.02 -17.25 1.69
C VAL D 336 20.66 -17.08 1.06
N LEU D 337 20.59 -16.77 -0.23
CA LEU D 337 19.29 -16.80 -0.90
C LEU D 337 18.80 -18.20 -1.13
N SER D 338 19.69 -19.19 -1.07
CA SER D 338 19.34 -20.54 -1.45
C SER D 338 18.76 -21.36 -0.32
N ILE D 339 18.84 -20.89 0.92
CA ILE D 339 18.28 -21.70 2.00
C ILE D 339 16.75 -21.70 1.95
N ALA D 340 16.16 -20.58 1.57
CA ALA D 340 14.71 -20.52 1.63
C ALA D 340 13.99 -21.40 0.61
N PRO D 341 14.41 -21.54 -0.66
CA PRO D 341 13.79 -22.58 -1.48
C PRO D 341 14.19 -23.98 -1.08
N ILE D 342 15.23 -24.15 -0.28
CA ILE D 342 15.51 -25.48 0.26
C ILE D 342 14.53 -25.81 1.37
N MET D 343 14.43 -24.97 2.38
CA MET D 343 13.50 -25.28 3.44
C MET D 343 12.07 -24.87 3.12
N PHE D 344 11.73 -24.56 1.88
CA PHE D 344 10.36 -24.79 1.48
C PHE D 344 10.21 -26.14 0.81
N SER D 345 11.26 -26.66 0.23
CA SER D 345 11.15 -27.94 -0.45
C SER D 345 11.36 -29.10 0.50
N ASN D 346 11.37 -28.85 1.79
CA ASN D 346 11.28 -29.91 2.78
C ASN D 346 10.27 -29.55 3.84
N LYS D 347 9.35 -28.63 3.54
CA LYS D 347 8.49 -28.08 4.56
C LYS D 347 7.42 -29.07 4.95
N MET D 348 6.90 -28.89 6.16
CA MET D 348 6.04 -29.88 6.79
C MET D 348 4.89 -29.15 7.44
N ALA D 349 3.76 -29.10 6.77
CA ALA D 349 2.61 -28.38 7.26
C ALA D 349 2.01 -29.09 8.46
N ARG D 350 1.66 -28.34 9.50
CA ARG D 350 0.84 -28.97 10.51
C ARG D 350 -0.58 -29.12 10.02
N LEU D 351 -1.37 -29.85 10.80
CA LEU D 351 -2.72 -30.15 10.39
C LEU D 351 -3.74 -29.37 11.20
N GLY D 352 -3.39 -28.20 11.70
CA GLY D 352 -4.36 -27.38 12.41
C GLY D 352 -4.79 -27.96 13.74
N LYS D 353 -6.06 -27.72 14.08
CA LYS D 353 -6.57 -28.12 15.39
C LYS D 353 -6.97 -29.60 15.44
N GLY D 354 -7.92 -29.99 14.62
CA GLY D 354 -8.36 -31.36 14.68
C GLY D 354 -9.81 -31.45 14.25
N TYR D 355 -10.61 -32.11 15.07
CA TYR D 355 -12.01 -32.32 14.77
C TYR D 355 -12.79 -32.42 16.06
N MET D 356 -14.02 -31.93 16.02
CA MET D 356 -14.89 -31.96 17.19
C MET D 356 -15.87 -33.10 16.98
N PHE D 357 -15.89 -34.05 17.91
CA PHE D 357 -16.77 -35.21 17.81
C PHE D 357 -18.04 -34.99 18.62
N GLU D 358 -19.07 -35.76 18.28
CA GLU D 358 -20.37 -35.54 18.91
C GLU D 358 -21.01 -36.86 19.22
N SER D 359 -21.49 -37.00 20.46
CA SER D 359 -22.28 -38.16 20.83
C SER D 359 -23.75 -37.89 20.57
N LYS D 360 -24.36 -38.76 19.79
CA LYS D 360 -25.79 -38.70 19.56
C LYS D 360 -26.54 -39.52 20.61
N SER D 361 -25.81 -40.25 21.45
CA SER D 361 -26.43 -40.96 22.57
C SER D 361 -26.12 -40.29 23.90
N MET D 362 -24.85 -40.12 24.22
CA MET D 362 -24.49 -39.57 25.52
C MET D 362 -24.56 -38.05 25.55
N LYS D 363 -24.81 -37.42 24.39
CA LYS D 363 -24.91 -35.97 24.23
C LYS D 363 -23.64 -35.26 24.71
N LEU D 364 -22.51 -35.74 24.23
CA LEU D 364 -21.21 -35.24 24.66
C LEU D 364 -20.44 -34.79 23.43
N ARG D 365 -19.66 -33.73 23.58
CA ARG D 365 -18.70 -33.36 22.56
C ARG D 365 -17.28 -33.46 23.13
N THR D 366 -16.34 -33.66 22.23
CA THR D 366 -14.92 -33.60 22.57
C THR D 366 -14.17 -33.30 21.29
N GLN D 367 -12.91 -32.94 21.42
CA GLN D 367 -12.10 -32.76 20.24
C GLN D 367 -10.70 -33.30 20.48
N ILE D 368 -10.22 -34.02 19.47
CA ILE D 368 -8.88 -34.57 19.48
C ILE D 368 -7.93 -33.52 18.94
N PRO D 369 -6.65 -33.58 19.24
CA PRO D 369 -5.69 -32.78 18.50
C PRO D 369 -5.50 -33.35 17.09
N ALA D 370 -4.76 -32.61 16.28
CA ALA D 370 -4.47 -33.11 14.95
C ALA D 370 -3.38 -34.16 14.95
N GLU D 371 -2.68 -34.33 16.07
CA GLU D 371 -1.55 -35.26 16.10
C GLU D 371 -2.02 -36.70 16.26
N MET D 372 -3.20 -36.90 16.85
CA MET D 372 -3.71 -38.25 17.04
C MET D 372 -4.16 -38.91 15.75
N LEU D 373 -4.17 -38.19 14.63
CA LEU D 373 -4.63 -38.72 13.34
C LEU D 373 -3.75 -39.81 12.78
N ALA D 374 -2.56 -40.02 13.34
CA ALA D 374 -1.78 -41.19 12.98
C ALA D 374 -2.44 -42.47 13.48
N SER D 375 -3.17 -42.40 14.59
CA SER D 375 -3.75 -43.58 15.22
C SER D 375 -5.15 -43.26 15.71
N ILE D 376 -6.14 -43.53 14.87
CA ILE D 376 -7.55 -43.29 15.20
C ILE D 376 -8.36 -44.46 14.64
N ASP D 377 -9.30 -44.98 15.44
CA ASP D 377 -10.35 -45.84 14.91
C ASP D 377 -11.09 -45.06 13.83
N LEU D 378 -10.90 -45.49 12.60
CA LEU D 378 -11.27 -44.75 11.41
C LEU D 378 -12.78 -44.67 11.20
N LYS D 379 -13.56 -45.45 11.95
CA LYS D 379 -15.01 -45.31 11.90
C LYS D 379 -15.51 -44.13 12.73
N TYR D 380 -14.62 -43.31 13.29
CA TYR D 380 -15.06 -42.09 13.95
C TYR D 380 -15.42 -41.00 12.96
N PHE D 381 -15.02 -41.16 11.70
CA PHE D 381 -15.08 -40.12 10.70
C PHE D 381 -16.18 -40.41 9.70
N ASN D 382 -16.74 -39.37 9.09
CA ASN D 382 -17.69 -39.62 8.02
C ASN D 382 -16.96 -39.99 6.73
N GLU D 383 -17.74 -40.31 5.70
CA GLU D 383 -17.20 -40.93 4.50
C GLU D 383 -16.33 -40.01 3.67
N SER D 384 -16.46 -38.69 3.86
CA SER D 384 -15.63 -37.76 3.09
C SER D 384 -14.28 -37.60 3.75
N THR D 385 -14.29 -37.38 5.07
CA THR D 385 -13.05 -37.14 5.79
C THR D 385 -12.21 -38.40 5.86
N ARG D 386 -12.87 -39.56 5.93
CA ARG D 386 -12.18 -40.84 5.94
C ARG D 386 -11.37 -41.05 4.68
N LYS D 387 -11.85 -40.52 3.55
CA LYS D 387 -11.08 -40.57 2.33
C LYS D 387 -9.85 -39.68 2.41
N LYS D 388 -9.93 -38.58 3.15
CA LYS D 388 -8.84 -37.61 3.16
C LYS D 388 -7.70 -38.06 4.06
N ILE D 389 -8.00 -38.79 5.13
CA ILE D 389 -6.92 -39.26 6.00
C ILE D 389 -6.12 -40.36 5.30
N GLU D 390 -6.80 -41.34 4.71
CA GLU D 390 -6.13 -42.51 4.12
C GLU D 390 -5.18 -42.15 2.99
N LYS D 391 -5.39 -41.05 2.31
CA LYS D 391 -4.49 -40.65 1.25
C LYS D 391 -3.29 -39.86 1.76
N ILE D 392 -3.29 -39.41 3.02
CA ILE D 392 -2.10 -38.79 3.60
C ILE D 392 -1.73 -39.36 4.96
N ARG D 393 -2.40 -40.40 5.43
CA ARG D 393 -1.86 -41.14 6.58
C ARG D 393 -0.44 -41.67 6.36
N PRO D 394 0.03 -42.03 5.15
CA PRO D 394 1.48 -42.20 4.99
C PRO D 394 2.29 -40.94 5.16
N LEU D 395 1.69 -39.76 5.06
CA LEU D 395 2.47 -38.53 5.10
C LEU D 395 2.51 -37.88 6.48
N LEU D 396 1.77 -38.41 7.46
CA LEU D 396 1.89 -37.88 8.82
C LEU D 396 3.23 -38.23 9.42
N ILE D 397 4.04 -37.21 9.68
CA ILE D 397 5.26 -37.36 10.43
C ILE D 397 5.17 -36.39 11.60
N ASP D 398 5.10 -36.94 12.82
CA ASP D 398 5.20 -36.20 14.08
C ASP D 398 4.06 -35.20 14.24
N GLY D 399 2.91 -35.54 13.65
CA GLY D 399 1.74 -34.67 13.66
C GLY D 399 1.70 -33.64 12.56
N THR D 400 2.70 -33.61 11.71
CA THR D 400 2.75 -32.75 10.55
C THR D 400 2.43 -33.55 9.31
N ALA D 401 2.67 -32.98 8.14
CA ALA D 401 2.48 -33.69 6.90
C ALA D 401 3.54 -33.22 5.93
N SER D 402 4.30 -34.15 5.37
CA SER D 402 5.42 -33.78 4.52
C SER D 402 4.90 -33.32 3.17
N LEU D 403 4.99 -32.03 2.93
CA LEU D 403 4.49 -31.41 1.72
C LEU D 403 5.66 -30.71 1.04
N SER D 404 6.43 -31.45 0.29
CA SER D 404 7.46 -30.79 -0.51
C SER D 404 7.02 -30.23 -1.85
N PRO D 405 6.15 -30.86 -2.64
CA PRO D 405 5.60 -30.14 -3.77
C PRO D 405 4.68 -29.03 -3.31
N GLY D 406 4.61 -27.99 -4.13
CA GLY D 406 3.65 -26.93 -3.91
C GLY D 406 4.03 -25.94 -2.84
N MET D 407 3.65 -24.69 -3.07
CA MET D 407 3.54 -23.68 -2.04
C MET D 407 2.10 -23.64 -1.58
N MET D 408 1.78 -22.66 -0.76
CA MET D 408 0.41 -22.31 -0.41
C MET D 408 0.39 -20.89 0.12
N MET D 409 -0.80 -20.33 0.29
CA MET D 409 -0.94 -18.91 0.68
C MET D 409 -0.21 -18.38 1.90
N GLY D 410 -0.11 -17.05 2.00
CA GLY D 410 0.51 -16.42 3.15
C GLY D 410 1.96 -16.75 3.40
N MET D 411 2.63 -17.35 2.42
CA MET D 411 4.00 -17.75 2.61
C MET D 411 4.94 -16.92 1.78
N PHE D 412 4.68 -16.85 0.47
CA PHE D 412 5.63 -16.16 -0.40
C PHE D 412 5.06 -15.94 -1.81
N ASN D 413 5.20 -14.72 -2.34
CA ASN D 413 4.74 -14.46 -3.69
C ASN D 413 5.96 -13.90 -4.41
N MET D 414 5.75 -13.25 -5.55
CA MET D 414 6.68 -12.31 -6.16
C MET D 414 7.94 -12.94 -6.72
N LEU D 415 8.17 -14.22 -6.49
CA LEU D 415 9.16 -14.96 -7.24
C LEU D 415 8.52 -15.92 -8.22
N SER D 416 7.41 -16.53 -7.84
CA SER D 416 6.60 -17.24 -8.81
C SER D 416 5.94 -16.29 -9.80
N THR D 417 5.80 -15.03 -9.46
CA THR D 417 5.34 -14.06 -10.44
C THR D 417 6.42 -13.75 -11.46
N VAL D 418 7.67 -13.64 -10.99
CA VAL D 418 8.84 -13.51 -11.87
C VAL D 418 8.89 -14.67 -12.85
N LEU D 419 8.61 -15.87 -12.36
CA LEU D 419 8.42 -17.02 -13.24
C LEU D 419 7.27 -16.78 -14.20
N GLY D 420 6.12 -16.38 -13.66
CA GLY D 420 4.92 -16.24 -14.46
C GLY D 420 5.00 -15.13 -15.49
N VAL D 421 5.80 -14.10 -15.24
CA VAL D 421 5.98 -13.07 -16.25
C VAL D 421 7.05 -13.46 -17.26
N SER D 422 7.95 -14.38 -16.90
CA SER D 422 9.01 -14.75 -17.83
C SER D 422 8.47 -15.57 -18.99
N ILE D 423 7.37 -16.29 -18.79
CA ILE D 423 6.69 -16.90 -19.91
C ILE D 423 6.03 -15.83 -20.75
N LEU D 424 5.51 -14.79 -20.10
CA LEU D 424 4.96 -13.67 -20.84
C LEU D 424 6.05 -12.85 -21.51
N ASN D 425 7.28 -12.92 -21.01
CA ASN D 425 8.41 -12.37 -21.74
C ASN D 425 8.64 -13.11 -23.05
N LEU D 426 8.44 -14.42 -23.05
CA LEU D 426 8.76 -15.26 -24.20
C LEU D 426 7.87 -14.99 -25.40
N GLY D 427 6.73 -14.37 -25.21
CA GLY D 427 5.93 -14.01 -26.36
C GLY D 427 6.34 -12.80 -27.13
N GLN D 428 7.41 -12.13 -26.69
CA GLN D 428 8.02 -11.07 -27.47
C GLN D 428 8.49 -11.65 -28.80
N LYS D 429 8.27 -10.90 -29.89
CA LYS D 429 8.31 -11.46 -31.24
C LYS D 429 9.69 -11.97 -31.63
N ARG D 430 10.75 -11.38 -31.06
CA ARG D 430 12.10 -11.85 -31.26
C ARG D 430 12.31 -13.29 -30.78
N TYR D 431 11.45 -13.78 -29.90
CA TYR D 431 11.57 -15.12 -29.34
C TYR D 431 10.63 -16.13 -29.96
N THR D 432 9.51 -15.70 -30.51
CA THR D 432 8.59 -16.66 -31.08
C THR D 432 9.07 -17.15 -32.43
N LYS D 433 9.55 -16.23 -33.26
CA LYS D 433 9.97 -16.46 -34.65
C LYS D 433 8.84 -17.04 -35.48
N THR D 434 7.60 -16.65 -35.17
CA THR D 434 6.41 -17.04 -35.92
C THR D 434 5.47 -15.84 -35.85
N THR D 435 4.38 -15.88 -36.60
CA THR D 435 3.48 -14.73 -36.74
C THR D 435 2.77 -14.37 -35.45
N TYR D 436 2.34 -15.34 -34.66
CA TYR D 436 1.67 -15.06 -33.39
C TYR D 436 2.69 -14.55 -32.37
N TRP D 437 2.25 -13.61 -31.55
CA TRP D 437 3.08 -13.16 -30.44
C TRP D 437 2.15 -12.60 -29.38
N TRP D 438 2.56 -12.70 -28.12
CA TRP D 438 1.68 -12.30 -27.02
C TRP D 438 2.44 -11.43 -26.05
N ASP D 439 1.68 -10.69 -25.26
CA ASP D 439 2.20 -10.12 -24.02
C ASP D 439 1.02 -10.01 -23.07
N GLY D 440 1.29 -9.50 -21.87
CA GLY D 440 0.23 -9.37 -20.88
C GLY D 440 0.81 -8.96 -19.55
N LEU D 441 0.10 -9.33 -18.49
CA LEU D 441 0.57 -9.09 -17.14
C LEU D 441 0.40 -10.35 -16.32
N GLN D 442 1.02 -10.36 -15.16
CA GLN D 442 0.92 -11.49 -14.27
C GLN D 442 0.87 -10.96 -12.85
N SER D 443 -0.27 -11.11 -12.20
CA SER D 443 -0.42 -10.86 -10.78
C SER D 443 -0.01 -12.10 -10.01
N SER D 444 -0.52 -12.26 -8.80
CA SER D 444 -0.31 -13.46 -8.02
C SER D 444 -0.78 -14.68 -8.81
N ASP D 445 -2.07 -14.77 -9.10
CA ASP D 445 -2.57 -15.87 -9.91
C ASP D 445 -3.52 -15.42 -11.00
N ASP D 446 -4.09 -14.24 -10.91
CA ASP D 446 -4.99 -13.75 -11.93
C ASP D 446 -4.17 -13.02 -12.96
N PHE D 447 -4.05 -13.58 -14.16
CA PHE D 447 -3.29 -12.88 -15.16
C PHE D 447 -4.23 -12.35 -16.23
N ALA D 448 -3.67 -11.57 -17.14
CA ALA D 448 -4.36 -11.19 -18.36
C ALA D 448 -3.34 -11.26 -19.46
N LEU D 449 -3.75 -11.79 -20.60
CA LEU D 449 -2.86 -12.01 -21.73
C LEU D 449 -3.46 -11.34 -22.94
N ILE D 450 -2.62 -10.73 -23.76
CA ILE D 450 -3.06 -10.23 -25.06
C ILE D 450 -2.12 -10.77 -26.12
N VAL D 451 -2.68 -11.54 -27.04
CA VAL D 451 -1.95 -12.22 -28.10
C VAL D 451 -2.45 -11.66 -29.42
N ASN D 452 -1.59 -11.66 -30.44
CA ASN D 452 -2.05 -11.26 -31.76
C ASN D 452 -1.31 -12.01 -32.85
N ALA D 453 -2.01 -12.19 -33.95
CA ALA D 453 -1.69 -13.10 -35.05
C ALA D 453 -2.64 -12.77 -36.19
N PRO D 454 -2.24 -12.96 -37.46
CA PRO D 454 -3.00 -12.37 -38.57
C PRO D 454 -4.33 -13.04 -38.90
N ASN D 455 -4.68 -14.17 -38.28
CA ASN D 455 -6.02 -14.72 -38.40
C ASN D 455 -6.33 -15.53 -37.15
N HIS D 456 -7.57 -16.05 -37.09
CA HIS D 456 -8.00 -16.84 -35.94
C HIS D 456 -7.18 -18.10 -35.79
N GLU D 457 -6.74 -18.69 -36.90
CA GLU D 457 -5.90 -19.88 -36.86
C GLU D 457 -4.57 -19.57 -36.20
N GLY D 458 -4.06 -18.36 -36.36
CA GLY D 458 -2.82 -18.00 -35.70
C GLY D 458 -3.00 -17.82 -34.21
N ILE D 459 -4.09 -17.15 -33.81
CA ILE D 459 -4.35 -16.90 -32.39
C ILE D 459 -4.61 -18.21 -31.67
N GLN D 460 -5.45 -19.06 -32.27
CA GLN D 460 -5.63 -20.43 -31.79
C GLN D 460 -4.32 -21.18 -31.71
N ALA D 461 -3.42 -20.98 -32.66
CA ALA D 461 -2.08 -21.52 -32.56
C ALA D 461 -1.18 -20.70 -31.66
N GLY D 462 -1.63 -19.54 -31.21
CA GLY D 462 -0.81 -18.73 -30.33
C GLY D 462 -1.22 -18.87 -28.88
N VAL D 463 -2.52 -19.09 -28.66
CA VAL D 463 -3.03 -19.29 -27.31
C VAL D 463 -2.47 -20.57 -26.72
N ASP D 464 -2.54 -21.66 -27.48
CA ASP D 464 -2.14 -22.95 -26.94
C ASP D 464 -0.63 -23.08 -26.80
N ARG D 465 0.12 -22.41 -27.68
CA ARG D 465 1.57 -22.32 -27.52
C ARG D 465 1.94 -21.69 -26.20
N PHE D 466 1.21 -20.65 -25.81
CA PHE D 466 1.34 -20.11 -24.47
C PHE D 466 0.92 -21.11 -23.41
N TYR D 467 -0.23 -21.76 -23.61
CA TYR D 467 -0.75 -22.69 -22.63
C TYR D 467 0.15 -23.90 -22.47
N ARG D 468 0.71 -24.39 -23.57
CA ARG D 468 1.67 -25.47 -23.48
C ARG D 468 3.04 -24.97 -23.06
N THR D 469 3.29 -23.67 -23.05
CA THR D 469 4.50 -23.17 -22.44
C THR D 469 4.35 -23.10 -20.94
N CYS D 470 3.20 -22.61 -20.46
CA CYS D 470 2.96 -22.55 -19.04
C CYS D 470 2.84 -23.93 -18.42
N LYS D 471 2.44 -24.93 -19.20
CA LYS D 471 2.42 -26.29 -18.67
C LYS D 471 3.81 -26.82 -18.41
N LEU D 472 4.84 -26.28 -19.06
CA LEU D 472 6.18 -26.77 -18.84
C LEU D 472 6.72 -26.36 -17.49
N VAL D 473 6.09 -25.41 -16.82
CA VAL D 473 6.59 -24.85 -15.57
C VAL D 473 5.56 -24.94 -14.45
N GLY D 474 4.49 -25.68 -14.66
CA GLY D 474 3.51 -25.84 -13.60
C GLY D 474 2.53 -24.70 -13.46
N ILE D 475 2.44 -23.82 -14.45
CA ILE D 475 1.43 -22.78 -14.46
C ILE D 475 0.24 -23.31 -15.24
N ASN D 476 -0.88 -23.49 -14.58
CA ASN D 476 -2.03 -24.16 -15.19
C ASN D 476 -3.16 -23.15 -15.25
N MET D 477 -3.49 -22.68 -16.44
CA MET D 477 -4.47 -21.61 -16.47
C MET D 477 -5.88 -22.18 -16.36
N SER D 478 -6.74 -21.44 -15.66
CA SER D 478 -8.09 -21.89 -15.38
C SER D 478 -8.89 -21.94 -16.64
N LYS D 479 -9.22 -23.14 -17.07
CA LYS D 479 -10.09 -23.24 -18.23
C LYS D 479 -11.53 -22.93 -17.87
N LYS D 480 -11.89 -23.06 -16.60
CA LYS D 480 -13.20 -22.61 -16.14
C LYS D 480 -13.32 -21.11 -16.24
N LYS D 481 -12.48 -20.40 -15.50
CA LYS D 481 -12.68 -18.98 -15.19
C LYS D 481 -11.89 -18.06 -16.08
N SER D 482 -11.69 -18.41 -17.34
CA SER D 482 -11.04 -17.50 -18.26
C SER D 482 -11.70 -17.61 -19.61
N TYR D 483 -11.40 -16.63 -20.46
CA TYR D 483 -12.04 -16.54 -21.76
C TYR D 483 -11.20 -15.64 -22.65
N ILE D 484 -11.54 -15.62 -23.93
CA ILE D 484 -10.89 -14.71 -24.86
C ILE D 484 -11.93 -13.80 -25.48
N ASN D 485 -11.48 -12.64 -25.93
CA ASN D 485 -12.22 -11.68 -26.74
C ASN D 485 -11.21 -10.69 -27.30
N ARG D 486 -11.68 -9.73 -28.09
CA ARG D 486 -10.77 -8.76 -28.70
C ARG D 486 -10.27 -7.78 -27.66
N THR D 487 -9.42 -6.87 -28.10
CA THR D 487 -8.83 -5.90 -27.19
C THR D 487 -9.88 -4.94 -26.63
N GLY D 488 -9.57 -4.39 -25.47
CA GLY D 488 -10.39 -3.38 -24.86
C GLY D 488 -11.31 -3.88 -23.78
N THR D 489 -11.48 -5.20 -23.65
CA THR D 489 -12.37 -5.75 -22.63
C THR D 489 -11.67 -6.92 -21.97
N PHE D 490 -11.22 -6.72 -20.73
CA PHE D 490 -10.71 -7.80 -19.90
C PHE D 490 -10.78 -7.35 -18.44
N GLU D 491 -10.21 -8.15 -17.56
CA GLU D 491 -10.01 -7.74 -16.19
C GLU D 491 -8.68 -8.29 -15.74
N PHE D 492 -8.20 -7.76 -14.61
CA PHE D 492 -6.91 -8.17 -14.07
C PHE D 492 -6.91 -7.80 -12.60
N THR D 493 -7.03 -8.80 -11.73
CA THR D 493 -7.36 -8.65 -10.31
C THR D 493 -8.52 -7.68 -10.11
N SER D 494 -9.57 -7.94 -10.88
CA SER D 494 -10.84 -7.24 -10.88
C SER D 494 -10.71 -5.78 -11.26
N PHE D 495 -9.63 -5.38 -11.95
CA PHE D 495 -9.54 -4.03 -12.51
C PHE D 495 -10.11 -4.12 -13.91
N PHE D 496 -11.40 -3.87 -14.01
CA PHE D 496 -12.10 -4.11 -15.27
C PHE D 496 -11.73 -3.03 -16.27
N TYR D 497 -11.80 -3.34 -17.55
CA TYR D 497 -11.29 -2.47 -18.59
C TYR D 497 -12.30 -2.40 -19.71
N ARG D 498 -12.81 -1.20 -19.97
CA ARG D 498 -13.84 -1.00 -20.97
C ARG D 498 -13.28 -0.04 -22.00
N TYR D 499 -12.75 -0.59 -23.10
CA TYR D 499 -12.29 0.15 -24.27
C TYR D 499 -11.20 1.17 -24.00
N GLY D 500 -10.58 1.13 -22.83
CA GLY D 500 -9.60 2.13 -22.51
C GLY D 500 -9.72 2.69 -21.11
N PHE D 501 -10.93 2.82 -20.59
CA PHE D 501 -11.12 3.48 -19.31
C PHE D 501 -11.51 2.44 -18.26
N VAL D 502 -10.64 2.27 -17.28
CA VAL D 502 -10.82 1.29 -16.23
C VAL D 502 -11.92 1.76 -15.28
N ALA D 503 -12.74 0.82 -14.83
CA ALA D 503 -13.49 0.96 -13.60
C ALA D 503 -12.76 0.09 -12.60
N ASN D 504 -12.38 0.66 -11.46
CA ASN D 504 -11.59 -0.10 -10.48
C ASN D 504 -12.42 -1.25 -9.91
N PHE D 505 -13.35 -0.93 -9.02
CA PHE D 505 -14.27 -1.87 -8.36
C PHE D 505 -13.61 -3.16 -7.88
N SER D 506 -12.44 -3.01 -7.29
CA SER D 506 -11.68 -4.10 -6.68
C SER D 506 -11.15 -3.60 -5.35
N MET D 507 -11.32 -4.42 -4.30
CA MET D 507 -11.32 -3.97 -2.92
C MET D 507 -12.30 -2.80 -2.84
N GLU D 508 -13.59 -3.10 -3.01
CA GLU D 508 -14.61 -2.10 -3.28
C GLU D 508 -14.73 -1.08 -2.15
N LEU D 509 -15.27 -1.51 -1.02
CA LEU D 509 -15.42 -0.74 0.19
C LEU D 509 -15.70 -1.67 1.36
N PRO D 510 -14.73 -2.39 1.88
CA PRO D 510 -15.01 -3.15 3.09
C PRO D 510 -15.05 -2.25 4.30
N SER D 511 -14.55 -1.02 4.20
CA SER D 511 -14.46 -0.25 5.43
C SER D 511 -15.37 0.98 5.49
N PHE D 512 -15.02 2.06 4.77
CA PHE D 512 -15.66 3.37 4.79
C PHE D 512 -16.29 3.82 6.11
N GLY D 513 -15.57 3.68 7.21
CA GLY D 513 -16.25 3.92 8.46
C GLY D 513 -15.32 3.91 9.64
N VAL D 514 -15.87 3.64 10.82
CA VAL D 514 -15.09 3.72 12.04
C VAL D 514 -14.26 2.45 12.20
N SER D 515 -13.01 2.52 11.78
CA SER D 515 -12.05 1.45 12.00
C SER D 515 -11.23 1.77 13.24
N GLY D 516 -11.88 1.56 14.39
CA GLY D 516 -11.43 2.13 15.65
C GLY D 516 -10.04 1.74 16.11
N ILE D 517 -9.13 2.68 15.92
CA ILE D 517 -7.80 2.63 16.49
C ILE D 517 -7.72 3.49 17.74
N ASN D 518 -8.41 4.63 17.71
CA ASN D 518 -8.41 5.64 18.75
C ASN D 518 -9.78 6.26 18.68
N GLU D 519 -9.95 7.46 19.21
CA GLU D 519 -11.19 8.19 19.00
C GLU D 519 -11.01 9.35 18.05
N SER D 520 -9.84 9.98 18.04
CA SER D 520 -9.54 10.96 17.01
C SER D 520 -8.87 10.32 15.81
N ALA D 521 -7.97 9.39 16.04
CA ALA D 521 -7.18 8.84 14.96
C ALA D 521 -7.93 7.81 14.14
N ASP D 522 -9.18 7.53 14.45
CA ASP D 522 -10.05 6.89 13.48
C ASP D 522 -11.01 7.86 12.85
N MET D 523 -10.96 9.13 13.24
CA MET D 523 -11.55 10.14 12.40
C MET D 523 -10.53 10.68 11.43
N SER D 524 -9.30 10.88 11.89
CA SER D 524 -8.25 11.38 11.02
C SER D 524 -7.91 10.36 9.95
N ILE D 525 -7.99 9.07 10.29
CA ILE D 525 -7.94 8.05 9.25
C ILE D 525 -9.31 7.81 8.66
N GLY D 526 -10.35 8.27 9.33
CA GLY D 526 -11.68 8.11 8.80
C GLY D 526 -11.87 8.99 7.59
N VAL D 527 -11.64 10.29 7.74
CA VAL D 527 -11.76 11.20 6.61
C VAL D 527 -10.60 11.08 5.63
N THR D 528 -9.57 10.32 5.96
CA THR D 528 -8.50 10.04 5.02
C THR D 528 -8.90 8.95 4.05
N VAL D 529 -9.64 7.95 4.53
CA VAL D 529 -10.14 6.89 3.67
C VAL D 529 -11.11 7.42 2.62
N ILE D 530 -11.95 8.39 2.96
CA ILE D 530 -12.75 9.03 1.93
C ILE D 530 -11.86 9.87 1.04
N LYS D 531 -10.81 10.49 1.59
CA LYS D 531 -9.89 11.26 0.76
C LYS D 531 -9.11 10.37 -0.20
N ASN D 532 -8.44 9.34 0.34
CA ASN D 532 -7.59 8.51 -0.50
C ASN D 532 -8.37 7.73 -1.53
N ASN D 533 -9.59 7.34 -1.22
CA ASN D 533 -10.32 6.57 -2.21
C ASN D 533 -11.00 7.44 -3.25
N MET D 534 -10.97 8.77 -3.13
CA MET D 534 -11.36 9.59 -4.27
C MET D 534 -10.29 9.61 -5.32
N ILE D 535 -9.09 9.16 -4.98
CA ILE D 535 -7.94 9.18 -5.85
C ILE D 535 -7.64 7.76 -6.30
N ASN D 536 -7.36 6.89 -5.35
CA ASN D 536 -6.94 5.53 -5.63
C ASN D 536 -8.10 4.69 -6.14
N ASN D 537 -9.12 4.52 -5.33
CA ASN D 537 -10.18 3.58 -5.62
C ASN D 537 -11.38 4.22 -6.27
N ASP D 538 -11.28 5.51 -6.59
CA ASP D 538 -12.17 6.19 -7.52
C ASP D 538 -13.63 6.23 -7.05
N LEU D 539 -13.88 6.88 -5.93
CA LEU D 539 -15.25 7.27 -5.69
C LEU D 539 -15.42 8.76 -5.96
N GLY D 540 -16.57 9.10 -6.52
CA GLY D 540 -16.80 10.44 -7.00
C GLY D 540 -17.13 11.43 -5.92
N PRO D 541 -17.66 12.58 -6.31
CA PRO D 541 -17.88 13.66 -5.37
C PRO D 541 -19.05 13.43 -4.43
N ALA D 542 -20.20 13.01 -4.97
CA ALA D 542 -21.40 12.92 -4.15
C ALA D 542 -21.32 11.75 -3.19
N THR D 543 -20.75 10.64 -3.62
CA THR D 543 -20.49 9.55 -2.71
C THR D 543 -19.34 9.83 -1.76
N ALA D 544 -18.58 10.89 -1.97
CA ALA D 544 -17.58 11.25 -0.97
C ALA D 544 -18.17 12.09 0.14
N GLN D 545 -19.15 12.93 -0.18
CA GLN D 545 -19.93 13.53 0.88
C GLN D 545 -21.25 12.81 1.11
N MET D 546 -21.30 11.53 0.78
CA MET D 546 -22.19 10.62 1.48
C MET D 546 -21.38 9.75 2.43
N ALA D 547 -20.24 9.24 1.97
CA ALA D 547 -19.38 8.43 2.83
C ALA D 547 -18.70 9.24 3.90
N LEU D 548 -18.76 10.57 3.80
CA LEU D 548 -18.42 11.38 4.95
C LEU D 548 -19.64 11.59 5.83
N GLN D 549 -20.78 11.87 5.21
CA GLN D 549 -21.99 12.15 5.97
C GLN D 549 -22.33 10.98 6.87
N LEU D 550 -22.19 9.77 6.35
CA LEU D 550 -22.53 8.59 7.14
C LEU D 550 -21.35 8.12 7.98
N PHE D 551 -20.14 8.54 7.63
CA PHE D 551 -19.01 8.18 8.46
C PHE D 551 -19.23 8.77 9.84
N ILE D 552 -19.73 10.00 9.89
CA ILE D 552 -19.93 10.66 11.18
C ILE D 552 -21.07 10.00 11.93
N LYS D 553 -22.07 9.50 11.20
CA LYS D 553 -23.27 8.97 11.83
C LYS D 553 -22.99 7.70 12.60
N ASP D 554 -21.98 6.94 12.20
CA ASP D 554 -21.51 5.89 13.09
C ASP D 554 -20.16 6.19 13.71
N TYR D 555 -19.62 7.37 13.46
CA TYR D 555 -18.60 7.86 14.38
C TYR D 555 -19.23 8.29 15.69
N ARG D 556 -20.45 8.81 15.63
CA ARG D 556 -21.16 9.23 16.82
C ARG D 556 -21.94 8.11 17.48
N TYR D 557 -22.03 6.92 16.88
CA TYR D 557 -22.71 5.83 17.55
C TYR D 557 -21.76 4.97 18.34
N THR D 558 -20.55 4.76 17.81
CA THR D 558 -19.58 3.99 18.57
C THR D 558 -19.03 4.81 19.73
N TYR D 559 -18.88 6.11 19.54
CA TYR D 559 -18.27 6.98 20.53
C TYR D 559 -19.27 7.90 21.20
N ARG D 560 -20.57 7.66 20.99
CA ARG D 560 -21.72 8.23 21.70
C ARG D 560 -21.76 9.75 21.71
N CYS D 561 -20.96 10.43 20.89
CA CYS D 561 -20.70 11.84 21.08
C CYS D 561 -21.55 12.69 20.13
N HIS D 562 -22.85 12.62 20.34
CA HIS D 562 -23.75 13.43 19.53
C HIS D 562 -23.70 14.90 19.94
N ARG D 563 -24.41 15.71 19.17
CA ARG D 563 -24.46 17.13 19.41
C ARG D 563 -25.28 17.45 20.65
N GLY D 564 -25.18 18.70 21.10
CA GLY D 564 -26.09 19.21 22.09
C GLY D 564 -27.34 19.70 21.42
N ASP D 565 -27.21 20.19 20.17
CA ASP D 565 -28.37 20.61 19.40
C ASP D 565 -29.29 19.46 19.05
N THR D 566 -28.81 18.23 19.03
CA THR D 566 -29.70 17.10 19.19
C THR D 566 -29.93 16.88 20.67
N GLN D 567 -31.18 16.97 21.09
CA GLN D 567 -31.57 16.84 22.49
C GLN D 567 -31.69 15.38 22.91
N ILE D 568 -31.17 14.45 22.12
CA ILE D 568 -31.18 13.03 22.43
C ILE D 568 -30.21 12.77 23.58
N GLN D 569 -30.34 11.60 24.20
CA GLN D 569 -29.63 11.34 25.43
C GLN D 569 -28.77 10.10 25.29
N THR D 570 -27.64 10.16 25.98
CA THR D 570 -26.70 9.06 26.17
C THR D 570 -26.02 9.32 27.51
N ARG D 571 -24.84 8.72 27.72
CA ARG D 571 -24.15 8.79 29.02
C ARG D 571 -23.80 10.22 29.46
N ARG D 572 -23.73 11.18 28.54
CA ARG D 572 -23.58 12.58 28.90
C ARG D 572 -24.34 13.41 27.87
N SER D 573 -25.10 14.39 28.35
CA SER D 573 -25.60 15.45 27.49
C SER D 573 -25.46 16.82 28.12
N PHE D 574 -25.47 16.86 29.46
CA PHE D 574 -25.66 18.13 30.16
C PHE D 574 -24.42 19.01 30.10
N GLU D 575 -23.26 18.47 30.49
CA GLU D 575 -22.07 19.30 30.57
C GLU D 575 -21.49 19.61 29.19
N LEU D 576 -22.00 18.96 28.15
CA LEU D 576 -21.72 19.38 26.79
C LEU D 576 -22.26 20.79 26.55
N LYS D 577 -23.46 21.07 27.08
CA LYS D 577 -24.11 22.36 26.92
C LYS D 577 -23.36 23.47 27.66
N LYS D 578 -22.54 23.12 28.64
CA LYS D 578 -21.57 24.05 29.21
C LYS D 578 -20.59 24.55 28.16
N LEU D 579 -20.16 23.67 27.25
CA LEU D 579 -19.31 24.12 26.16
C LEU D 579 -20.10 24.95 25.17
N TRP D 580 -21.39 24.65 25.00
CA TRP D 580 -22.22 25.33 24.01
C TRP D 580 -22.45 26.79 24.37
N GLU D 581 -22.94 27.06 25.58
CA GLU D 581 -23.37 28.41 25.95
C GLU D 581 -22.22 29.32 26.37
N GLN D 582 -21.08 28.76 26.76
CA GLN D 582 -19.97 29.55 27.25
C GLN D 582 -19.02 29.97 26.13
N THR D 583 -18.67 29.04 25.25
CA THR D 583 -17.81 29.35 24.12
C THR D 583 -18.59 30.17 23.11
N ARG D 584 -18.06 31.36 22.78
CA ARG D 584 -18.62 32.15 21.69
C ARG D 584 -18.42 31.44 20.35
N SER D 585 -17.37 30.64 20.23
CA SER D 585 -17.15 29.79 19.07
C SER D 585 -18.00 28.53 19.24
N LYS D 586 -19.28 28.65 18.92
CA LYS D 586 -20.19 27.51 19.01
C LYS D 586 -19.89 26.49 17.92
N ALA D 587 -19.76 26.97 16.69
CA ALA D 587 -19.69 26.10 15.52
C ALA D 587 -18.24 25.78 15.17
N GLY D 588 -17.37 25.76 16.15
CA GLY D 588 -15.99 25.42 15.89
C GLY D 588 -15.51 24.39 16.88
N LEU D 589 -16.40 23.99 17.77
CA LEU D 589 -16.05 23.02 18.79
C LEU D 589 -15.81 21.65 18.14
N LEU D 590 -14.95 20.86 18.74
CA LEU D 590 -14.47 19.64 18.12
C LEU D 590 -15.55 18.56 18.18
N VAL D 591 -15.52 17.64 17.20
CA VAL D 591 -16.67 16.75 17.03
C VAL D 591 -16.50 15.42 17.76
N SER D 592 -15.28 15.07 18.17
CA SER D 592 -15.13 13.89 19.01
C SER D 592 -15.71 14.09 20.40
N ASP D 593 -16.03 15.33 20.77
CA ASP D 593 -16.89 15.62 21.90
C ASP D 593 -17.97 16.58 21.44
N GLY D 594 -18.96 16.05 20.73
CA GLY D 594 -20.16 16.76 20.32
C GLY D 594 -20.03 18.09 19.63
N GLY D 595 -19.50 18.11 18.41
CA GLY D 595 -19.34 19.34 17.69
C GLY D 595 -20.05 19.34 16.37
N PRO D 596 -19.98 20.44 15.64
CA PRO D 596 -20.50 20.44 14.29
C PRO D 596 -19.54 19.71 13.36
N ASN D 597 -20.02 19.44 12.16
CA ASN D 597 -19.25 18.70 11.18
C ASN D 597 -18.80 19.68 10.11
N LEU D 598 -17.64 20.30 10.33
CA LEU D 598 -17.16 21.31 9.41
C LEU D 598 -16.50 20.69 8.19
N TYR D 599 -16.19 19.39 8.22
CA TYR D 599 -15.59 18.71 7.07
C TYR D 599 -16.51 18.69 5.87
N ASN D 600 -15.89 18.74 4.70
CA ASN D 600 -16.55 18.60 3.41
C ASN D 600 -15.46 18.17 2.42
N ILE D 601 -15.71 18.28 1.13
CA ILE D 601 -14.69 17.78 0.20
C ILE D 601 -13.81 18.90 -0.33
N ARG D 602 -13.67 19.98 0.44
CA ARG D 602 -12.54 20.87 0.21
C ARG D 602 -11.39 20.57 1.15
N ASN D 603 -11.64 19.87 2.25
CA ASN D 603 -10.70 19.87 3.37
C ASN D 603 -10.57 18.53 4.07
N LEU D 604 -10.45 17.43 3.33
CA LEU D 604 -10.23 16.18 4.02
C LEU D 604 -8.79 16.04 4.48
N HIS D 605 -7.86 16.63 3.73
CA HIS D 605 -6.45 16.46 4.03
C HIS D 605 -6.04 17.20 5.29
N ILE D 606 -6.76 18.24 5.64
CA ILE D 606 -6.56 18.95 6.90
C ILE D 606 -6.98 18.00 8.01
N PRO D 607 -6.23 17.90 9.09
CA PRO D 607 -6.68 17.10 10.23
C PRO D 607 -7.85 17.76 10.94
N GLU D 608 -8.34 17.06 11.96
CA GLU D 608 -9.54 17.48 12.66
C GLU D 608 -9.30 18.74 13.48
N VAL D 609 -8.32 18.71 14.38
CA VAL D 609 -8.17 19.83 15.30
C VAL D 609 -7.49 21.01 14.62
N CYS D 610 -6.70 20.77 13.57
CA CYS D 610 -6.09 21.88 12.86
C CYS D 610 -7.08 22.55 11.92
N LEU D 611 -8.16 21.84 11.58
CA LEU D 611 -9.28 22.50 10.93
C LEU D 611 -9.98 23.44 11.88
N LYS D 612 -10.29 22.95 13.08
CA LYS D 612 -11.09 23.68 14.05
C LYS D 612 -10.16 24.38 15.03
N TRP D 613 -9.26 25.18 14.49
CA TRP D 613 -8.33 25.89 15.36
C TRP D 613 -8.39 27.39 15.20
N GLU D 614 -8.66 27.91 14.00
CA GLU D 614 -8.68 29.33 13.77
C GLU D 614 -10.08 29.89 14.02
N LEU D 615 -10.83 29.22 14.89
CA LEU D 615 -12.11 29.73 15.34
C LEU D 615 -12.30 29.66 16.85
N MET D 616 -11.60 28.77 17.56
CA MET D 616 -11.92 28.50 18.95
C MET D 616 -11.41 29.58 19.91
N ASP D 617 -12.26 29.93 20.88
CA ASP D 617 -11.87 30.77 21.99
C ASP D 617 -10.94 29.99 22.91
N GLU D 618 -10.09 30.73 23.64
CA GLU D 618 -8.81 30.23 24.16
C GLU D 618 -8.94 29.08 25.16
N ASP D 619 -10.14 28.90 25.75
CA ASP D 619 -10.28 27.96 26.85
C ASP D 619 -10.22 26.53 26.36
N TYR D 620 -10.93 26.21 25.27
CA TYR D 620 -11.11 24.82 24.88
C TYR D 620 -9.84 24.22 24.32
N GLN D 621 -9.22 24.87 23.32
CA GLN D 621 -8.00 24.30 22.79
C GLN D 621 -6.88 24.44 23.81
N GLY D 622 -6.94 25.43 24.69
CA GLY D 622 -6.02 25.47 25.81
C GLY D 622 -6.25 24.35 26.78
N ARG D 623 -7.48 23.85 26.86
CA ARG D 623 -7.72 22.64 27.63
C ARG D 623 -7.27 21.41 26.85
N LEU D 624 -7.17 21.54 25.52
CA LEU D 624 -6.60 20.50 24.68
C LEU D 624 -5.11 20.65 24.47
N CYS D 625 -4.53 21.79 24.83
CA CYS D 625 -3.12 22.02 24.61
C CYS D 625 -2.27 21.48 25.75
N ASN D 626 -2.86 20.73 26.68
CA ASN D 626 -2.11 20.19 27.81
C ASN D 626 -1.22 19.05 27.35
N PRO D 627 0.11 19.19 27.38
CA PRO D 627 0.97 18.13 26.85
C PRO D 627 1.20 16.98 27.81
N LEU D 628 0.62 17.05 29.02
CA LEU D 628 0.66 15.95 29.98
C LEU D 628 0.01 14.71 29.36
N ASN D 629 -1.29 14.83 29.03
CA ASN D 629 -2.06 13.84 28.29
C ASN D 629 -2.03 12.44 28.89
N PRO D 630 -2.81 12.16 29.93
CA PRO D 630 -2.95 10.76 30.37
C PRO D 630 -3.65 9.84 29.38
N PHE D 631 -4.09 10.35 28.23
CA PHE D 631 -4.85 9.60 27.25
C PHE D 631 -4.08 9.44 25.95
N VAL D 632 -2.75 9.49 25.98
CA VAL D 632 -2.00 9.40 24.73
C VAL D 632 -0.99 8.28 24.76
N SER D 633 -0.05 8.33 25.72
CA SER D 633 1.08 7.39 25.82
C SER D 633 1.92 7.42 24.55
N HIS D 634 2.63 8.55 24.39
CA HIS D 634 3.28 8.98 23.15
C HIS D 634 4.11 7.89 22.51
N LYS D 635 3.70 7.49 21.31
CA LYS D 635 4.03 6.20 20.72
C LYS D 635 5.45 6.20 20.17
N GLU D 636 5.74 5.14 19.40
CA GLU D 636 6.97 4.99 18.65
C GLU D 636 6.71 5.23 17.17
N ILE D 637 7.80 5.46 16.43
CA ILE D 637 7.73 5.97 15.06
C ILE D 637 7.07 4.94 14.14
N GLU D 638 7.29 3.65 14.38
CA GLU D 638 6.59 2.60 13.66
C GLU D 638 5.09 2.59 13.97
N SER D 639 4.68 3.05 15.15
CA SER D 639 3.28 3.09 15.53
C SER D 639 2.67 4.49 15.55
N VAL D 640 3.48 5.56 15.51
CA VAL D 640 2.97 6.90 15.28
C VAL D 640 2.47 6.97 13.85
N ASN D 641 1.18 7.29 13.71
CA ASN D 641 0.49 7.47 12.43
C ASN D 641 0.58 6.22 11.55
N ASN D 642 0.20 5.09 12.14
CA ASN D 642 0.15 3.83 11.42
C ASN D 642 -1.02 2.99 11.93
N ALA D 643 -1.94 2.67 11.02
CA ALA D 643 -2.99 1.70 11.28
C ALA D 643 -2.93 0.61 10.22
N VAL D 644 -3.09 -0.63 10.65
CA VAL D 644 -2.99 -1.79 9.79
C VAL D 644 -4.40 -2.07 9.27
N VAL D 645 -4.70 -1.58 8.08
CA VAL D 645 -6.02 -1.74 7.47
C VAL D 645 -5.85 -2.55 6.20
N MET D 646 -6.55 -3.69 6.14
CA MET D 646 -6.34 -4.67 5.10
C MET D 646 -7.06 -4.28 3.82
N PRO D 647 -6.39 -4.30 2.67
CA PRO D 647 -7.09 -4.32 1.38
C PRO D 647 -7.39 -5.75 0.98
N ALA D 648 -7.91 -5.91 -0.23
CA ALA D 648 -8.10 -7.21 -0.84
C ALA D 648 -6.97 -7.57 -1.80
N HIS D 649 -6.02 -6.67 -2.03
CA HIS D 649 -4.88 -6.93 -2.90
C HIS D 649 -3.76 -7.67 -2.20
N GLY D 650 -3.55 -7.40 -0.91
CA GLY D 650 -2.50 -8.05 -0.15
C GLY D 650 -2.97 -8.50 1.21
N PRO D 651 -2.09 -9.17 1.96
CA PRO D 651 -2.49 -9.65 3.29
C PRO D 651 -2.61 -8.55 4.32
N ALA D 652 -1.81 -7.49 4.23
CA ALA D 652 -1.87 -6.38 5.16
C ALA D 652 -1.26 -5.14 4.51
N LYS D 653 -1.75 -3.98 4.92
CA LYS D 653 -1.14 -2.73 4.48
C LYS D 653 -1.32 -1.66 5.55
N SER D 654 -0.21 -1.08 5.98
CA SER D 654 -0.21 0.08 6.85
C SER D 654 -0.26 1.35 6.01
N MET D 655 -1.18 2.24 6.37
CA MET D 655 -1.33 3.50 5.65
C MET D 655 -1.43 4.60 6.70
N GLU D 656 -0.82 5.74 6.40
CA GLU D 656 -0.74 6.77 7.42
C GLU D 656 -1.84 7.80 7.25
N TYR D 657 -1.86 8.75 8.19
CA TYR D 657 -3.01 9.59 8.43
C TYR D 657 -2.55 10.75 9.29
N ASP D 658 -2.94 11.95 8.90
CA ASP D 658 -2.45 13.16 9.55
C ASP D 658 -3.19 13.32 10.87
N ALA D 659 -2.65 12.76 11.94
CA ALA D 659 -3.29 12.81 13.24
C ALA D 659 -2.47 13.62 14.21
N VAL D 660 -3.04 14.71 14.65
CA VAL D 660 -2.44 15.56 15.67
C VAL D 660 -2.61 14.87 17.00
N ALA D 661 -1.58 14.94 17.85
CA ALA D 661 -1.71 14.42 19.20
C ALA D 661 -2.73 15.22 19.98
N THR D 662 -3.75 14.53 20.47
CA THR D 662 -4.85 15.14 21.18
C THR D 662 -5.32 14.17 22.24
N THR D 663 -6.24 14.62 23.09
CA THR D 663 -6.67 13.80 24.20
C THR D 663 -7.57 12.67 23.77
N HIS D 664 -7.97 12.63 22.50
CA HIS D 664 -8.82 11.55 22.02
C HIS D 664 -8.03 10.44 21.35
N SER D 665 -6.71 10.50 21.32
CA SER D 665 -5.91 9.45 20.70
C SER D 665 -5.41 8.51 21.79
N TRP D 666 -6.29 7.67 22.29
CA TRP D 666 -5.99 6.75 23.39
C TRP D 666 -5.83 5.33 22.89
N ILE D 667 -5.22 4.50 23.71
CA ILE D 667 -4.94 3.12 23.32
C ILE D 667 -6.06 2.23 23.86
N PRO D 668 -6.66 1.38 23.03
CA PRO D 668 -7.78 0.56 23.48
C PRO D 668 -7.34 -0.61 24.34
N LYS D 669 -8.34 -1.37 24.79
CA LYS D 669 -8.13 -2.36 25.84
C LYS D 669 -7.42 -3.59 25.31
N ARG D 670 -6.49 -4.11 26.11
CA ARG D 670 -5.86 -5.40 25.86
C ARG D 670 -6.87 -6.51 26.13
N ASN D 671 -6.85 -7.53 25.29
CA ASN D 671 -7.68 -8.71 25.54
C ASN D 671 -7.17 -9.43 26.78
N ARG D 672 -8.10 -10.04 27.51
CA ARG D 672 -7.79 -10.58 28.83
C ARG D 672 -8.03 -12.08 28.91
N SER D 673 -8.15 -12.76 27.78
CA SER D 673 -8.29 -14.21 27.81
C SER D 673 -6.98 -14.92 28.06
N ILE D 674 -5.84 -14.21 28.04
CA ILE D 674 -4.57 -14.83 28.36
C ILE D 674 -4.41 -15.06 29.85
N LEU D 675 -5.24 -14.43 30.68
CA LEU D 675 -5.18 -14.63 32.12
C LEU D 675 -5.73 -15.98 32.56
N ASN D 676 -6.52 -16.64 31.73
CA ASN D 676 -7.13 -17.91 32.11
C ASN D 676 -6.45 -19.10 31.46
N THR D 677 -5.48 -18.84 30.59
CA THR D 677 -4.67 -19.88 29.99
C THR D 677 -3.72 -20.44 31.05
N SER D 678 -3.07 -21.55 30.73
CA SER D 678 -1.89 -21.94 31.51
C SER D 678 -0.64 -21.22 31.03
N GLN D 679 -0.78 -20.27 30.11
CA GLN D 679 0.31 -19.44 29.62
C GLN D 679 0.27 -18.07 30.29
N ARG D 680 -0.05 -18.04 31.59
CA ARG D 680 -0.05 -16.79 32.34
C ARG D 680 1.36 -16.25 32.49
N GLY D 681 2.34 -17.15 32.63
CA GLY D 681 3.71 -16.76 32.92
C GLY D 681 4.44 -16.04 31.80
N ILE D 682 3.85 -15.99 30.60
CA ILE D 682 4.41 -15.15 29.56
C ILE D 682 3.98 -13.69 29.76
N LEU D 683 3.07 -13.44 30.69
CA LEU D 683 2.63 -12.06 30.91
C LEU D 683 3.11 -11.49 32.24
N GLU D 684 2.84 -12.17 33.38
CA GLU D 684 3.17 -11.61 34.70
C GLU D 684 4.66 -11.40 34.91
N ASP D 685 5.50 -12.16 34.21
CA ASP D 685 6.92 -11.85 34.18
C ASP D 685 7.17 -10.63 33.31
N GLU D 686 6.54 -10.57 32.14
CA GLU D 686 6.90 -9.57 31.15
C GLU D 686 6.04 -8.32 31.22
N GLN D 687 4.93 -8.32 31.97
CA GLN D 687 4.17 -7.09 32.14
C GLN D 687 4.94 -6.08 32.99
N MET D 688 5.81 -6.57 33.86
CA MET D 688 6.59 -5.69 34.73
C MET D 688 7.72 -5.01 33.99
N TYR D 689 8.03 -5.44 32.76
CA TYR D 689 9.32 -5.07 32.18
C TYR D 689 9.19 -3.87 31.25
N GLN D 690 8.08 -3.74 30.52
CA GLN D 690 7.81 -2.50 29.80
C GLN D 690 7.27 -1.42 30.73
N LYS D 691 7.04 -1.74 32.00
CA LYS D 691 6.93 -0.71 33.02
C LYS D 691 8.28 -0.03 33.20
N CYS D 692 9.36 -0.79 33.05
CA CYS D 692 10.67 -0.33 33.46
C CYS D 692 11.70 -0.30 32.34
N CYS D 693 11.44 -0.98 31.22
CA CYS D 693 12.29 -0.79 30.05
C CYS D 693 12.18 0.65 29.56
N ASN D 694 10.99 1.24 29.64
CA ASN D 694 10.81 2.62 29.26
C ASN D 694 11.23 3.57 30.37
N LEU D 695 11.64 3.06 31.53
CA LEU D 695 12.32 3.92 32.49
C LEU D 695 13.79 4.10 32.10
N PHE D 696 14.39 3.08 31.49
CA PHE D 696 15.68 3.26 30.84
C PHE D 696 15.59 4.21 29.67
N GLU D 697 14.56 4.07 28.87
CA GLU D 697 14.44 4.80 27.61
C GLU D 697 14.05 6.26 27.82
N LYS D 698 13.84 6.69 29.07
CA LYS D 698 13.90 8.10 29.40
C LYS D 698 15.33 8.61 29.36
N PHE D 699 16.28 7.76 29.75
CA PHE D 699 17.65 8.21 29.98
C PHE D 699 18.44 8.30 28.68
N PHE D 700 17.94 7.69 27.59
CA PHE D 700 18.38 8.08 26.26
C PHE D 700 17.31 8.94 25.64
N PRO D 701 17.67 10.05 24.99
CA PRO D 701 16.65 10.84 24.31
C PRO D 701 16.18 10.22 23.00
N SER D 702 17.09 9.62 22.23
CA SER D 702 16.76 9.11 20.91
C SER D 702 16.28 7.68 20.92
N SER D 703 16.16 7.06 22.10
CA SER D 703 15.70 5.69 22.19
C SER D 703 14.23 5.54 21.83
N SER D 704 13.43 6.58 22.03
CA SER D 704 12.04 6.56 21.61
C SER D 704 11.84 7.12 20.21
N TYR D 705 12.92 7.43 19.49
CA TYR D 705 12.86 7.85 18.10
C TYR D 705 13.65 6.93 17.18
N ARG D 706 14.80 6.44 17.65
CA ARG D 706 15.64 5.55 16.88
C ARG D 706 15.85 4.28 17.70
N ARG D 707 16.11 3.17 17.01
CA ARG D 707 16.47 1.94 17.72
C ARG D 707 17.85 2.09 18.35
N PRO D 708 17.96 1.91 19.67
CA PRO D 708 19.29 1.98 20.31
C PRO D 708 20.02 0.65 20.16
N VAL D 709 21.18 0.68 19.50
CA VAL D 709 21.94 -0.51 19.18
C VAL D 709 23.36 -0.34 19.72
N GLY D 710 23.62 -0.86 20.92
CA GLY D 710 24.94 -0.75 21.52
C GLY D 710 25.39 -2.06 22.13
N ILE D 711 26.04 -1.99 23.30
CA ILE D 711 26.39 -3.18 24.06
C ILE D 711 25.14 -3.77 24.67
N SER D 712 25.26 -4.96 25.22
CA SER D 712 24.21 -5.61 25.98
C SER D 712 24.13 -5.00 27.37
N SER D 713 23.43 -5.69 28.28
CA SER D 713 23.38 -5.40 29.70
C SER D 713 22.83 -4.00 29.95
N MET D 714 21.52 -3.84 29.76
CA MET D 714 20.79 -2.59 29.95
C MET D 714 21.15 -1.88 31.25
N VAL D 715 21.37 -2.63 32.33
CA VAL D 715 21.85 -2.07 33.60
C VAL D 715 23.26 -1.52 33.45
N GLU D 716 24.13 -2.25 32.75
CA GLU D 716 25.44 -1.68 32.44
C GLU D 716 25.36 -0.64 31.34
N ALA D 717 24.26 -0.61 30.58
CA ALA D 717 24.22 0.25 29.41
C ALA D 717 23.96 1.71 29.79
N MET D 718 23.16 1.95 30.82
CA MET D 718 22.91 3.35 31.15
C MET D 718 24.01 3.91 32.05
N VAL D 719 24.73 3.05 32.78
CA VAL D 719 25.77 3.58 33.65
C VAL D 719 27.01 3.95 32.87
N SER D 720 27.18 3.42 31.66
CA SER D 720 28.19 3.96 30.76
C SER D 720 27.80 5.35 30.30
N ARG D 721 26.49 5.58 30.12
CA ARG D 721 26.02 6.92 29.82
C ARG D 721 26.05 7.81 31.05
N ALA D 722 25.81 7.22 32.23
CA ALA D 722 25.75 8.02 33.44
C ALA D 722 27.10 8.62 33.82
N ARG D 723 28.19 7.94 33.49
CA ARG D 723 29.49 8.54 33.76
C ARG D 723 29.96 9.45 32.65
N ILE D 724 29.33 9.42 31.47
CA ILE D 724 29.54 10.50 30.51
C ILE D 724 28.43 11.54 30.65
N ASP D 725 27.35 11.19 31.35
CA ASP D 725 26.47 12.22 31.90
C ASP D 725 27.19 12.97 33.01
N ALA D 726 28.13 12.31 33.67
CA ALA D 726 28.78 12.88 34.85
C ALA D 726 29.77 13.99 34.48
N ARG D 727 30.64 13.75 33.50
CA ARG D 727 31.76 14.66 33.33
C ARG D 727 31.36 15.95 32.64
N ILE D 728 30.45 15.88 31.68
CA ILE D 728 29.99 17.10 31.03
C ILE D 728 29.07 17.92 31.93
N ASP D 729 28.52 17.31 32.99
CA ASP D 729 27.93 18.09 34.06
C ASP D 729 28.99 18.57 35.07
N PHE D 730 30.08 17.80 35.22
CA PHE D 730 31.12 18.21 36.15
C PHE D 730 31.92 19.38 35.61
N GLU D 731 32.26 19.38 34.32
CA GLU D 731 33.11 20.42 33.78
C GLU D 731 32.35 21.74 33.66
N SER D 732 31.03 21.67 33.49
CA SER D 732 30.19 22.86 33.35
C SER D 732 28.75 22.48 33.66
N GLY D 733 28.12 23.24 34.55
CA GLY D 733 26.73 22.98 34.86
C GLY D 733 26.18 24.03 35.79
N ARG D 734 24.87 23.94 36.04
CA ARG D 734 24.23 24.76 37.06
C ARG D 734 24.18 24.09 38.41
N ILE D 735 24.11 22.76 38.45
CA ILE D 735 23.99 22.04 39.72
C ILE D 735 25.35 22.03 40.41
N LYS D 736 25.32 21.91 41.74
CA LYS D 736 26.54 21.91 42.54
C LYS D 736 27.31 20.61 42.31
N LYS D 737 28.64 20.71 42.41
CA LYS D 737 29.53 19.58 42.19
C LYS D 737 29.66 18.69 43.41
N GLU D 738 28.95 19.01 44.50
CA GLU D 738 28.81 18.09 45.62
C GLU D 738 27.66 17.12 45.39
N GLU D 739 26.61 17.59 44.72
CA GLU D 739 25.53 16.70 44.26
C GLU D 739 26.00 15.80 43.13
N PHE D 740 27.07 16.22 42.44
CA PHE D 740 27.79 15.34 41.52
C PHE D 740 28.32 14.10 42.22
N ALA D 741 28.83 14.26 43.45
CA ALA D 741 29.38 13.13 44.19
C ALA D 741 28.28 12.16 44.62
N GLU D 742 27.05 12.64 44.76
CA GLU D 742 25.92 11.74 44.94
C GLU D 742 25.64 10.94 43.68
N ILE D 743 25.80 11.56 42.51
CA ILE D 743 25.64 10.85 41.25
C ILE D 743 26.76 9.84 41.07
N MET D 744 27.95 10.14 41.61
CA MET D 744 29.05 9.19 41.57
C MET D 744 28.74 7.96 42.40
N LYS D 745 28.24 8.16 43.63
CA LYS D 745 28.10 7.12 44.64
C LYS D 745 27.18 5.98 44.21
N ILE D 746 26.21 6.27 43.33
CA ILE D 746 25.24 5.26 42.95
C ILE D 746 25.87 4.20 42.05
N CYS D 747 26.94 4.57 41.33
CA CYS D 747 27.47 3.73 40.25
C CYS D 747 28.07 2.44 40.77
N SER D 748 28.99 2.53 41.74
CA SER D 748 29.54 1.31 42.31
C SER D 748 28.53 0.60 43.20
N THR D 749 27.55 1.34 43.74
CA THR D 749 26.54 0.76 44.60
C THR D 749 25.65 -0.20 43.81
N ILE D 750 25.47 0.08 42.52
CA ILE D 750 24.91 -0.90 41.60
C ILE D 750 25.79 -2.14 41.52
N GLU D 751 27.10 -1.92 41.40
CA GLU D 751 28.01 -3.05 41.20
C GLU D 751 28.26 -3.78 42.51
N GLU D 752 27.92 -3.16 43.65
CA GLU D 752 27.97 -3.86 44.93
C GLU D 752 26.90 -4.93 45.03
N LEU D 753 25.89 -4.88 44.16
CA LEU D 753 24.96 -5.99 44.00
C LEU D 753 25.52 -6.92 42.92
N ARG D 754 26.69 -7.47 43.22
CA ARG D 754 27.47 -8.40 42.38
C ARG D 754 27.78 -7.89 40.96
N MET E 1 19.97 13.14 38.06
CA MET E 1 20.22 13.03 39.50
C MET E 1 19.32 12.00 40.14
N GLU E 2 18.06 12.40 40.35
CA GLU E 2 17.13 11.59 41.11
C GLU E 2 16.57 10.43 40.32
N ARG E 3 16.76 10.39 39.00
CA ARG E 3 16.28 9.26 38.21
C ARG E 3 17.08 8.01 38.52
N ILE E 4 18.37 8.18 38.81
CA ILE E 4 19.32 7.08 38.89
C ILE E 4 19.06 6.21 40.12
N LYS E 5 18.41 6.76 41.14
CA LYS E 5 18.15 6.02 42.38
C LYS E 5 17.16 4.88 42.14
N GLU E 6 16.08 5.16 41.42
CA GLU E 6 15.08 4.13 41.12
C GLU E 6 15.59 3.14 40.09
N LEU E 7 16.60 3.53 39.31
CA LEU E 7 17.35 2.59 38.50
C LEU E 7 18.16 1.62 39.37
N ARG E 8 18.47 2.03 40.60
CA ARG E 8 19.10 1.17 41.58
C ARG E 8 18.08 0.54 42.53
N ASP E 9 17.00 1.28 42.84
CA ASP E 9 16.03 0.84 43.86
C ASP E 9 15.31 -0.45 43.46
N LEU E 10 15.19 -0.70 42.16
CA LEU E 10 14.53 -1.91 41.69
C LEU E 10 15.43 -3.12 41.85
N MET E 11 16.74 -2.89 42.00
CA MET E 11 17.68 -3.99 41.85
C MET E 11 17.74 -4.88 43.08
N SER E 12 17.54 -4.33 44.28
CA SER E 12 17.54 -5.12 45.51
C SER E 12 16.23 -5.86 45.74
N GLN E 13 15.36 -5.92 44.73
CA GLN E 13 14.21 -6.80 44.65
C GLN E 13 14.72 -8.17 44.19
N SER E 14 13.81 -9.05 43.77
CA SER E 14 14.18 -10.38 43.29
C SER E 14 14.87 -10.32 41.91
N ARG E 15 15.08 -11.49 41.32
CA ARG E 15 15.72 -11.58 40.01
C ARG E 15 14.79 -11.20 38.86
N THR E 16 13.60 -10.67 39.15
CA THR E 16 12.75 -10.08 38.13
C THR E 16 13.47 -8.94 37.41
N ARG E 17 13.98 -7.97 38.17
CA ARG E 17 14.71 -6.87 37.56
C ARG E 17 16.11 -7.27 37.13
N GLU E 18 16.56 -8.46 37.53
CA GLU E 18 17.91 -8.88 37.23
C GLU E 18 17.97 -9.82 36.03
N ILE E 19 16.84 -10.10 35.39
CA ILE E 19 16.90 -10.58 34.02
C ILE E 19 16.97 -9.37 33.08
N LEU E 20 16.51 -8.21 33.54
CA LEU E 20 16.68 -6.98 32.79
C LEU E 20 18.15 -6.56 32.76
N THR E 21 18.90 -6.97 33.77
CA THR E 21 20.36 -6.99 33.69
C THR E 21 20.85 -7.84 32.53
N LYS E 22 20.21 -8.99 32.31
CA LYS E 22 20.64 -9.89 31.25
C LYS E 22 20.10 -9.48 29.89
N THR E 23 19.07 -8.63 29.84
CA THR E 23 18.42 -8.27 28.57
C THR E 23 19.39 -7.50 27.68
N THR E 24 19.50 -7.98 26.45
CA THR E 24 20.55 -7.59 25.54
C THR E 24 20.23 -6.22 24.96
N VAL E 25 21.17 -5.68 24.20
CA VAL E 25 20.86 -4.63 23.23
C VAL E 25 19.71 -5.06 22.33
N ASP E 26 19.80 -6.28 21.78
CA ASP E 26 18.80 -6.77 20.85
C ASP E 26 17.47 -7.04 21.51
N HIS E 27 17.48 -7.57 22.72
CA HIS E 27 16.22 -7.99 23.32
C HIS E 27 15.37 -6.79 23.72
N MET E 28 15.99 -5.70 24.17
CA MET E 28 15.22 -4.49 24.41
C MET E 28 14.83 -3.83 23.09
N ALA E 29 15.62 -4.04 22.04
CA ALA E 29 15.26 -3.50 20.73
C ALA E 29 14.06 -4.24 20.15
N ILE E 30 13.82 -5.47 20.59
CA ILE E 30 12.70 -6.26 20.12
C ILE E 30 11.52 -6.18 21.08
N ILE E 31 11.77 -6.18 22.39
CA ILE E 31 10.65 -6.15 23.33
C ILE E 31 10.01 -4.78 23.48
N LYS E 32 10.51 -3.78 22.76
CA LYS E 32 9.83 -2.50 22.74
C LYS E 32 8.51 -2.58 21.97
N LYS E 33 8.35 -3.60 21.13
CA LYS E 33 7.08 -3.96 20.52
C LYS E 33 6.59 -5.34 20.96
N TYR E 34 6.99 -5.81 22.15
CA TYR E 34 6.62 -7.13 22.67
C TYR E 34 5.13 -7.11 22.97
N THR E 35 4.37 -7.79 22.14
CA THR E 35 2.93 -7.82 22.30
C THR E 35 2.52 -9.25 22.67
N SER E 36 2.12 -9.45 23.92
CA SER E 36 1.39 -10.66 24.26
C SER E 36 0.06 -10.67 23.55
N GLY E 37 -0.62 -9.53 23.53
CA GLY E 37 -1.83 -9.36 22.77
C GLY E 37 -1.57 -9.00 21.32
N ARG E 38 -2.02 -9.86 20.41
CA ARG E 38 -1.71 -9.72 18.99
C ARG E 38 -2.37 -8.51 18.38
N GLN E 39 -1.97 -8.18 17.16
CA GLN E 39 -2.65 -7.12 16.42
C GLN E 39 -4.03 -7.60 15.99
N GLU E 40 -5.03 -6.73 16.16
CA GLU E 40 -6.40 -7.11 15.88
C GLU E 40 -6.60 -7.34 14.40
N LYS E 41 -7.09 -8.52 14.04
CA LYS E 41 -7.38 -8.82 12.65
C LYS E 41 -8.54 -8.00 12.15
N ASN E 42 -9.57 -7.83 12.98
CA ASN E 42 -10.72 -6.98 12.66
C ASN E 42 -10.86 -5.99 13.81
N PRO E 43 -10.19 -4.84 13.75
CA PRO E 43 -10.33 -3.85 14.81
C PRO E 43 -11.63 -3.11 14.76
N ALA E 44 -12.33 -3.16 13.63
CA ALA E 44 -13.60 -2.45 13.52
C ALA E 44 -14.69 -3.11 14.35
N LEU E 45 -14.62 -4.43 14.52
CA LEU E 45 -15.57 -5.07 15.41
C LEU E 45 -15.20 -4.84 16.86
N ARG E 46 -13.90 -4.87 17.16
CA ARG E 46 -13.45 -4.73 18.53
C ARG E 46 -13.77 -3.35 19.07
N MET E 47 -13.74 -2.34 18.21
CA MET E 47 -14.21 -1.04 18.65
C MET E 47 -15.71 -1.03 18.83
N LYS E 48 -16.45 -1.71 17.97
CA LYS E 48 -17.89 -1.77 18.19
C LYS E 48 -18.24 -2.72 19.31
N TRP E 49 -17.35 -3.66 19.63
CA TRP E 49 -17.60 -4.53 20.76
C TRP E 49 -17.22 -3.87 22.08
N MET E 50 -16.01 -3.31 22.15
CA MET E 50 -15.52 -2.87 23.45
C MET E 50 -16.11 -1.54 23.88
N MET E 51 -16.62 -0.72 22.95
CA MET E 51 -17.28 0.51 23.40
C MET E 51 -18.61 0.27 24.09
N ALA E 52 -19.13 -0.96 24.06
CA ALA E 52 -20.28 -1.26 24.88
C ALA E 52 -19.88 -1.84 26.23
N MET E 53 -18.61 -2.20 26.41
CA MET E 53 -18.11 -2.45 27.75
C MET E 53 -18.13 -1.15 28.54
N LYS E 54 -18.18 -1.27 29.86
CA LYS E 54 -18.20 -0.09 30.69
C LYS E 54 -16.84 0.60 30.79
N TYR E 55 -15.74 -0.09 30.46
CA TYR E 55 -14.42 0.53 30.44
C TYR E 55 -13.63 0.03 29.24
N PRO E 56 -13.72 0.72 28.10
CA PRO E 56 -12.96 0.32 26.92
C PRO E 56 -11.55 0.86 26.83
N ILE E 57 -11.27 1.98 27.49
CA ILE E 57 -10.05 2.74 27.28
C ILE E 57 -9.04 2.43 28.36
N THR E 58 -7.80 2.17 27.97
CA THR E 58 -6.69 2.07 28.90
C THR E 58 -5.97 3.42 28.98
N ALA E 59 -6.06 4.06 30.15
CA ALA E 59 -5.33 5.28 30.44
C ALA E 59 -4.34 5.00 31.57
N ASP E 60 -3.17 5.61 31.50
CA ASP E 60 -2.11 5.27 32.44
C ASP E 60 -2.39 5.81 33.84
N LYS E 61 -1.64 5.28 34.81
CA LYS E 61 -1.97 5.32 36.22
C LYS E 61 -1.97 6.71 36.86
N ARG E 62 -1.56 7.73 36.12
CA ARG E 62 -1.67 9.11 36.57
C ARG E 62 -3.10 9.59 36.68
N ILE E 63 -4.04 8.91 36.03
CA ILE E 63 -5.45 9.31 36.10
C ILE E 63 -6.00 9.07 37.50
N MET E 64 -5.46 8.09 38.23
CA MET E 64 -5.88 7.85 39.61
C MET E 64 -5.43 8.98 40.53
N GLU E 65 -4.44 9.77 40.11
CA GLU E 65 -3.94 10.87 40.92
C GLU E 65 -4.67 12.16 40.64
N MET E 66 -5.11 12.37 39.39
CA MET E 66 -5.52 13.68 38.95
C MET E 66 -6.99 13.80 38.58
N ILE E 67 -7.71 12.69 38.50
CA ILE E 67 -9.09 12.70 38.02
C ILE E 67 -9.95 11.98 39.07
N PRO E 68 -11.05 12.60 39.52
CA PRO E 68 -11.92 11.94 40.51
C PRO E 68 -12.59 10.73 39.91
N GLU E 69 -12.99 9.81 40.77
CA GLU E 69 -13.83 8.72 40.32
C GLU E 69 -15.30 9.09 40.41
N ARG E 70 -15.60 10.28 40.92
CA ARG E 70 -16.96 10.75 41.09
C ARG E 70 -17.14 12.08 40.37
N ASN E 71 -18.07 12.12 39.42
CA ASN E 71 -18.46 13.35 38.75
C ASN E 71 -19.82 13.81 39.28
N GLU E 72 -20.40 14.84 38.67
CA GLU E 72 -21.70 15.34 39.09
C GLU E 72 -22.85 14.48 38.62
N GLN E 73 -22.63 13.59 37.66
CA GLN E 73 -23.72 12.93 36.96
C GLN E 73 -24.22 11.68 37.66
N GLY E 74 -23.34 10.71 37.92
CA GLY E 74 -23.78 9.47 38.53
C GLY E 74 -23.07 8.25 38.02
N GLN E 75 -22.20 8.41 37.02
CA GLN E 75 -21.43 7.31 36.48
C GLN E 75 -20.04 7.27 37.08
N THR E 76 -19.45 6.08 37.11
CA THR E 76 -18.09 5.89 37.58
C THR E 76 -17.13 5.89 36.40
N LEU E 77 -16.16 6.80 36.42
CA LEU E 77 -15.42 7.13 35.20
C LEU E 77 -14.03 6.54 35.10
N TRP E 78 -13.57 5.77 36.09
CA TRP E 78 -12.41 4.91 35.90
C TRP E 78 -12.52 3.68 36.80
N SER E 79 -11.59 2.75 36.63
CA SER E 79 -11.66 1.46 37.28
C SER E 79 -10.32 1.16 37.94
N LYS E 80 -10.38 0.35 38.99
CA LYS E 80 -9.24 0.08 39.83
C LYS E 80 -8.50 -1.18 39.45
N THR E 81 -8.95 -1.88 38.40
CA THR E 81 -8.19 -3.01 37.91
C THR E 81 -7.01 -2.51 37.10
N ASN E 82 -6.04 -3.38 36.89
CA ASN E 82 -4.93 -3.09 36.00
C ASN E 82 -5.24 -3.64 34.62
N ASP E 83 -4.61 -3.06 33.61
CA ASP E 83 -4.63 -3.70 32.31
C ASP E 83 -3.79 -4.97 32.35
N ALA E 84 -4.15 -5.93 31.52
CA ALA E 84 -3.25 -7.06 31.31
C ALA E 84 -2.08 -6.58 30.47
N GLY E 85 -0.89 -6.62 31.05
CA GLY E 85 0.29 -6.26 30.31
C GLY E 85 0.93 -4.94 30.63
N SER E 86 0.49 -4.26 31.69
CA SER E 86 1.07 -2.97 32.09
C SER E 86 0.70 -2.68 33.54
N ASP E 87 1.18 -1.53 34.01
CA ASP E 87 0.66 -0.88 35.21
C ASP E 87 -0.45 0.08 34.84
N ARG E 88 -0.78 0.18 33.55
CA ARG E 88 -1.84 1.03 33.06
C ARG E 88 -3.20 0.51 33.54
N VAL E 89 -4.11 1.42 33.85
CA VAL E 89 -5.43 1.01 34.31
C VAL E 89 -6.43 1.23 33.19
N MET E 90 -7.66 0.77 33.39
CA MET E 90 -8.71 0.88 32.39
C MET E 90 -9.72 1.93 32.82
N VAL E 91 -10.09 2.80 31.89
CA VAL E 91 -11.00 3.90 32.17
C VAL E 91 -12.17 3.84 31.19
N SER E 92 -13.16 4.68 31.44
CA SER E 92 -14.32 4.80 30.59
C SER E 92 -14.07 5.97 29.65
N PRO E 93 -14.88 6.19 28.62
CA PRO E 93 -14.79 7.46 27.89
C PRO E 93 -15.36 8.63 28.64
N LEU E 94 -16.01 8.40 29.78
CA LEU E 94 -16.38 9.53 30.62
C LEU E 94 -15.16 10.17 31.29
N ALA E 95 -14.03 9.48 31.32
CA ALA E 95 -12.79 10.15 31.66
C ALA E 95 -12.42 11.18 30.61
N VAL E 96 -12.47 10.80 29.33
CA VAL E 96 -12.16 11.73 28.25
C VAL E 96 -13.23 12.82 28.15
N THR E 97 -14.45 12.50 28.55
CA THR E 97 -15.47 13.52 28.77
C THR E 97 -15.04 14.50 29.84
N TRP E 98 -14.46 14.00 30.92
CA TRP E 98 -14.13 14.87 32.04
C TRP E 98 -12.94 15.76 31.71
N TRP E 99 -11.93 15.22 31.06
CA TRP E 99 -10.68 15.95 30.82
C TRP E 99 -10.89 17.11 29.86
N ASN E 100 -11.77 16.97 28.89
CA ASN E 100 -11.96 18.02 27.90
C ASN E 100 -12.99 19.04 28.32
N ARG E 101 -13.55 18.90 29.52
CA ARG E 101 -14.41 19.94 30.07
C ARG E 101 -13.94 20.45 31.41
N ASN E 102 -13.08 19.71 32.10
CA ASN E 102 -12.73 20.02 33.47
C ASN E 102 -11.25 19.78 33.73
N GLY E 103 -10.45 19.57 32.70
CA GLY E 103 -9.05 19.28 32.86
C GLY E 103 -8.21 20.53 32.93
N PRO E 104 -6.90 20.38 33.03
CA PRO E 104 -6.01 21.53 33.12
C PRO E 104 -5.95 22.29 31.81
N THR E 105 -5.76 23.60 31.93
CA THR E 105 -5.73 24.50 30.79
C THR E 105 -4.36 25.11 30.62
N THR E 106 -3.60 24.64 29.63
CA THR E 106 -2.28 25.17 29.38
C THR E 106 -2.30 25.97 28.09
N SER E 107 -1.66 27.13 28.13
CA SER E 107 -1.72 28.09 27.03
C SER E 107 -0.33 28.15 26.40
N THR E 108 -0.06 27.23 25.47
CA THR E 108 1.17 27.25 24.70
C THR E 108 0.82 27.82 23.34
N VAL E 109 1.20 29.09 23.10
CA VAL E 109 0.89 29.73 21.83
C VAL E 109 1.74 29.24 20.69
N HIS E 110 2.76 28.43 20.96
CA HIS E 110 3.63 27.87 19.93
C HIS E 110 3.31 26.41 19.65
N TYR E 111 2.20 25.90 20.17
CA TYR E 111 1.64 24.64 19.68
C TYR E 111 1.31 24.66 18.19
N PRO E 112 0.86 25.79 17.57
CA PRO E 112 0.88 25.83 16.09
C PRO E 112 2.25 25.65 15.47
N LYS E 113 3.32 26.09 16.13
CA LYS E 113 4.65 25.87 15.58
C LYS E 113 5.08 24.42 15.62
N VAL E 114 4.42 23.60 16.43
CA VAL E 114 4.74 22.18 16.47
C VAL E 114 4.17 21.47 15.25
N TYR E 115 2.90 21.74 14.95
CA TYR E 115 2.22 21.09 13.84
C TYR E 115 2.07 22.05 12.66
N LYS E 116 3.16 22.78 12.38
CA LYS E 116 3.14 23.93 11.48
C LYS E 116 2.69 23.59 10.07
N THR E 117 2.97 22.38 9.61
CA THR E 117 2.67 22.01 8.23
C THR E 117 1.15 21.90 7.99
N TYR E 118 0.42 21.45 9.01
CA TYR E 118 -1.03 21.32 8.87
C TYR E 118 -1.69 22.70 8.81
N PHE E 119 -1.16 23.66 9.57
CA PHE E 119 -1.68 25.01 9.54
C PHE E 119 -1.27 25.74 8.27
N GLU E 120 -0.24 25.26 7.59
CA GLU E 120 0.04 25.77 6.27
C GLU E 120 -1.05 25.37 5.29
N LYS E 121 -1.63 24.18 5.48
CA LYS E 121 -2.68 23.71 4.58
C LYS E 121 -3.95 24.54 4.75
N VAL E 122 -4.29 24.86 5.99
CA VAL E 122 -5.44 25.73 6.25
C VAL E 122 -5.19 27.11 5.66
N GLU E 123 -3.94 27.58 5.80
CA GLU E 123 -3.53 28.83 5.17
C GLU E 123 -3.61 28.74 3.66
N ARG E 124 -3.28 27.58 3.08
CA ARG E 124 -3.45 27.40 1.65
C ARG E 124 -4.91 27.39 1.25
N LEU E 125 -5.78 26.88 2.11
CA LEU E 125 -7.15 26.67 1.69
C LEU E 125 -8.06 27.85 2.01
N LYS E 126 -8.00 28.37 3.23
CA LYS E 126 -8.85 29.50 3.61
C LYS E 126 -8.51 30.73 2.81
N HIS E 127 -7.24 30.93 2.51
CA HIS E 127 -6.79 32.02 1.67
C HIS E 127 -6.68 31.61 0.21
N GLY E 128 -7.07 30.39 -0.13
CA GLY E 128 -7.11 29.98 -1.52
C GLY E 128 -8.39 30.42 -2.20
N THR E 129 -8.39 30.35 -3.52
CA THR E 129 -9.54 30.74 -4.32
C THR E 129 -9.88 29.63 -5.30
N PHE E 130 -11.18 29.41 -5.49
CA PHE E 130 -11.68 28.43 -6.44
C PHE E 130 -11.97 29.07 -7.79
N GLY E 131 -11.89 28.27 -8.84
CA GLY E 131 -12.39 28.65 -10.13
C GLY E 131 -13.64 27.89 -10.45
N PRO E 132 -14.32 28.25 -11.55
CA PRO E 132 -15.52 27.53 -11.95
C PRO E 132 -15.15 26.18 -12.58
N VAL E 133 -16.17 25.34 -12.74
CA VAL E 133 -15.98 24.00 -13.26
C VAL E 133 -15.72 24.06 -14.75
N HIS E 134 -14.59 23.53 -15.17
CA HIS E 134 -14.33 23.31 -16.58
C HIS E 134 -14.69 21.86 -16.86
N PHE E 135 -15.84 21.67 -17.51
CA PHE E 135 -16.35 20.33 -17.77
C PHE E 135 -15.53 19.69 -18.88
N ARG E 136 -14.45 19.02 -18.49
CA ARG E 136 -13.65 18.29 -19.44
C ARG E 136 -13.48 16.87 -18.90
N ASN E 137 -13.28 15.94 -19.82
CA ASN E 137 -13.15 14.54 -19.43
C ASN E 137 -11.85 14.29 -18.69
N GLN E 138 -11.81 13.17 -18.01
CA GLN E 138 -10.63 12.72 -17.31
C GLN E 138 -9.77 11.88 -18.24
N VAL E 139 -8.57 12.38 -18.52
CA VAL E 139 -7.54 11.54 -19.06
C VAL E 139 -6.39 11.67 -18.07
N LYS E 140 -6.39 10.81 -17.07
CA LYS E 140 -5.47 10.92 -15.96
C LYS E 140 -4.14 10.28 -16.31
N ILE E 141 -3.09 10.79 -15.69
CA ILE E 141 -1.74 10.26 -15.86
C ILE E 141 -1.26 9.81 -14.50
N ARG E 142 -0.76 8.58 -14.43
CA ARG E 142 -0.52 7.92 -13.16
C ARG E 142 0.97 7.85 -12.89
N ARG E 143 1.50 8.90 -12.27
CA ARG E 143 2.93 9.08 -12.12
C ARG E 143 3.30 9.25 -10.66
N ARG E 144 4.51 8.81 -10.33
CA ARG E 144 5.06 8.96 -8.99
C ARG E 144 5.41 10.42 -8.79
N VAL E 145 4.54 11.12 -8.05
CA VAL E 145 4.63 12.56 -7.88
C VAL E 145 4.90 12.86 -6.40
N ASP E 146 5.64 13.92 -6.16
CA ASP E 146 6.11 14.21 -4.80
C ASP E 146 4.98 14.71 -3.93
N ILE E 147 5.03 14.31 -2.65
CA ILE E 147 4.20 14.87 -1.60
C ILE E 147 5.13 15.47 -0.56
N ASN E 148 4.86 16.73 -0.16
CA ASN E 148 5.45 17.60 0.86
C ASN E 148 6.94 17.38 1.18
N PRO E 149 7.85 17.62 0.23
CA PRO E 149 9.27 17.44 0.55
C PRO E 149 9.82 18.53 1.47
N GLY E 150 9.41 19.78 1.28
CA GLY E 150 9.82 20.82 2.18
C GLY E 150 11.17 21.41 1.82
N HIS E 151 11.96 21.63 2.86
CA HIS E 151 13.11 22.50 2.77
C HIS E 151 14.36 21.74 2.31
N ALA E 152 15.11 22.41 1.42
CA ALA E 152 16.49 22.14 1.03
C ALA E 152 16.70 20.90 0.15
N ASP E 153 15.63 20.11 -0.05
CA ASP E 153 15.63 18.86 -0.81
C ASP E 153 16.74 17.92 -0.30
N LEU E 154 16.60 17.58 0.98
CA LEU E 154 17.61 16.82 1.68
C LEU E 154 17.22 15.34 1.71
N SER E 155 18.23 14.47 1.69
CA SER E 155 18.01 13.03 1.63
C SER E 155 17.27 12.53 2.86
N ALA E 156 16.55 11.41 2.69
CA ALA E 156 15.65 10.91 3.72
C ALA E 156 16.41 10.47 4.98
N LYS E 157 17.58 9.85 4.82
CA LYS E 157 18.43 9.63 5.97
C LYS E 157 19.06 10.93 6.44
N GLU E 158 19.45 11.80 5.50
CA GLU E 158 20.01 13.10 5.86
C GLU E 158 18.96 14.01 6.48
N ALA E 159 17.68 13.78 6.16
CA ALA E 159 16.61 14.45 6.90
C ALA E 159 16.62 14.02 8.37
N GLN E 160 16.84 12.74 8.62
CA GLN E 160 16.91 12.27 10.00
C GLN E 160 18.23 12.69 10.66
N ASP E 161 19.23 13.06 9.87
CA ASP E 161 20.50 13.49 10.46
C ASP E 161 20.38 14.86 11.12
N VAL E 162 19.74 15.82 10.44
CA VAL E 162 19.59 17.15 11.03
C VAL E 162 18.57 17.14 12.16
N ILE E 163 17.61 16.22 12.12
CA ILE E 163 16.72 16.02 13.24
C ILE E 163 17.46 15.40 14.42
N MET E 164 18.39 14.49 14.15
CA MET E 164 19.11 13.80 15.23
C MET E 164 20.01 14.76 15.98
N GLU E 165 20.49 15.80 15.31
CA GLU E 165 21.23 16.85 15.99
C GLU E 165 20.31 17.62 16.95
N VAL E 166 19.14 18.04 16.45
CA VAL E 166 18.32 18.97 17.22
C VAL E 166 17.44 18.29 18.26
N VAL E 167 17.31 16.96 18.25
CA VAL E 167 16.64 16.31 19.35
C VAL E 167 17.55 16.26 20.58
N PHE E 168 18.80 15.81 20.40
CA PHE E 168 19.92 15.90 21.33
C PHE E 168 21.16 15.49 20.54
N PRO E 169 22.23 16.28 20.56
CA PRO E 169 23.31 16.09 19.58
C PRO E 169 24.18 14.86 19.82
N ASN E 170 24.12 14.21 20.98
CA ASN E 170 25.13 13.21 21.28
C ASN E 170 24.79 11.84 20.73
N GLU E 171 23.80 11.73 19.86
CA GLU E 171 23.45 10.45 19.28
C GLU E 171 23.46 10.47 17.77
N VAL E 172 24.28 11.32 17.15
CA VAL E 172 24.17 11.50 15.71
C VAL E 172 24.84 10.36 14.95
N GLY E 173 26.09 10.02 15.29
CA GLY E 173 26.85 8.99 14.60
C GLY E 173 27.07 9.25 13.11
N ALA E 174 27.01 10.52 12.72
CA ALA E 174 27.07 10.90 11.31
C ALA E 174 28.52 10.99 10.90
N ARG E 175 28.95 10.02 10.09
CA ARG E 175 30.29 10.04 9.51
C ARG E 175 30.48 11.24 8.59
N ILE E 176 29.48 11.56 7.79
CA ILE E 176 29.42 12.82 7.05
C ILE E 176 28.71 13.83 7.93
N LEU E 177 29.38 14.95 8.20
CA LEU E 177 28.85 15.98 9.08
C LEU E 177 27.57 16.59 8.53
N THR E 178 27.72 17.37 7.45
CA THR E 178 26.74 18.25 6.82
C THR E 178 27.35 18.87 5.58
N SER E 179 26.53 19.49 4.75
CA SER E 179 27.02 20.45 3.77
C SER E 179 26.94 21.86 4.35
N GLU E 180 27.38 22.84 3.55
CA GLU E 180 27.40 24.22 4.03
C GLU E 180 25.99 24.80 4.14
N SER E 181 25.06 24.35 3.29
CA SER E 181 23.70 24.86 3.33
C SER E 181 22.95 24.35 4.56
N GLN E 182 23.33 23.19 5.07
CA GLN E 182 22.71 22.67 6.29
C GLN E 182 23.24 23.35 7.54
N LEU E 183 24.38 24.04 7.44
CA LEU E 183 25.01 24.62 8.62
C LEU E 183 24.25 25.84 9.14
N THR E 184 23.46 26.50 8.29
CA THR E 184 22.71 27.66 8.77
C THR E 184 21.29 27.28 9.16
N ILE E 185 20.70 26.31 8.44
CA ILE E 185 19.28 26.01 8.64
C ILE E 185 19.07 25.22 9.92
N THR E 186 20.10 24.52 10.39
CA THR E 186 19.98 23.82 11.67
C THR E 186 20.21 24.76 12.84
N LYS E 187 20.91 25.88 12.60
CA LYS E 187 21.07 26.87 13.66
C LYS E 187 19.78 27.63 13.91
N GLU E 188 18.97 27.83 12.88
CA GLU E 188 17.66 28.46 13.06
C GLU E 188 16.71 27.52 13.77
N LYS E 189 16.72 26.23 13.40
CA LYS E 189 15.86 25.26 14.04
C LYS E 189 16.28 24.97 15.47
N LYS E 190 17.53 25.30 15.81
CA LYS E 190 18.09 24.99 17.13
C LYS E 190 17.38 25.76 18.23
N GLU E 191 17.22 27.07 18.05
CA GLU E 191 16.58 27.88 19.07
C GLU E 191 15.07 27.77 19.04
N GLU E 192 14.48 27.27 17.94
CA GLU E 192 13.03 27.25 17.81
C GLU E 192 12.38 26.24 18.73
N LEU E 193 13.13 25.25 19.21
CA LEU E 193 12.57 24.26 20.12
C LEU E 193 12.35 24.82 21.51
N GLN E 194 13.32 25.60 21.99
CA GLN E 194 13.12 26.37 23.22
C GLN E 194 12.04 27.42 23.04
N ASP E 195 11.91 27.95 21.82
CA ASP E 195 10.83 28.88 21.50
C ASP E 195 9.46 28.23 21.52
N CYS E 196 9.36 26.92 21.32
CA CYS E 196 8.09 26.22 21.40
C CYS E 196 7.51 26.26 22.81
N LYS E 197 8.18 25.57 23.73
CA LYS E 197 7.76 25.34 25.09
C LYS E 197 8.92 24.56 25.71
N ILE E 198 8.86 24.25 27.01
CA ILE E 198 9.54 23.06 27.48
C ILE E 198 8.84 21.94 26.71
N ALA E 199 9.55 21.34 25.76
CA ALA E 199 8.91 20.68 24.65
C ALA E 199 9.13 19.18 24.74
N PRO E 200 8.20 18.38 24.22
CA PRO E 200 8.45 16.94 24.17
C PRO E 200 9.44 16.58 23.08
N LEU E 201 9.62 15.28 22.88
CA LEU E 201 10.42 14.83 21.76
C LEU E 201 9.58 14.77 20.49
N MET E 202 8.26 14.96 20.62
CA MET E 202 7.38 14.85 19.47
C MET E 202 7.43 16.09 18.60
N VAL E 203 7.88 17.22 19.16
CA VAL E 203 8.11 18.40 18.32
C VAL E 203 9.30 18.18 17.38
N ALA E 204 10.24 17.30 17.76
CA ALA E 204 11.37 16.99 16.90
C ALA E 204 10.95 16.18 15.69
N TYR E 205 10.23 15.07 15.89
CA TYR E 205 9.88 14.26 14.73
C TYR E 205 8.57 14.68 14.07
N MET E 206 8.12 15.92 14.25
CA MET E 206 7.22 16.47 13.25
C MET E 206 7.97 17.41 12.31
N LEU E 207 9.05 18.05 12.80
CA LEU E 207 9.99 18.73 11.91
C LEU E 207 10.65 17.75 10.97
N GLU E 208 10.81 16.51 11.41
CA GLU E 208 11.22 15.42 10.52
C GLU E 208 10.18 15.16 9.44
N ARG E 209 8.90 15.39 9.72
CA ARG E 209 7.87 15.00 8.78
C ARG E 209 7.76 15.99 7.63
N GLU E 210 8.07 17.27 7.87
CA GLU E 210 8.07 18.23 6.78
C GLU E 210 9.32 18.17 5.93
N LEU E 211 10.26 17.27 6.24
CA LEU E 211 11.46 17.09 5.43
C LEU E 211 11.42 15.80 4.62
N VAL E 212 10.52 14.88 4.94
CA VAL E 212 10.42 13.62 4.22
C VAL E 212 9.82 13.88 2.84
N ARG E 213 10.60 13.59 1.82
CA ARG E 213 10.13 13.71 0.44
C ARG E 213 9.40 12.42 0.05
N LYS E 214 8.09 12.41 0.24
CA LYS E 214 7.28 11.26 -0.13
C LYS E 214 6.88 11.38 -1.59
N THR E 215 7.07 10.29 -2.34
CA THR E 215 6.75 10.26 -3.76
C THR E 215 5.78 9.12 -4.00
N ARG E 216 4.51 9.45 -4.19
CA ARG E 216 3.45 8.45 -4.29
C ARG E 216 2.74 8.55 -5.62
N PHE E 217 2.72 7.43 -6.34
CA PHE E 217 2.06 7.34 -7.63
C PHE E 217 0.57 7.56 -7.48
N LEU E 218 0.08 8.61 -8.12
CA LEU E 218 -1.30 9.04 -8.02
C LEU E 218 -1.75 9.49 -9.40
N PRO E 219 -2.99 9.26 -9.75
CA PRO E 219 -3.47 9.74 -11.05
C PRO E 219 -3.66 11.25 -11.06
N VAL E 220 -2.72 11.95 -11.67
CA VAL E 220 -2.65 13.40 -11.60
C VAL E 220 -3.16 13.94 -12.92
N ALA E 221 -4.41 14.38 -12.93
CA ALA E 221 -4.98 15.06 -14.07
C ALA E 221 -4.86 16.55 -13.82
N GLY E 222 -3.70 17.10 -14.13
CA GLY E 222 -3.40 18.48 -13.84
C GLY E 222 -1.98 18.67 -13.36
N GLY E 223 -1.79 19.75 -12.59
CA GLY E 223 -0.45 20.09 -12.15
C GLY E 223 0.03 19.14 -11.08
N THR E 224 1.35 18.98 -11.00
CA THR E 224 1.95 18.07 -10.06
C THR E 224 3.01 18.80 -9.24
N SER E 225 2.54 19.50 -8.22
CA SER E 225 3.36 20.32 -7.36
C SER E 225 2.96 20.08 -5.92
N SER E 226 3.92 20.28 -5.01
CA SER E 226 3.68 20.03 -3.59
C SER E 226 2.75 21.05 -2.95
N VAL E 227 2.24 22.01 -3.71
CA VAL E 227 1.14 22.82 -3.25
C VAL E 227 -0.17 22.31 -3.85
N TYR E 228 -0.13 21.66 -5.01
CA TYR E 228 -1.34 21.11 -5.62
C TYR E 228 -1.49 19.63 -5.32
N ILE E 229 -0.50 19.01 -4.69
CA ILE E 229 -0.57 17.57 -4.57
C ILE E 229 -1.40 17.18 -3.36
N GLU E 230 -1.53 18.07 -2.36
CA GLU E 230 -2.30 17.69 -1.20
C GLU E 230 -3.78 17.78 -1.47
N VAL E 231 -4.20 18.61 -2.42
CA VAL E 231 -5.62 18.57 -2.70
C VAL E 231 -5.94 17.37 -3.58
N LEU E 232 -5.61 17.42 -4.87
CA LEU E 232 -5.58 16.31 -5.83
C LEU E 232 -6.93 15.61 -6.05
N HIS E 233 -7.91 15.87 -5.18
CA HIS E 233 -9.24 15.31 -5.26
C HIS E 233 -10.30 16.38 -5.35
N LEU E 234 -9.96 17.57 -4.87
CA LEU E 234 -10.81 18.72 -5.01
C LEU E 234 -10.88 19.19 -6.46
N THR E 235 -9.88 18.85 -7.27
CA THR E 235 -9.66 19.52 -8.54
C THR E 235 -10.09 18.70 -9.75
N GLN E 236 -10.01 17.38 -9.66
CA GLN E 236 -10.01 16.56 -10.87
C GLN E 236 -11.13 15.55 -10.81
N GLY E 237 -11.74 15.29 -11.96
CA GLY E 237 -12.81 14.31 -11.96
C GLY E 237 -13.48 13.90 -13.25
N THR E 238 -14.74 13.50 -13.14
CA THR E 238 -15.36 12.60 -14.10
C THR E 238 -15.74 13.32 -15.38
N CYS E 239 -16.72 14.22 -15.31
CA CYS E 239 -17.11 15.04 -16.44
C CYS E 239 -16.37 16.34 -16.42
N TRP E 240 -15.50 16.50 -15.42
CA TRP E 240 -15.21 17.82 -14.90
C TRP E 240 -13.79 17.96 -14.38
N GLU E 241 -13.30 19.19 -14.42
CA GLU E 241 -12.16 19.62 -13.65
C GLU E 241 -12.62 20.78 -12.80
N GLN E 242 -11.99 20.95 -11.66
CA GLN E 242 -12.22 22.10 -10.79
C GLN E 242 -10.95 22.93 -10.79
N MET E 243 -11.02 24.13 -11.37
CA MET E 243 -9.91 25.07 -11.32
C MET E 243 -9.71 25.53 -9.89
N TYR E 244 -8.49 25.38 -9.38
CA TYR E 244 -8.23 25.60 -7.96
C TYR E 244 -6.90 26.31 -7.79
N THR E 245 -6.94 27.50 -7.19
CA THR E 245 -5.74 28.30 -6.94
C THR E 245 -5.57 28.48 -5.44
N PRO E 246 -4.73 27.70 -4.79
CA PRO E 246 -4.50 27.87 -3.36
C PRO E 246 -3.63 29.08 -3.09
N GLY E 247 -3.83 29.66 -1.91
CA GLY E 247 -3.07 30.81 -1.50
C GLY E 247 -1.65 30.45 -1.12
N GLY E 248 -0.92 31.47 -0.68
CA GLY E 248 0.45 31.31 -0.28
C GLY E 248 1.39 32.02 -1.24
N GLU E 249 2.67 31.75 -1.06
CA GLU E 249 3.68 32.34 -1.90
C GLU E 249 3.84 31.54 -3.19
N VAL E 250 3.39 32.12 -4.29
CA VAL E 250 3.73 31.59 -5.59
C VAL E 250 5.23 31.81 -5.79
N ARG E 251 5.94 30.73 -6.09
CA ARG E 251 7.39 30.69 -5.99
C ARG E 251 8.06 31.54 -7.08
N ASN E 252 9.39 31.59 -7.03
CA ASN E 252 10.17 32.44 -7.92
C ASN E 252 11.15 31.64 -8.79
N ASP E 253 11.61 30.48 -8.31
CA ASP E 253 12.61 29.72 -9.03
C ASP E 253 12.03 28.97 -10.21
N ASP E 254 10.88 28.33 -10.05
CA ASP E 254 10.40 27.43 -11.08
C ASP E 254 8.97 27.68 -11.53
N VAL E 255 8.42 28.87 -11.30
CA VAL E 255 7.31 29.33 -12.13
C VAL E 255 7.80 29.53 -13.57
N ASP E 256 9.09 29.86 -13.71
CA ASP E 256 9.80 29.70 -14.97
C ASP E 256 9.63 28.29 -15.52
N GLN E 257 10.02 27.28 -14.74
CA GLN E 257 9.89 25.89 -15.14
C GLN E 257 8.43 25.45 -15.26
N SER E 258 7.51 26.16 -14.61
CA SER E 258 6.10 25.98 -14.88
C SER E 258 5.70 26.60 -16.22
N LEU E 259 6.39 27.66 -16.63
CA LEU E 259 5.99 28.42 -17.82
C LEU E 259 6.62 27.87 -19.08
N ILE E 260 7.82 27.28 -18.96
CA ILE E 260 8.54 26.75 -20.11
C ILE E 260 7.77 25.61 -20.75
N ILE E 261 7.29 24.69 -19.92
CA ILE E 261 6.62 23.49 -20.43
C ILE E 261 5.26 23.84 -21.01
N ALA E 262 4.58 24.81 -20.41
CA ALA E 262 3.32 25.30 -20.97
C ALA E 262 3.54 26.05 -22.28
N ALA E 263 4.71 26.64 -22.46
CA ALA E 263 4.99 27.36 -23.70
C ALA E 263 5.18 26.40 -24.85
N ARG E 264 5.91 25.30 -24.62
CA ARG E 264 6.24 24.36 -25.67
C ARG E 264 5.03 23.60 -26.17
N ASN E 265 3.98 23.48 -25.34
CA ASN E 265 2.76 22.84 -25.80
C ASN E 265 1.91 23.78 -26.64
N ILE E 266 2.33 25.03 -26.77
CA ILE E 266 1.65 25.97 -27.64
C ILE E 266 2.45 26.20 -28.93
N VAL E 267 3.78 26.14 -28.84
CA VAL E 267 4.62 26.27 -30.02
C VAL E 267 4.50 25.03 -30.90
N ARG E 268 4.63 23.84 -30.30
CA ARG E 268 4.45 22.60 -31.07
C ARG E 268 3.02 22.46 -31.57
N ARG E 269 2.09 23.10 -30.88
CA ARG E 269 0.72 23.08 -31.38
C ARG E 269 0.64 23.99 -32.58
N ALA E 270 1.41 25.08 -32.55
CA ALA E 270 1.38 26.04 -33.64
C ALA E 270 2.04 25.54 -34.92
N THR E 271 3.07 24.71 -34.81
CA THR E 271 3.77 24.23 -36.00
C THR E 271 2.92 23.30 -36.83
N VAL E 272 2.03 22.54 -36.19
CA VAL E 272 1.03 21.79 -36.94
C VAL E 272 -0.10 22.72 -37.37
N SER E 273 -0.39 23.73 -36.58
CA SER E 273 -1.45 24.69 -36.88
C SER E 273 -1.12 25.50 -38.12
N ALA E 274 -2.18 25.95 -38.81
CA ALA E 274 -2.02 26.63 -40.09
C ALA E 274 -1.44 28.03 -39.94
N ASP E 275 -1.59 28.65 -38.78
CA ASP E 275 -1.17 30.03 -38.55
C ASP E 275 -0.53 30.12 -37.18
N PRO E 276 0.78 29.89 -37.08
CA PRO E 276 1.48 30.15 -35.81
C PRO E 276 1.56 31.63 -35.46
N LEU E 277 1.39 32.51 -36.44
CA LEU E 277 1.49 33.94 -36.20
C LEU E 277 0.23 34.50 -35.57
N ALA E 278 -0.89 33.76 -35.64
CA ALA E 278 -2.11 34.18 -34.98
C ALA E 278 -2.49 33.28 -33.80
N SER E 279 -2.25 31.96 -33.91
CA SER E 279 -2.80 31.04 -32.92
C SER E 279 -2.04 31.11 -31.60
N LEU E 280 -0.72 31.32 -31.67
CA LEU E 280 0.06 31.43 -30.44
C LEU E 280 -0.27 32.71 -29.69
N LEU E 281 -0.61 33.77 -30.41
CA LEU E 281 -1.19 34.94 -29.76
C LEU E 281 -2.58 34.64 -29.22
N GLU E 282 -3.37 33.88 -29.99
CA GLU E 282 -4.73 33.58 -29.60
C GLU E 282 -4.79 32.62 -28.41
N MET E 283 -3.84 31.69 -28.31
CA MET E 283 -3.81 30.77 -27.17
C MET E 283 -3.18 31.40 -25.94
N CYS E 284 -2.54 32.57 -26.09
CA CYS E 284 -2.09 33.28 -24.89
C CYS E 284 -3.27 33.85 -24.11
N HIS E 285 -4.39 34.13 -24.78
CA HIS E 285 -5.51 34.76 -24.10
C HIS E 285 -6.42 33.77 -23.39
N SER E 286 -6.17 32.45 -23.51
CA SER E 286 -7.02 31.45 -22.89
C SER E 286 -6.30 30.53 -21.93
N THR E 287 -5.00 30.31 -22.10
CA THR E 287 -4.24 29.46 -21.19
C THR E 287 -4.05 30.15 -19.86
N GLN E 288 -4.33 29.43 -18.77
CA GLN E 288 -4.01 29.89 -17.43
C GLN E 288 -3.00 28.94 -16.78
N ILE E 289 -2.03 29.51 -16.07
CA ILE E 289 -1.04 28.73 -15.36
C ILE E 289 -1.23 29.01 -13.88
N GLY E 290 -1.96 28.11 -13.20
CA GLY E 290 -2.26 28.31 -11.81
C GLY E 290 -3.20 29.45 -11.55
N GLY E 291 -4.12 29.72 -12.46
CA GLY E 291 -5.04 30.84 -12.37
C GLY E 291 -4.48 32.13 -12.95
N ILE E 292 -3.25 32.47 -12.58
CA ILE E 292 -2.54 33.58 -13.19
C ILE E 292 -2.25 33.23 -14.64
N ARG E 293 -2.74 34.06 -15.56
CA ARG E 293 -2.64 33.74 -16.98
C ARG E 293 -1.20 33.88 -17.47
N MET E 294 -0.98 33.37 -18.68
CA MET E 294 0.34 33.46 -19.29
C MET E 294 0.69 34.91 -19.65
N VAL E 295 -0.33 35.74 -19.87
CA VAL E 295 -0.13 37.14 -20.21
C VAL E 295 0.51 37.89 -19.05
N ASP E 296 0.19 37.49 -17.82
CA ASP E 296 0.70 38.21 -16.65
C ASP E 296 2.10 37.76 -16.27
N ILE E 297 2.46 36.52 -16.53
CA ILE E 297 3.72 35.99 -16.02
C ILE E 297 4.89 36.37 -16.93
N LEU E 298 4.64 36.42 -18.25
CA LEU E 298 5.71 36.60 -19.23
C LEU E 298 6.41 37.93 -19.11
N ARG E 299 5.71 38.97 -18.61
CA ARG E 299 6.28 40.31 -18.62
C ARG E 299 7.36 40.47 -17.55
N GLN E 300 7.13 39.92 -16.36
CA GLN E 300 8.07 40.08 -15.26
C GLN E 300 9.17 39.04 -15.27
N ASN E 301 9.39 38.36 -16.40
CA ASN E 301 10.25 37.18 -16.44
C ASN E 301 11.47 37.45 -17.30
N PRO E 302 12.64 37.73 -16.73
CA PRO E 302 13.88 37.77 -17.52
C PRO E 302 14.60 36.44 -17.61
N THR E 303 13.86 35.37 -17.94
CA THR E 303 14.47 34.06 -18.16
C THR E 303 14.40 33.73 -19.64
N GLU E 304 15.55 33.47 -20.24
CA GLU E 304 15.67 33.24 -21.67
C GLU E 304 15.37 31.78 -21.95
N GLU E 305 14.28 31.53 -22.65
CA GLU E 305 13.97 30.19 -23.14
C GLU E 305 13.49 30.33 -24.57
N GLN E 306 13.75 29.31 -25.38
CA GLN E 306 13.51 29.35 -26.82
C GLN E 306 12.04 29.52 -27.16
N ALA E 307 11.18 28.66 -26.60
CA ALA E 307 9.76 28.79 -26.85
C ALA E 307 9.13 29.94 -26.10
N VAL E 308 9.70 30.32 -24.95
CA VAL E 308 9.15 31.42 -24.16
C VAL E 308 9.39 32.75 -24.86
N ASP E 309 10.60 32.95 -25.39
CA ASP E 309 10.91 34.17 -26.11
C ASP E 309 10.11 34.29 -27.40
N ILE E 310 9.71 33.17 -28.01
CA ILE E 310 8.76 33.22 -29.11
C ILE E 310 7.41 33.70 -28.61
N CYS E 311 7.00 33.24 -27.42
CA CYS E 311 5.77 33.74 -26.83
C CYS E 311 5.91 35.20 -26.40
N LYS E 312 7.12 35.62 -26.04
CA LYS E 312 7.35 37.02 -25.74
C LYS E 312 7.29 37.87 -27.01
N ALA E 313 8.07 37.48 -28.03
CA ALA E 313 8.20 38.30 -29.22
C ALA E 313 6.96 38.27 -30.09
N ALA E 314 6.08 37.30 -29.89
CA ALA E 314 4.80 37.32 -30.60
C ALA E 314 3.95 38.49 -30.13
N MET E 315 4.02 38.82 -28.84
CA MET E 315 3.20 39.85 -28.25
C MET E 315 3.81 41.24 -28.37
N GLY E 316 5.04 41.35 -28.85
CA GLY E 316 5.71 42.63 -29.00
C GLY E 316 6.81 42.90 -28.01
N LEU E 317 7.38 41.87 -27.39
CA LEU E 317 8.37 42.04 -26.34
C LEU E 317 9.75 41.62 -26.83
N ARG E 318 10.77 42.10 -26.12
CA ARG E 318 12.14 41.92 -26.59
C ARG E 318 12.66 40.52 -26.30
N ILE E 319 13.77 40.19 -26.95
CA ILE E 319 14.62 39.07 -26.55
C ILE E 319 16.03 39.59 -26.36
N SER E 320 16.90 38.74 -25.84
CA SER E 320 18.33 39.10 -25.58
C SER E 320 19.06 39.32 -26.92
N SER E 321 20.37 39.52 -26.85
CA SER E 321 21.18 39.74 -28.08
C SER E 321 22.13 38.55 -28.29
N SER E 322 21.78 37.38 -27.75
CA SER E 322 22.61 36.16 -27.89
C SER E 322 21.98 35.21 -28.92
N PHE E 323 22.70 34.95 -30.02
CA PHE E 323 22.21 34.08 -31.06
C PHE E 323 22.36 32.63 -30.60
N SER E 324 21.48 31.78 -31.12
CA SER E 324 21.47 30.38 -30.77
C SER E 324 21.64 29.51 -32.01
N PHE E 325 22.20 28.32 -31.80
CA PHE E 325 22.49 27.39 -32.88
C PHE E 325 22.52 26.00 -32.28
N GLY E 326 21.56 25.16 -32.66
CA GLY E 326 21.39 23.87 -32.01
C GLY E 326 20.91 23.95 -30.58
N GLY E 327 20.19 25.01 -30.24
CA GLY E 327 19.62 25.10 -28.90
C GLY E 327 20.61 25.45 -27.80
N PHE E 328 21.73 26.07 -28.15
CA PHE E 328 22.71 26.49 -27.15
C PHE E 328 22.76 28.01 -27.11
N THR E 329 23.12 28.54 -25.94
CA THR E 329 23.30 29.97 -25.78
C THR E 329 24.71 30.35 -26.24
N PHE E 330 24.81 31.17 -27.29
CA PHE E 330 26.09 31.62 -27.80
C PHE E 330 26.20 33.13 -27.59
N LYS E 331 27.23 33.55 -26.87
CA LYS E 331 27.47 34.95 -26.58
C LYS E 331 28.74 35.40 -27.28
N ARG E 332 28.65 36.47 -28.06
CA ARG E 332 29.81 37.06 -28.73
C ARG E 332 30.52 37.98 -27.75
N THR E 333 31.68 37.55 -27.26
CA THR E 333 32.49 38.41 -26.41
C THR E 333 33.38 39.34 -27.23
N SER E 334 33.88 38.88 -28.38
CA SER E 334 34.80 39.68 -29.18
C SER E 334 34.73 39.21 -30.63
N GLY E 335 35.21 40.06 -31.52
CA GLY E 335 35.30 39.73 -32.92
C GLY E 335 34.06 40.12 -33.72
N SER E 336 34.24 40.14 -35.03
CA SER E 336 33.17 40.45 -35.96
C SER E 336 33.47 39.76 -37.29
N SER E 337 32.40 39.54 -38.06
CA SER E 337 32.52 38.93 -39.37
C SER E 337 31.35 39.39 -40.23
N VAL E 338 31.44 39.10 -41.52
CA VAL E 338 30.40 39.42 -42.48
C VAL E 338 29.90 38.12 -43.11
N LYS E 339 28.68 38.17 -43.61
CA LYS E 339 28.11 37.01 -44.28
C LYS E 339 28.68 36.87 -45.68
N LYS E 340 28.84 35.62 -46.10
CA LYS E 340 29.27 35.29 -47.46
C LYS E 340 28.56 34.02 -47.85
N GLU E 341 27.87 34.05 -48.97
CA GLU E 341 26.96 32.98 -49.36
C GLU E 341 27.71 32.03 -50.30
N GLU E 342 28.15 30.89 -49.77
CA GLU E 342 28.99 29.97 -50.49
C GLU E 342 28.42 28.56 -50.46
N GLU E 343 28.69 27.81 -51.52
CA GLU E 343 28.21 26.44 -51.69
C GLU E 343 29.37 25.47 -51.51
N VAL E 344 29.13 24.40 -50.75
CA VAL E 344 30.13 23.38 -50.51
C VAL E 344 29.55 22.01 -50.90
N LEU E 345 30.43 21.16 -51.43
CA LEU E 345 30.08 19.78 -51.77
C LEU E 345 30.47 18.88 -50.61
N THR E 346 29.51 18.10 -50.12
CA THR E 346 29.73 17.23 -48.97
C THR E 346 30.37 15.93 -49.43
N GLY E 347 30.39 14.93 -48.55
CA GLY E 347 30.94 13.63 -48.91
C GLY E 347 30.05 12.88 -49.90
N ASN E 348 28.76 13.20 -49.94
CA ASN E 348 27.85 12.68 -50.95
C ASN E 348 27.70 13.66 -52.11
N LEU E 349 28.65 14.60 -52.23
CA LEU E 349 28.70 15.63 -53.28
C LEU E 349 27.42 16.47 -53.32
N GLN E 350 26.88 16.76 -52.15
CA GLN E 350 25.64 17.50 -52.03
C GLN E 350 25.94 18.97 -51.74
N THR E 351 25.38 19.84 -52.57
CA THR E 351 25.62 21.28 -52.48
C THR E 351 24.82 21.85 -51.31
N LEU E 352 25.51 22.46 -50.36
CA LEU E 352 24.87 23.15 -49.24
C LEU E 352 25.31 24.60 -49.25
N LYS E 353 24.34 25.51 -49.39
CA LYS E 353 24.61 26.93 -49.53
C LYS E 353 24.65 27.54 -48.14
N ILE E 354 25.85 27.87 -47.68
CA ILE E 354 26.08 28.24 -46.30
C ILE E 354 26.48 29.70 -46.25
N ARG E 355 26.28 30.30 -45.08
CA ARG E 355 26.63 31.68 -44.83
C ARG E 355 28.00 31.70 -44.17
N VAL E 356 29.02 32.03 -44.96
CA VAL E 356 30.40 32.05 -44.48
C VAL E 356 30.62 33.31 -43.67
N HIS E 357 31.05 33.14 -42.42
CA HIS E 357 31.36 34.26 -41.55
C HIS E 357 32.84 34.60 -41.76
N GLU E 358 33.10 35.61 -42.59
CA GLU E 358 34.48 36.00 -42.90
C GLU E 358 34.94 37.00 -41.86
N GLY E 359 35.66 36.52 -40.85
CA GLY E 359 36.21 37.34 -39.80
C GLY E 359 36.42 36.52 -38.53
N TYR E 360 37.49 36.86 -37.81
CA TYR E 360 37.84 36.19 -36.57
C TYR E 360 36.89 36.60 -35.45
N GLU E 361 36.28 35.62 -34.79
CA GLU E 361 35.29 35.88 -33.76
C GLU E 361 35.47 34.95 -32.57
N GLU E 362 35.28 35.49 -31.37
CA GLU E 362 35.49 34.74 -30.13
C GLU E 362 34.16 34.65 -29.39
N PHE E 363 33.67 33.43 -29.21
CA PHE E 363 32.34 33.16 -28.68
C PHE E 363 32.42 32.49 -27.32
N THR E 364 31.28 32.49 -26.61
CA THR E 364 31.10 31.72 -25.39
C THR E 364 29.95 30.75 -25.61
N MET E 365 30.28 29.46 -25.73
CA MET E 365 29.28 28.42 -25.97
C MET E 365 28.74 27.94 -24.62
N VAL E 366 27.49 28.29 -24.30
CA VAL E 366 26.87 27.82 -23.07
C VAL E 366 25.64 27.03 -23.46
N GLY E 367 25.54 25.80 -22.96
CA GLY E 367 24.40 24.96 -23.24
C GLY E 367 23.69 24.59 -21.95
N ARG E 368 22.62 23.81 -22.13
CA ARG E 368 21.96 23.19 -20.98
C ARG E 368 22.86 22.15 -20.33
N ARG E 369 23.78 21.57 -21.10
CA ARG E 369 24.66 20.52 -20.62
C ARG E 369 26.13 20.89 -20.68
N ALA E 370 26.48 22.02 -21.29
CA ALA E 370 27.89 22.35 -21.49
C ALA E 370 28.10 23.85 -21.38
N THR E 371 29.35 24.22 -21.13
CA THR E 371 29.78 25.61 -21.06
C THR E 371 31.16 25.70 -21.69
N ALA E 372 31.32 26.56 -22.70
CA ALA E 372 32.53 26.55 -23.51
C ALA E 372 32.81 27.91 -24.09
N ILE E 373 34.03 28.07 -24.60
CA ILE E 373 34.48 29.29 -25.28
C ILE E 373 35.01 28.89 -26.65
N LEU E 374 34.37 29.38 -27.70
CA LEU E 374 34.74 29.05 -29.07
C LEU E 374 35.47 30.24 -29.69
N ARG E 375 36.68 29.99 -30.18
CA ARG E 375 37.43 31.00 -30.94
C ARG E 375 37.33 30.59 -32.40
N LYS E 376 36.66 31.43 -33.19
CA LYS E 376 36.22 31.06 -34.52
C LYS E 376 36.78 32.02 -35.55
N ALA E 377 37.29 31.47 -36.64
CA ALA E 377 37.81 32.25 -37.75
C ALA E 377 36.98 31.96 -39.00
N THR E 378 37.44 32.50 -40.11
CA THR E 378 36.79 32.27 -41.41
C THR E 378 36.96 30.82 -41.80
N ARG E 379 35.87 30.05 -41.73
CA ARG E 379 35.81 28.63 -42.10
C ARG E 379 36.81 27.79 -41.30
N ARG E 380 37.00 28.15 -40.03
CA ARG E 380 38.08 27.55 -39.24
C ARG E 380 37.80 27.74 -37.74
N LEU E 381 38.12 26.71 -36.96
CA LEU E 381 38.06 26.74 -35.49
C LEU E 381 39.47 26.98 -34.98
N ILE E 382 39.68 28.09 -34.26
CA ILE E 382 41.01 28.41 -33.75
C ILE E 382 41.27 27.68 -32.44
N GLN E 383 40.43 27.91 -31.43
CA GLN E 383 40.65 27.31 -30.12
C GLN E 383 39.31 27.15 -29.40
N LEU E 384 39.19 26.07 -28.62
CA LEU E 384 37.94 25.75 -27.93
C LEU E 384 38.27 25.23 -26.53
N ILE E 385 38.20 26.10 -25.54
CA ILE E 385 38.13 25.67 -24.14
C ILE E 385 36.70 25.26 -23.84
N VAL E 386 36.51 24.04 -23.35
CA VAL E 386 35.17 23.46 -23.27
C VAL E 386 35.00 22.76 -21.93
N SER E 387 33.82 22.95 -21.32
CA SER E 387 33.41 22.25 -20.11
C SER E 387 31.99 21.73 -20.27
N GLY E 388 31.65 20.74 -19.45
CA GLY E 388 30.34 20.10 -19.48
C GLY E 388 30.27 19.09 -18.36
N ARG E 389 29.05 18.59 -18.12
CA ARG E 389 28.85 17.69 -16.98
C ARG E 389 29.43 16.30 -17.24
N ASP E 390 29.18 15.75 -18.42
CA ASP E 390 29.79 14.47 -18.80
C ASP E 390 30.39 14.59 -20.20
N GLU E 391 31.04 13.51 -20.63
CA GLU E 391 31.67 13.47 -21.94
C GLU E 391 30.65 13.41 -23.09
N GLN E 392 29.41 13.01 -22.79
CA GLN E 392 28.36 13.09 -23.81
C GLN E 392 27.88 14.52 -24.00
N SER E 393 27.95 15.33 -22.94
CA SER E 393 27.72 16.76 -23.07
C SER E 393 28.87 17.44 -23.80
N ILE E 394 30.09 16.96 -23.62
CA ILE E 394 31.23 17.43 -24.41
C ILE E 394 31.06 16.99 -25.86
N ALA E 395 30.42 15.84 -26.07
CA ALA E 395 30.15 15.36 -27.42
C ALA E 395 29.18 16.29 -28.15
N GLU E 396 28.17 16.80 -27.44
CA GLU E 396 27.26 17.74 -28.07
C GLU E 396 27.93 19.08 -28.33
N ALA E 397 28.79 19.54 -27.42
CA ALA E 397 29.39 20.87 -27.52
C ALA E 397 30.43 20.93 -28.63
N ILE E 398 31.17 19.85 -28.86
CA ILE E 398 32.15 19.84 -29.94
C ILE E 398 31.47 19.69 -31.29
N ILE E 399 30.43 18.85 -31.38
CA ILE E 399 29.72 18.64 -32.64
C ILE E 399 29.01 19.91 -33.10
N VAL E 400 28.41 20.65 -32.16
CA VAL E 400 27.84 21.95 -32.50
C VAL E 400 28.96 22.94 -32.86
N ALA E 401 30.14 22.78 -32.25
CA ALA E 401 31.27 23.64 -32.61
C ALA E 401 31.88 23.27 -33.96
N MET E 402 31.92 21.97 -34.29
CA MET E 402 32.52 21.55 -35.54
C MET E 402 31.65 21.90 -36.74
N VAL E 403 30.33 21.93 -36.56
CA VAL E 403 29.45 22.34 -37.64
C VAL E 403 29.58 23.84 -37.91
N PHE E 404 29.56 24.64 -36.85
CA PHE E 404 29.47 26.09 -37.00
C PHE E 404 30.78 26.70 -37.50
N SER E 405 31.90 26.02 -37.27
CA SER E 405 33.17 26.50 -37.81
C SER E 405 33.26 26.33 -39.31
N GLN E 406 32.39 25.50 -39.90
CA GLN E 406 32.17 25.39 -41.35
C GLN E 406 33.41 24.89 -42.09
N GLU E 407 34.21 24.04 -41.45
CA GLU E 407 35.47 23.65 -42.06
C GLU E 407 35.25 22.59 -43.14
N ASP E 408 36.23 22.48 -44.04
CA ASP E 408 36.12 21.54 -45.14
C ASP E 408 36.28 20.10 -44.67
N CYS E 409 36.95 19.88 -43.54
CA CYS E 409 37.05 18.54 -42.96
C CYS E 409 35.71 18.04 -42.47
N MET E 410 34.89 18.93 -41.92
CA MET E 410 33.55 18.56 -41.48
C MET E 410 32.64 18.33 -42.67
N ILE E 411 32.78 19.14 -43.72
CA ILE E 411 31.93 19.05 -44.90
C ILE E 411 32.19 17.75 -45.66
N LYS E 412 33.46 17.41 -45.85
CA LYS E 412 33.79 16.15 -46.53
C LYS E 412 33.67 14.92 -45.62
N ALA E 413 33.30 15.08 -44.36
CA ALA E 413 33.02 13.96 -43.48
C ALA E 413 31.56 13.52 -43.52
N VAL E 414 30.72 14.21 -44.29
CA VAL E 414 29.31 13.84 -44.41
C VAL E 414 29.20 12.51 -45.16
N ARG E 415 28.44 11.58 -44.60
CA ARG E 415 28.26 10.26 -45.21
C ARG E 415 26.79 10.06 -45.55
N GLY E 416 26.45 10.29 -46.82
CA GLY E 416 25.07 10.17 -47.26
C GLY E 416 24.41 11.52 -47.44
N ASP E 417 23.13 11.46 -47.78
CA ASP E 417 22.33 12.65 -48.02
C ASP E 417 21.54 13.03 -46.78
N LEU E 418 21.06 14.27 -46.78
CA LEU E 418 20.48 14.92 -45.61
C LEU E 418 19.05 15.33 -45.97
N ASN E 419 18.07 14.65 -45.37
CA ASN E 419 16.66 14.93 -45.65
C ASN E 419 15.84 14.99 -44.36
N PHE E 420 16.34 15.78 -43.41
CA PHE E 420 15.63 15.99 -42.15
C PHE E 420 14.56 17.02 -42.42
N VAL E 421 13.95 16.98 -43.61
CA VAL E 421 12.83 17.84 -43.95
C VAL E 421 11.96 17.59 -42.76
N ASN E 422 11.75 18.64 -41.97
CA ASN E 422 10.95 18.53 -40.72
C ASN E 422 9.45 18.48 -41.02
N ARG E 423 8.65 18.02 -40.05
CA ARG E 423 7.16 18.00 -40.21
C ARG E 423 6.49 19.30 -40.70
N ALA E 424 6.59 19.60 -41.99
CA ALA E 424 5.96 20.87 -42.42
C ALA E 424 5.99 20.97 -43.94
N ASN E 425 5.26 21.97 -44.47
CA ASN E 425 5.20 22.18 -45.93
C ASN E 425 6.48 22.90 -46.39
N GLN E 426 6.86 23.99 -45.73
CA GLN E 426 8.12 24.69 -46.11
C GLN E 426 9.27 23.68 -46.26
N ARG E 427 10.45 24.05 -45.75
CA ARG E 427 11.75 23.32 -45.77
C ARG E 427 12.58 23.56 -44.50
N LEU E 428 13.93 23.59 -44.64
CA LEU E 428 14.87 23.77 -43.50
C LEU E 428 16.10 24.57 -43.94
N ASN E 429 17.18 24.53 -43.13
CA ASN E 429 18.45 25.26 -43.41
C ASN E 429 19.64 24.30 -43.36
N PRO E 430 20.70 24.48 -44.18
CA PRO E 430 21.84 23.55 -44.22
C PRO E 430 22.64 23.51 -42.93
N MET E 431 22.54 24.53 -42.09
CA MET E 431 23.21 24.49 -40.79
C MET E 431 22.59 23.44 -39.88
N HIS E 432 21.25 23.43 -39.79
CA HIS E 432 20.54 22.51 -38.91
C HIS E 432 20.47 21.10 -39.49
N GLN E 433 20.62 20.97 -40.81
CA GLN E 433 20.79 19.64 -41.40
C GLN E 433 22.13 19.03 -41.00
N LEU E 434 23.19 19.85 -40.97
CA LEU E 434 24.53 19.35 -40.66
C LEU E 434 24.71 19.02 -39.18
N LEU E 435 23.89 19.61 -38.31
CA LEU E 435 23.96 19.26 -36.89
C LEU E 435 23.49 17.83 -36.66
N ARG E 436 22.27 17.54 -37.13
CA ARG E 436 21.55 16.28 -36.80
C ARG E 436 22.32 15.08 -37.37
N HIS E 437 22.93 15.24 -38.55
CA HIS E 437 23.67 14.13 -39.14
C HIS E 437 24.78 13.66 -38.21
N PHE E 438 25.65 14.59 -37.79
CA PHE E 438 26.75 14.23 -36.92
C PHE E 438 26.35 14.11 -35.45
N GLN E 439 25.19 14.65 -35.05
CA GLN E 439 24.66 14.30 -33.74
C GLN E 439 24.14 12.87 -33.71
N LYS E 440 23.80 12.32 -34.88
CA LYS E 440 23.52 10.88 -34.96
C LYS E 440 24.82 10.08 -34.94
N ASP E 441 25.77 10.43 -35.81
CA ASP E 441 27.04 9.71 -35.90
C ASP E 441 28.10 10.66 -36.43
N ALA E 442 29.17 10.84 -35.65
CA ALA E 442 30.28 11.71 -36.03
C ALA E 442 31.63 11.05 -35.79
N LYS E 443 31.68 9.72 -35.87
CA LYS E 443 32.94 9.02 -35.66
C LYS E 443 33.92 9.30 -36.79
N VAL E 444 33.43 9.35 -38.03
CA VAL E 444 34.28 9.69 -39.17
C VAL E 444 34.67 11.16 -39.12
N LEU E 445 33.77 12.01 -38.62
CA LEU E 445 34.07 13.43 -38.39
C LEU E 445 35.22 13.59 -37.38
N PHE E 446 35.22 12.76 -36.35
CA PHE E 446 36.25 12.84 -35.32
C PHE E 446 37.62 12.46 -35.85
N GLN E 447 37.67 11.60 -36.86
CA GLN E 447 38.95 11.19 -37.42
C GLN E 447 39.45 12.18 -38.48
N ASN E 448 38.53 12.81 -39.23
CA ASN E 448 38.94 13.77 -40.24
C ASN E 448 39.33 15.12 -39.67
N TRP E 449 39.17 15.32 -38.37
CA TRP E 449 39.37 16.64 -37.77
C TRP E 449 40.85 17.02 -37.74
N GLY E 450 41.69 16.13 -37.22
CA GLY E 450 43.09 16.44 -36.99
C GLY E 450 43.47 16.23 -35.54
N ILE E 451 44.58 15.54 -35.30
CA ILE E 451 45.01 15.17 -33.96
C ILE E 451 46.35 15.84 -33.69
N GLU E 452 46.45 16.55 -32.56
CA GLU E 452 47.69 17.25 -32.26
C GLU E 452 48.14 16.95 -30.84
N PRO E 453 49.45 17.00 -30.59
CA PRO E 453 49.93 16.95 -29.20
C PRO E 453 49.54 18.22 -28.45
N ILE E 454 49.46 18.09 -27.13
CA ILE E 454 49.02 19.17 -26.26
C ILE E 454 50.03 19.30 -25.11
N ASP E 455 49.80 20.35 -24.31
CA ASP E 455 50.60 20.61 -23.10
C ASP E 455 49.63 20.81 -21.94
N ASN E 456 49.62 19.86 -21.02
CA ASN E 456 48.79 19.94 -19.82
C ASN E 456 49.56 20.74 -18.77
N VAL E 457 49.09 21.95 -18.48
CA VAL E 457 49.76 22.86 -17.55
C VAL E 457 48.91 23.11 -16.30
N MET E 458 47.66 23.54 -16.49
CA MET E 458 46.78 23.92 -15.40
C MET E 458 45.52 23.07 -15.42
N GLY E 459 45.67 21.77 -15.64
CA GLY E 459 44.52 20.91 -15.78
C GLY E 459 43.76 21.09 -17.07
N MET E 460 44.43 21.61 -18.10
CA MET E 460 43.81 21.83 -19.40
C MET E 460 44.17 20.65 -20.28
N ILE E 461 43.32 19.63 -20.22
CA ILE E 461 43.57 18.38 -20.91
C ILE E 461 42.85 18.43 -22.25
N GLY E 462 43.10 17.42 -23.09
CA GLY E 462 42.48 17.33 -24.39
C GLY E 462 41.42 16.25 -24.46
N ILE E 463 41.03 15.91 -25.69
CA ILE E 463 40.02 14.89 -25.93
C ILE E 463 40.36 14.20 -27.25
N LEU E 464 40.10 12.89 -27.30
CA LEU E 464 40.42 12.01 -28.40
C LEU E 464 39.19 11.76 -29.27
N PRO E 465 39.38 11.27 -30.50
CA PRO E 465 38.21 10.93 -31.35
C PRO E 465 37.29 9.84 -30.79
N ASP E 466 37.80 8.95 -29.94
CA ASP E 466 36.93 7.97 -29.29
C ASP E 466 36.29 8.51 -28.00
N MET E 467 36.21 9.84 -27.89
CA MET E 467 35.56 10.57 -26.79
C MET E 467 36.19 10.24 -25.44
N THR E 468 37.52 10.17 -25.43
CA THR E 468 38.27 9.92 -24.21
C THR E 468 39.27 11.05 -23.99
N PRO E 469 39.43 11.49 -22.74
CA PRO E 469 40.46 12.49 -22.45
C PRO E 469 41.86 11.89 -22.57
N SER E 470 42.82 12.74 -22.90
CA SER E 470 44.22 12.34 -23.00
C SER E 470 45.10 13.55 -22.75
N ALA E 471 46.05 13.42 -21.83
CA ALA E 471 46.98 14.50 -21.57
C ALA E 471 48.09 14.57 -22.61
N GLU E 472 48.29 13.51 -23.40
CA GLU E 472 49.38 13.49 -24.37
C GLU E 472 49.01 14.17 -25.68
N MET E 473 48.02 13.63 -26.40
CA MET E 473 47.62 14.17 -27.69
C MET E 473 46.10 14.33 -27.69
N SER E 474 45.61 15.15 -28.63
CA SER E 474 44.20 15.49 -28.66
C SER E 474 43.79 16.02 -30.02
N LEU E 475 42.49 16.21 -30.18
CA LEU E 475 41.95 16.85 -31.36
C LEU E 475 42.37 18.31 -31.42
N ARG E 476 42.47 18.81 -32.66
CA ARG E 476 43.07 20.11 -32.94
C ARG E 476 42.16 21.25 -32.49
N GLY E 477 42.65 22.06 -31.56
CA GLY E 477 41.96 23.26 -31.14
C GLY E 477 41.04 23.09 -29.96
N VAL E 478 40.68 21.86 -29.62
CA VAL E 478 39.72 21.60 -28.55
C VAL E 478 40.47 21.18 -27.29
N ARG E 479 40.33 21.96 -26.23
CA ARG E 479 40.90 21.63 -24.94
C ARG E 479 39.77 21.52 -23.92
N VAL E 480 39.80 20.45 -23.13
CA VAL E 480 38.75 20.16 -22.16
C VAL E 480 39.29 20.56 -20.79
N SER E 481 38.56 21.42 -20.09
CA SER E 481 38.98 21.91 -18.79
C SER E 481 38.46 21.00 -17.68
N LYS E 482 39.31 20.74 -16.69
CA LYS E 482 38.86 20.05 -15.49
C LYS E 482 37.95 20.94 -14.65
N MET E 483 38.18 22.24 -14.68
CA MET E 483 37.35 23.20 -13.95
C MET E 483 36.27 23.76 -14.88
N GLY E 484 35.45 24.66 -14.34
CA GLY E 484 34.36 25.23 -15.11
C GLY E 484 34.80 26.43 -15.92
N VAL E 485 34.14 26.61 -17.08
CA VAL E 485 34.41 27.75 -17.92
C VAL E 485 33.78 29.00 -17.31
N ASP E 486 34.62 30.02 -17.08
CA ASP E 486 34.17 31.31 -16.56
C ASP E 486 33.32 32.01 -17.62
N GLU E 487 32.06 32.30 -17.29
CA GLU E 487 31.17 32.96 -18.23
C GLU E 487 30.77 34.36 -17.78
N TYR E 488 30.03 34.50 -16.68
CA TYR E 488 29.66 35.76 -16.03
C TYR E 488 29.18 36.89 -16.94
N SER E 489 28.53 36.57 -18.06
CA SER E 489 28.14 37.59 -19.02
C SER E 489 26.63 37.83 -18.96
N SER E 490 26.25 39.09 -19.15
CA SER E 490 24.86 39.53 -19.20
C SER E 490 24.62 40.18 -20.55
N THR E 491 23.40 40.04 -21.06
CA THR E 491 23.07 40.51 -22.40
C THR E 491 21.87 41.43 -22.33
N GLU E 492 22.01 42.60 -22.97
CA GLU E 492 20.93 43.58 -23.02
C GLU E 492 19.81 43.08 -23.93
N ARG E 493 18.60 43.57 -23.66
CA ARG E 493 17.45 43.24 -24.49
C ARG E 493 17.35 44.17 -25.69
N VAL E 494 17.02 43.61 -26.85
CA VAL E 494 16.79 44.36 -28.08
C VAL E 494 15.43 43.94 -28.63
N VAL E 495 14.66 44.90 -29.13
CA VAL E 495 13.45 44.58 -29.88
C VAL E 495 13.84 43.76 -31.10
N VAL E 496 13.16 42.63 -31.29
CA VAL E 496 13.39 41.79 -32.46
C VAL E 496 12.05 41.55 -33.16
N SER E 497 12.13 41.16 -34.43
CA SER E 497 10.98 40.90 -35.27
C SER E 497 10.76 39.41 -35.46
N ILE E 498 9.53 39.06 -35.82
CA ILE E 498 9.13 37.67 -35.97
C ILE E 498 8.21 37.56 -37.19
N ASP E 499 8.19 36.38 -37.80
CA ASP E 499 7.36 36.12 -38.97
C ASP E 499 6.24 35.14 -38.62
N ARG E 500 5.53 34.69 -39.66
CA ARG E 500 4.59 33.60 -39.51
C ARG E 500 5.32 32.27 -39.26
N PHE E 501 6.51 32.11 -39.82
CA PHE E 501 7.28 30.88 -39.69
C PHE E 501 8.03 30.78 -38.36
N LEU E 502 7.76 31.69 -37.41
CA LEU E 502 8.35 31.72 -36.07
C LEU E 502 9.86 31.88 -36.12
N ARG E 503 10.37 32.55 -37.16
CA ARG E 503 11.80 32.71 -37.36
C ARG E 503 12.18 34.07 -36.81
N VAL E 504 12.84 34.08 -35.65
CA VAL E 504 13.07 35.30 -34.89
C VAL E 504 14.25 36.06 -35.50
N ARG E 505 13.97 37.23 -36.06
CA ARG E 505 14.98 38.04 -36.75
C ARG E 505 15.28 39.31 -35.97
N ASP E 506 16.56 39.67 -35.93
CA ASP E 506 17.00 40.89 -35.25
C ASP E 506 16.81 42.13 -36.12
N GLN E 507 17.46 43.23 -35.72
CA GLN E 507 17.43 44.45 -36.52
C GLN E 507 18.07 44.26 -37.88
N GLN E 508 19.13 43.44 -37.96
CA GLN E 508 19.87 43.21 -39.18
C GLN E 508 19.27 42.09 -40.04
N GLY E 509 18.42 41.24 -39.46
CA GLY E 509 17.85 40.12 -40.17
C GLY E 509 18.45 38.78 -39.86
N ASN E 510 19.37 38.69 -38.89
CA ASN E 510 19.92 37.41 -38.46
C ASN E 510 18.85 36.63 -37.71
N VAL E 511 18.65 35.37 -38.09
CA VAL E 511 17.59 34.54 -37.52
C VAL E 511 18.09 33.96 -36.20
N LEU E 512 17.54 34.45 -35.09
CA LEU E 512 18.03 34.05 -33.77
C LEU E 512 17.43 32.71 -33.34
N LEU E 513 16.10 32.65 -33.23
CA LEU E 513 15.41 31.49 -32.69
C LEU E 513 14.34 31.03 -33.67
N SER E 514 13.99 29.75 -33.55
CA SER E 514 13.23 29.05 -34.59
C SER E 514 12.58 27.83 -33.96
N PRO E 515 11.55 27.26 -34.62
CA PRO E 515 11.05 25.95 -34.18
C PRO E 515 12.06 24.81 -34.31
N GLU E 516 13.09 24.97 -35.14
CA GLU E 516 14.17 23.98 -35.14
C GLU E 516 15.07 24.11 -33.92
N GLU E 517 15.15 25.30 -33.33
CA GLU E 517 15.94 25.46 -32.10
C GLU E 517 15.18 25.01 -30.86
N VAL E 518 13.92 24.61 -30.99
CA VAL E 518 13.12 24.17 -29.84
C VAL E 518 13.56 22.77 -29.40
N SER E 519 14.00 22.65 -28.16
CA SER E 519 14.43 21.38 -27.61
C SER E 519 13.26 20.45 -27.43
N GLU E 520 13.53 19.14 -27.54
CA GLU E 520 12.51 18.12 -27.59
C GLU E 520 12.16 17.56 -26.21
N THR E 521 12.76 18.09 -25.15
CA THR E 521 12.47 17.61 -23.80
C THR E 521 11.13 18.15 -23.35
N GLN E 522 10.23 17.23 -22.96
CA GLN E 522 8.89 17.58 -22.47
C GLN E 522 8.86 17.29 -20.97
N GLY E 523 8.99 18.35 -20.18
CA GLY E 523 9.13 18.22 -18.75
C GLY E 523 7.84 17.93 -18.01
N THR E 524 8.00 17.69 -16.71
CA THR E 524 6.87 17.44 -15.83
C THR E 524 6.32 18.75 -15.29
N GLU E 525 5.05 19.02 -15.51
CA GLU E 525 4.47 20.30 -15.08
C GLU E 525 4.53 20.48 -13.58
N LYS E 526 4.22 21.67 -13.10
CA LYS E 526 4.17 21.89 -11.66
C LYS E 526 2.87 22.61 -11.41
N LEU E 527 2.77 23.82 -11.91
CA LEU E 527 1.51 24.55 -11.78
C LEU E 527 0.59 23.99 -12.83
N THR E 528 -0.67 23.76 -12.46
CA THR E 528 -1.65 23.23 -13.40
C THR E 528 -1.70 24.06 -14.65
N ILE E 529 -1.28 23.47 -15.75
CA ILE E 529 -1.33 24.17 -17.01
C ILE E 529 -2.72 23.91 -17.58
N THR E 530 -3.59 24.91 -17.53
CA THR E 530 -4.96 24.73 -17.94
C THR E 530 -5.21 25.51 -19.22
N TYR E 531 -5.59 24.83 -20.29
CA TYR E 531 -5.93 25.53 -21.53
C TYR E 531 -7.43 25.61 -21.58
N SER E 532 -7.96 26.67 -22.17
CA SER E 532 -9.41 26.84 -22.22
C SER E 532 -9.99 26.30 -23.52
N SER E 533 -9.12 25.98 -24.47
CA SER E 533 -9.58 25.48 -25.76
C SER E 533 -9.60 23.96 -25.80
N SER E 534 -8.91 23.38 -26.77
CA SER E 534 -8.87 21.93 -26.90
C SER E 534 -7.44 21.46 -27.02
N MET E 535 -6.49 22.34 -26.70
CA MET E 535 -5.08 21.98 -26.84
C MET E 535 -4.53 21.17 -25.68
N MET E 536 -5.37 20.61 -24.82
CA MET E 536 -4.94 19.61 -23.84
C MET E 536 -5.11 18.19 -24.34
N TRP E 537 -5.69 18.01 -25.53
CA TRP E 537 -6.03 16.67 -25.99
C TRP E 537 -4.83 15.89 -26.49
N GLU E 538 -3.74 16.58 -26.79
CA GLU E 538 -2.53 15.93 -27.24
C GLU E 538 -1.74 15.55 -26.00
N ILE E 539 -1.85 16.38 -24.97
CA ILE E 539 -1.19 16.07 -23.71
C ILE E 539 -1.85 14.79 -23.22
N ASN E 540 -3.16 14.72 -23.37
CA ASN E 540 -3.89 13.52 -22.96
C ASN E 540 -3.33 12.29 -23.65
N GLY E 541 -3.08 12.38 -24.95
CA GLY E 541 -2.52 11.25 -25.67
C GLY E 541 -2.98 11.19 -27.11
N PRO E 542 -2.15 10.63 -28.00
CA PRO E 542 -2.52 10.50 -29.42
C PRO E 542 -3.85 9.80 -29.61
N GLU E 543 -4.14 8.79 -28.79
CA GLU E 543 -5.41 8.10 -28.88
C GLU E 543 -6.56 9.06 -28.61
N SER E 544 -6.44 9.84 -27.53
CA SER E 544 -7.49 10.78 -27.17
C SER E 544 -7.72 11.84 -28.24
N VAL E 545 -6.65 12.27 -28.92
CA VAL E 545 -6.80 13.25 -29.99
C VAL E 545 -7.85 12.79 -30.98
N LEU E 546 -7.79 11.51 -31.36
CA LEU E 546 -8.76 10.97 -32.31
C LEU E 546 -10.15 10.88 -31.69
N VAL E 547 -10.23 10.54 -30.41
CA VAL E 547 -11.53 10.34 -29.78
C VAL E 547 -12.25 11.67 -29.60
N ASN E 548 -11.61 12.60 -28.89
CA ASN E 548 -12.26 13.83 -28.47
C ASN E 548 -12.56 14.76 -29.65
N THR E 549 -11.87 14.57 -30.78
CA THR E 549 -12.14 15.35 -31.97
C THR E 549 -13.49 15.00 -32.59
N TYR E 550 -13.75 13.69 -32.75
CA TYR E 550 -15.06 13.28 -33.25
C TYR E 550 -16.15 13.46 -32.22
N GLN E 551 -15.78 13.55 -30.94
CA GLN E 551 -16.72 13.96 -29.90
C GLN E 551 -17.22 15.37 -30.15
N TRP E 552 -16.30 16.28 -30.42
CA TRP E 552 -16.59 17.72 -30.45
C TRP E 552 -17.46 18.07 -31.65
N ILE E 553 -17.36 17.29 -32.72
CA ILE E 553 -18.19 17.48 -33.90
C ILE E 553 -19.66 17.22 -33.57
N ILE E 554 -19.91 16.26 -32.66
CA ILE E 554 -21.27 15.80 -32.40
C ILE E 554 -22.11 16.85 -31.71
N ARG E 555 -21.61 17.41 -30.62
CA ARG E 555 -22.42 18.33 -29.81
C ARG E 555 -22.65 19.63 -30.56
N ASN E 556 -21.61 20.11 -31.23
CA ASN E 556 -21.65 21.38 -31.93
C ASN E 556 -21.92 21.20 -33.41
N TRP E 557 -22.66 20.15 -33.78
CA TRP E 557 -22.93 19.82 -35.18
C TRP E 557 -23.76 20.89 -35.86
N GLU E 558 -24.68 21.52 -35.13
CA GLU E 558 -25.50 22.57 -35.72
C GLU E 558 -24.71 23.86 -35.90
N THR E 559 -23.61 24.03 -35.14
CA THR E 559 -22.63 25.05 -35.50
C THR E 559 -21.85 24.63 -36.73
N VAL E 560 -21.50 23.34 -36.80
CA VAL E 560 -20.67 22.82 -37.88
C VAL E 560 -21.44 22.79 -39.20
N LYS E 561 -22.71 22.36 -39.16
CA LYS E 561 -23.51 22.17 -40.39
C LYS E 561 -23.71 23.48 -41.13
N ILE E 562 -23.93 24.57 -40.40
CA ILE E 562 -24.02 25.88 -41.04
C ILE E 562 -22.65 26.32 -41.54
N GLN E 563 -21.60 26.05 -40.76
CA GLN E 563 -20.23 26.27 -41.25
C GLN E 563 -19.83 25.25 -42.30
N TRP E 564 -20.51 24.10 -42.37
CA TRP E 564 -20.30 23.20 -43.50
C TRP E 564 -20.91 23.78 -44.76
N SER E 565 -22.13 24.30 -44.65
CA SER E 565 -22.85 24.79 -45.82
C SER E 565 -22.25 26.10 -46.33
N GLN E 566 -22.00 27.03 -45.42
CA GLN E 566 -21.76 28.42 -45.80
C GLN E 566 -20.27 28.76 -45.88
N ASP E 567 -19.54 28.64 -44.77
CA ASP E 567 -18.14 29.05 -44.69
C ASP E 567 -17.31 27.85 -44.25
N PRO E 568 -16.88 27.02 -45.20
CA PRO E 568 -16.02 25.89 -44.84
C PRO E 568 -14.61 26.30 -44.45
N THR E 569 -14.13 27.45 -44.95
CA THR E 569 -12.79 27.91 -44.61
C THR E 569 -12.67 28.28 -43.14
N MET E 570 -13.72 28.90 -42.59
CA MET E 570 -13.79 29.11 -41.15
C MET E 570 -13.92 27.78 -40.41
N LEU E 571 -14.65 26.85 -41.00
CA LEU E 571 -14.77 25.52 -40.43
C LEU E 571 -13.43 24.78 -40.47
N TYR E 572 -12.62 25.02 -41.52
CA TYR E 572 -11.35 24.31 -41.64
C TYR E 572 -10.25 24.95 -40.78
N ASN E 573 -10.30 26.26 -40.58
CA ASN E 573 -9.27 26.97 -39.80
C ASN E 573 -9.57 26.99 -38.32
N LYS E 574 -10.45 26.11 -37.85
CA LYS E 574 -10.62 25.91 -36.43
C LYS E 574 -9.34 25.29 -35.86
N MET E 575 -8.98 25.70 -34.65
CA MET E 575 -7.76 25.20 -34.05
C MET E 575 -7.96 23.86 -33.34
N GLU E 576 -9.20 23.38 -33.27
CA GLU E 576 -9.49 22.10 -32.66
C GLU E 576 -9.26 20.95 -33.63
N PHE E 577 -9.46 21.18 -34.91
CA PHE E 577 -9.10 20.21 -35.94
C PHE E 577 -7.60 20.23 -36.25
N GLU E 578 -6.89 21.28 -35.83
CA GLU E 578 -5.45 21.30 -35.97
C GLU E 578 -4.78 20.33 -35.00
N SER E 579 -5.50 19.91 -33.94
CA SER E 579 -5.04 18.82 -33.10
C SER E 579 -4.98 17.50 -33.88
N PHE E 580 -5.92 17.30 -34.80
CA PHE E 580 -5.94 16.11 -35.63
C PHE E 580 -4.73 16.07 -36.57
N GLN E 581 -4.34 17.24 -37.07
CA GLN E 581 -3.35 17.28 -38.14
C GLN E 581 -1.92 17.05 -37.65
N SER E 582 -1.71 16.92 -36.34
CA SER E 582 -0.41 16.46 -35.86
C SER E 582 -0.21 14.99 -36.17
N LEU E 583 -1.30 14.24 -36.28
CA LEU E 583 -1.30 12.81 -36.54
C LEU E 583 -1.37 12.46 -38.04
N VAL E 584 -1.60 13.47 -38.87
CA VAL E 584 -1.75 13.27 -40.35
C VAL E 584 -0.43 12.78 -40.95
N PRO E 585 -0.46 11.85 -41.93
CA PRO E 585 0.77 11.36 -42.57
C PRO E 585 1.45 12.53 -43.29
N LYS E 586 2.77 12.62 -43.21
CA LYS E 586 3.49 13.75 -43.86
C LYS E 586 3.69 13.41 -45.34
N ALA E 587 3.66 12.12 -45.67
CA ALA E 587 3.83 11.66 -47.06
C ALA E 587 2.48 11.94 -47.74
N ALA E 588 1.41 11.93 -46.93
CA ALA E 588 0.04 12.21 -47.42
C ALA E 588 -0.34 13.65 -47.08
N ARG E 589 0.65 14.46 -46.69
CA ARG E 589 0.41 15.88 -46.33
C ARG E 589 -0.28 16.57 -47.51
N GLY E 590 -1.33 17.36 -47.22
CA GLY E 590 -2.05 18.07 -48.26
C GLY E 590 -2.74 17.12 -49.21
N GLN E 591 -2.26 15.90 -49.43
CA GLN E 591 -2.99 14.96 -50.29
C GLN E 591 -4.41 14.64 -49.81
N TYR E 592 -4.59 14.49 -48.50
CA TYR E 592 -5.91 14.16 -47.97
C TYR E 592 -6.79 15.39 -48.02
N SER E 593 -6.33 16.49 -47.43
CA SER E 593 -7.03 17.75 -47.52
C SER E 593 -7.35 18.14 -48.95
N GLY E 594 -6.56 17.65 -49.92
CA GLY E 594 -6.93 17.87 -51.31
C GLY E 594 -8.22 17.20 -51.71
N PHE E 595 -8.42 15.97 -51.26
CA PHE E 595 -9.57 15.23 -51.71
C PHE E 595 -10.81 15.55 -50.90
N VAL E 596 -10.66 15.71 -49.58
CA VAL E 596 -11.82 15.96 -48.73
C VAL E 596 -12.49 17.28 -49.07
N ARG E 597 -11.68 18.32 -49.37
CA ARG E 597 -12.25 19.62 -49.72
C ARG E 597 -12.97 19.55 -51.06
N THR E 598 -12.47 18.70 -51.98
CA THR E 598 -13.20 18.45 -53.21
C THR E 598 -14.35 17.47 -53.03
N LEU E 599 -14.17 16.41 -52.21
CA LEU E 599 -15.28 15.49 -51.91
C LEU E 599 -16.41 16.20 -51.20
N PHE E 600 -16.09 17.21 -50.38
CA PHE E 600 -17.11 18.09 -49.86
C PHE E 600 -17.68 18.96 -50.97
N GLN E 601 -16.81 19.50 -51.83
CA GLN E 601 -17.27 20.29 -52.97
C GLN E 601 -18.06 19.43 -53.96
N GLN E 602 -17.76 18.13 -54.03
CA GLN E 602 -18.64 17.21 -54.73
C GLN E 602 -20.00 17.13 -54.04
N MET E 603 -20.01 17.11 -52.70
CA MET E 603 -21.24 16.93 -51.96
C MET E 603 -22.07 18.23 -51.91
N ARG E 604 -21.43 19.39 -52.06
CA ARG E 604 -22.16 20.65 -52.12
C ARG E 604 -22.83 20.86 -53.47
N ASP E 605 -22.26 20.29 -54.54
CA ASP E 605 -22.84 20.49 -55.86
C ASP E 605 -23.93 19.47 -56.18
N VAL E 606 -23.89 18.28 -55.58
CA VAL E 606 -24.90 17.28 -55.94
C VAL E 606 -26.18 17.46 -55.15
N LEU E 607 -26.12 18.09 -53.97
CA LEU E 607 -27.24 18.43 -53.08
C LEU E 607 -27.99 17.22 -52.52
N GLY E 608 -27.58 15.99 -52.81
CA GLY E 608 -28.35 14.83 -52.39
C GLY E 608 -27.53 13.77 -51.67
N THR E 609 -26.22 13.97 -51.59
CA THR E 609 -25.34 13.03 -50.91
C THR E 609 -24.99 13.57 -49.52
N PHE E 610 -25.91 14.33 -48.94
CA PHE E 610 -25.82 14.76 -47.56
C PHE E 610 -26.03 13.54 -46.67
N ASP E 611 -24.94 12.96 -46.20
CA ASP E 611 -24.94 11.57 -45.73
C ASP E 611 -24.79 11.44 -44.22
N THR E 612 -24.06 12.38 -43.59
CA THR E 612 -23.77 12.55 -42.16
C THR E 612 -22.78 11.50 -41.64
N VAL E 613 -22.48 10.48 -42.44
CA VAL E 613 -21.48 9.50 -42.03
C VAL E 613 -20.09 9.98 -42.45
N GLN E 614 -19.91 10.21 -43.75
CA GLN E 614 -18.61 10.64 -44.27
C GLN E 614 -18.32 12.10 -43.96
N ILE E 615 -19.36 12.91 -43.68
CA ILE E 615 -19.15 14.30 -43.29
C ILE E 615 -18.48 14.36 -41.93
N ILE E 616 -18.93 13.51 -40.99
CA ILE E 616 -18.21 13.34 -39.73
C ILE E 616 -16.83 12.78 -39.96
N LYS E 617 -16.70 11.84 -40.91
CA LYS E 617 -15.55 10.97 -40.97
C LYS E 617 -14.32 11.67 -41.51
N LEU E 618 -14.50 12.60 -42.44
CA LEU E 618 -13.37 13.19 -43.16
C LEU E 618 -13.16 14.68 -42.91
N LEU E 619 -14.09 15.35 -42.23
CA LEU E 619 -13.92 16.77 -41.90
C LEU E 619 -12.64 17.16 -41.15
N PRO E 620 -12.09 16.37 -40.22
CA PRO E 620 -10.78 16.76 -39.65
C PRO E 620 -9.62 16.74 -40.63
N PHE E 621 -9.76 16.13 -41.81
CA PHE E 621 -8.66 16.08 -42.75
C PHE E 621 -8.45 17.39 -43.51
N ALA E 622 -9.51 18.17 -43.75
CA ALA E 622 -9.39 19.35 -44.60
C ALA E 622 -8.85 20.57 -43.87
N ALA E 623 -8.41 20.43 -42.61
CA ALA E 623 -7.77 21.54 -41.92
C ALA E 623 -6.36 21.78 -42.45
N ALA E 624 -5.76 20.77 -43.08
CA ALA E 624 -4.45 20.94 -43.70
C ALA E 624 -4.58 21.77 -44.98
N PRO E 625 -3.53 22.48 -45.37
CA PRO E 625 -3.53 23.12 -46.69
C PRO E 625 -3.45 22.09 -47.80
N PRO E 626 -4.40 22.09 -48.73
CA PRO E 626 -4.46 21.03 -49.75
C PRO E 626 -3.44 21.22 -50.86
N GLU E 627 -3.17 20.12 -51.57
CA GLU E 627 -2.31 20.16 -52.75
C GLU E 627 -2.92 19.35 -53.90
N GLN E 628 -2.44 19.66 -55.11
CA GLN E 628 -2.78 18.87 -56.29
C GLN E 628 -2.12 17.49 -56.19
N SER E 629 -2.87 16.46 -56.56
CA SER E 629 -2.40 15.10 -56.41
C SER E 629 -2.90 14.27 -57.58
N ARG E 630 -2.30 13.09 -57.72
CA ARG E 630 -2.84 12.07 -58.61
C ARG E 630 -4.11 11.47 -58.00
N MET E 631 -4.77 10.63 -58.79
CA MET E 631 -6.05 10.06 -58.38
C MET E 631 -5.98 9.02 -57.26
N GLN E 632 -4.81 8.78 -56.65
CA GLN E 632 -4.69 7.74 -55.64
C GLN E 632 -4.54 8.45 -54.29
N PHE E 633 -5.68 8.67 -53.63
CA PHE E 633 -5.76 9.32 -52.33
C PHE E 633 -6.75 8.61 -51.40
N SER E 634 -6.79 7.27 -51.40
CA SER E 634 -7.92 6.59 -50.77
C SER E 634 -7.56 5.66 -49.62
N SER E 635 -6.27 5.35 -49.44
CA SER E 635 -5.81 4.68 -48.23
C SER E 635 -5.56 5.75 -47.20
N LEU E 636 -6.55 5.98 -46.34
CA LEU E 636 -6.53 7.06 -45.36
C LEU E 636 -5.85 6.54 -44.10
N THR E 637 -4.57 6.86 -43.96
CA THR E 637 -3.71 6.35 -42.89
C THR E 637 -3.63 7.37 -41.75
N VAL E 638 -3.97 6.94 -40.54
CA VAL E 638 -4.02 7.83 -39.38
C VAL E 638 -3.08 7.31 -38.31
N ASN E 639 -2.07 8.12 -37.96
CA ASN E 639 -1.10 7.70 -36.97
C ASN E 639 -1.72 7.63 -35.57
N VAL E 640 -1.50 6.48 -34.92
CA VAL E 640 -1.49 6.35 -33.48
C VAL E 640 -0.04 6.01 -33.17
N ARG E 641 0.28 5.74 -31.90
CA ARG E 641 1.64 5.51 -31.44
C ARG E 641 2.34 4.41 -32.22
N GLY E 642 3.34 4.79 -33.01
CA GLY E 642 4.03 3.86 -33.89
C GLY E 642 3.30 3.56 -35.18
N SER E 643 2.21 2.79 -35.10
CA SER E 643 1.58 2.26 -36.29
C SER E 643 0.57 3.25 -36.88
N GLY E 644 0.53 3.29 -38.21
CA GLY E 644 -0.41 4.08 -38.96
C GLY E 644 -1.70 3.34 -39.25
N MET E 645 -2.56 3.23 -38.23
CA MET E 645 -3.80 2.48 -38.37
C MET E 645 -4.76 3.17 -39.33
N ARG E 646 -5.28 2.42 -40.29
CA ARG E 646 -6.00 3.01 -41.41
C ARG E 646 -7.48 3.21 -41.13
N ILE E 647 -8.08 4.12 -41.90
CA ILE E 647 -9.52 4.26 -42.02
C ILE E 647 -9.85 4.09 -43.50
N LEU E 648 -10.94 3.39 -43.79
CA LEU E 648 -11.37 3.14 -45.17
C LEU E 648 -12.17 4.33 -45.73
N VAL E 649 -12.34 4.34 -47.05
CA VAL E 649 -13.21 5.35 -47.66
C VAL E 649 -14.68 5.00 -47.47
N ARG E 650 -15.01 3.72 -47.45
CA ARG E 650 -16.40 3.26 -47.44
C ARG E 650 -16.63 2.38 -46.24
N GLY E 651 -17.73 2.62 -45.53
CA GLY E 651 -18.06 1.78 -44.39
C GLY E 651 -17.32 2.18 -43.14
N ASN E 652 -16.95 1.19 -42.34
CA ASN E 652 -16.34 1.40 -41.04
C ASN E 652 -14.86 1.01 -41.06
N SER E 653 -14.24 1.08 -39.90
CA SER E 653 -12.84 0.72 -39.71
C SER E 653 -12.65 0.39 -38.23
N PRO E 654 -11.53 -0.23 -37.86
CA PRO E 654 -11.21 -0.32 -36.42
C PRO E 654 -11.02 1.03 -35.77
N VAL E 655 -10.45 1.99 -36.50
CA VAL E 655 -10.23 3.34 -35.97
C VAL E 655 -11.54 4.09 -35.87
N PHE E 656 -12.23 4.26 -36.99
CA PHE E 656 -13.53 4.92 -37.06
C PHE E 656 -14.57 3.82 -37.30
N ASN E 657 -15.39 3.56 -36.28
CA ASN E 657 -16.44 2.54 -36.40
C ASN E 657 -17.77 3.20 -36.06
N TYR E 658 -18.69 3.20 -37.03
CA TYR E 658 -20.02 3.76 -36.86
C TYR E 658 -21.06 2.66 -37.03
N ASN E 659 -21.95 2.55 -36.06
CA ASN E 659 -23.06 1.61 -36.11
C ASN E 659 -24.35 2.37 -36.37
N LYS E 660 -25.04 2.01 -37.46
CA LYS E 660 -26.22 2.77 -37.87
C LYS E 660 -27.43 2.50 -36.97
N ALA E 661 -27.61 1.25 -36.54
CA ALA E 661 -28.75 0.93 -35.67
C ALA E 661 -28.55 1.54 -34.29
N THR E 662 -27.32 1.47 -33.78
CA THR E 662 -27.05 1.98 -32.45
C THR E 662 -26.98 3.51 -32.45
N LYS E 663 -26.62 4.11 -33.61
CA LYS E 663 -26.36 5.55 -33.78
C LYS E 663 -25.34 6.08 -32.78
N ARG E 664 -24.33 5.28 -32.50
CA ARG E 664 -23.27 5.62 -31.57
C ARG E 664 -21.93 5.41 -32.26
N LEU E 665 -20.97 6.27 -31.96
CA LEU E 665 -19.72 6.30 -32.71
C LEU E 665 -18.60 5.67 -31.89
N THR E 666 -17.97 4.64 -32.44
CA THR E 666 -16.90 3.90 -31.78
C THR E 666 -15.56 4.29 -32.38
N VAL E 667 -14.73 4.98 -31.61
CA VAL E 667 -13.49 5.56 -32.11
C VAL E 667 -12.33 4.98 -31.33
N LEU E 668 -11.57 4.08 -31.97
CA LEU E 668 -10.54 3.27 -31.34
C LEU E 668 -11.08 2.60 -30.08
N GLY E 669 -12.24 2.02 -30.20
CA GLY E 669 -12.92 1.41 -29.08
C GLY E 669 -13.92 2.29 -28.36
N LYS E 670 -13.50 3.47 -27.92
CA LYS E 670 -14.31 4.26 -27.01
C LYS E 670 -15.55 4.79 -27.71
N ASP E 671 -16.65 4.86 -26.97
CA ASP E 671 -17.86 5.45 -27.52
C ASP E 671 -17.81 6.96 -27.34
N ALA E 672 -18.04 7.65 -28.45
CA ALA E 672 -17.97 9.10 -28.49
C ALA E 672 -19.38 9.62 -28.72
N GLY E 673 -19.98 10.20 -27.68
CA GLY E 673 -21.23 10.90 -27.66
C GLY E 673 -22.41 10.11 -28.21
N ALA E 674 -23.37 10.87 -28.75
CA ALA E 674 -24.51 10.31 -29.47
C ALA E 674 -25.06 11.40 -30.38
N LEU E 675 -24.98 11.19 -31.69
CA LEU E 675 -25.48 12.19 -32.62
C LEU E 675 -26.99 12.16 -32.70
N THR E 676 -27.59 13.33 -32.87
CA THR E 676 -29.04 13.43 -32.98
C THR E 676 -29.53 12.87 -34.31
N GLU E 677 -30.82 12.54 -34.33
CA GLU E 677 -31.42 11.83 -35.45
C GLU E 677 -31.73 12.73 -36.64
N ASP E 678 -31.69 14.06 -36.47
CA ASP E 678 -32.09 14.97 -37.55
C ASP E 678 -31.21 14.92 -38.81
N PRO E 679 -29.86 14.95 -38.76
CA PRO E 679 -29.12 14.91 -40.05
C PRO E 679 -29.09 13.54 -40.71
N ASP E 680 -29.59 12.48 -40.05
CA ASP E 680 -29.94 11.27 -40.78
C ASP E 680 -31.25 11.44 -41.55
N GLU E 681 -32.17 12.25 -41.03
CA GLU E 681 -33.51 12.32 -41.62
C GLU E 681 -33.53 13.15 -42.90
N GLY E 682 -32.90 14.31 -42.91
CA GLY E 682 -33.02 15.26 -43.99
C GLY E 682 -32.02 15.04 -45.11
N THR E 683 -31.94 16.01 -46.01
CA THR E 683 -31.05 15.95 -47.16
C THR E 683 -30.70 17.37 -47.64
#